data_3TL6
#
_entry.id   3TL6
#
_cell.length_a   97.970
_cell.length_b   86.560
_cell.length_c   102.560
_cell.angle_alpha   90.000
_cell.angle_beta   117.880
_cell.angle_gamma   90.000
#
_symmetry.space_group_name_H-M   'P 1 21 1'
#
loop_
_entity.id
_entity.type
_entity.pdbx_description
1 polymer 'Purine nucleoside phosphorylase'
2 non-polymer 'SULFATE ION'
3 water water
#
_entity_poly.entity_id   1
_entity_poly.type   'polypeptide(L)'
_entity_poly.pdbx_seq_one_letter_code
;GPGSMAEHCPTPHNGAKYGEIAETVLMAGDPLRVKLLADTYLTDVVQYNSVRGAVGYTGYYKGVKLSVQAHGMGMPSIGI
YAYELFNFYGVKRIIRIGSAGAFDESLKLGDIVIGMGACYDSNFERQYDIPGKYSCIADFQLCREAVDAAEKLGYRYKVG
NIYSANYFYDDGDHSGAWKKMGVLAVEMEAAALYMIAARARKQALCMLTISDLCYGSGEKMTAEERRTKFTQMMEVALSL
AK
;
_entity_poly.pdbx_strand_id   A,B,C,D,E,F
#
loop_
_chem_comp.id
_chem_comp.type
_chem_comp.name
_chem_comp.formula
SO4 non-polymer 'SULFATE ION' 'O4 S -2'
#
# COMPACT_ATOMS: atom_id res chain seq x y z
N MET A 5 -30.68 -4.06 -19.97
CA MET A 5 -31.62 -3.03 -19.42
C MET A 5 -31.94 -1.94 -20.47
N ALA A 6 -33.01 -2.13 -21.22
CA ALA A 6 -33.40 -1.23 -22.30
C ALA A 6 -33.55 0.25 -21.89
N GLU A 7 -33.81 0.50 -20.60
CA GLU A 7 -34.02 1.84 -20.04
C GLU A 7 -32.82 2.78 -20.21
N HIS A 8 -31.61 2.25 -20.03
CA HIS A 8 -30.37 3.05 -20.10
C HIS A 8 -29.75 3.18 -21.47
N CYS A 9 -30.47 2.80 -22.52
CA CYS A 9 -29.97 2.92 -23.90
C CYS A 9 -30.76 3.95 -24.70
N PRO A 10 -30.08 4.93 -25.32
CA PRO A 10 -28.64 5.14 -25.45
C PRO A 10 -27.96 5.70 -24.17
N THR A 11 -26.63 5.56 -24.12
CA THR A 11 -25.80 6.08 -23.02
C THR A 11 -25.12 7.39 -23.43
N PRO A 12 -24.47 8.08 -22.48
CA PRO A 12 -23.66 9.24 -22.87
C PRO A 12 -22.50 8.93 -23.82
N HIS A 13 -22.17 7.65 -24.02
CA HIS A 13 -21.00 7.27 -24.84
C HIS A 13 -21.33 6.42 -26.05
N ASN A 14 -22.61 6.15 -26.21
CA ASN A 14 -23.08 5.19 -27.18
C ASN A 14 -24.51 5.55 -27.54
N GLY A 15 -24.72 5.90 -28.81
CA GLY A 15 -26.01 6.41 -29.30
C GLY A 15 -26.93 5.33 -29.81
N ALA A 16 -26.47 4.08 -29.73
CA ALA A 16 -27.23 2.92 -30.15
C ALA A 16 -28.38 2.63 -29.19
N LYS A 17 -29.49 2.19 -29.76
CA LYS A 17 -30.65 1.75 -28.97
C LYS A 17 -30.43 0.29 -28.59
N TYR A 18 -31.15 -0.19 -27.56
CA TYR A 18 -31.07 -1.59 -27.14
C TYR A 18 -31.42 -2.50 -28.32
N GLY A 19 -30.67 -3.59 -28.47
CA GLY A 19 -30.94 -4.52 -29.55
C GLY A 19 -30.25 -4.18 -30.85
N GLU A 20 -29.71 -2.97 -30.95
CA GLU A 20 -28.93 -2.58 -32.13
C GLU A 20 -27.51 -3.17 -32.07
N ILE A 21 -27.04 -3.45 -30.86
CA ILE A 21 -25.76 -4.11 -30.69
C ILE A 21 -25.93 -5.63 -30.55
N ALA A 22 -25.11 -6.38 -31.28
CA ALA A 22 -25.19 -7.84 -31.32
C ALA A 22 -24.75 -8.46 -30.00
N GLU A 23 -24.87 -9.77 -29.87
CA GLU A 23 -24.48 -10.45 -28.64
C GLU A 23 -22.99 -10.71 -28.53
N THR A 24 -22.29 -10.64 -29.65
CA THR A 24 -20.84 -10.72 -29.64
C THR A 24 -20.36 -9.40 -30.21
N VAL A 25 -19.49 -8.71 -29.46
CA VAL A 25 -18.84 -7.47 -29.93
C VAL A 25 -17.33 -7.67 -29.97
N LEU A 26 -16.71 -7.41 -31.12
CA LEU A 26 -15.28 -7.34 -31.23
C LEU A 26 -14.90 -5.88 -31.05
N MET A 27 -13.76 -5.61 -30.40
CA MET A 27 -13.36 -4.23 -30.12
C MET A 27 -11.88 -3.98 -30.41
N ALA A 28 -11.60 -2.81 -30.96
CA ALA A 28 -10.24 -2.35 -31.16
C ALA A 28 -10.18 -0.94 -30.63
N GLY A 29 -8.98 -0.44 -30.35
CA GLY A 29 -8.85 0.92 -29.87
C GLY A 29 -9.05 1.91 -30.99
N ASP A 30 -8.48 1.60 -32.16
CA ASP A 30 -8.51 2.47 -33.33
C ASP A 30 -9.83 2.42 -34.10
N PRO A 31 -10.52 3.57 -34.22
CA PRO A 31 -11.80 3.61 -34.93
C PRO A 31 -11.62 3.33 -36.40
N LEU A 32 -10.43 3.59 -36.93
CA LEU A 32 -10.17 3.31 -38.34
C LEU A 32 -10.03 1.81 -38.57
N ARG A 33 -9.33 1.11 -37.67
CA ARG A 33 -9.24 -0.35 -37.74
C ARG A 33 -10.62 -1.03 -37.65
N VAL A 34 -11.55 -0.43 -36.92
CA VAL A 34 -12.90 -0.96 -36.71
C VAL A 34 -13.68 -0.88 -38.02
N LYS A 35 -13.65 0.30 -38.61
CA LYS A 35 -14.28 0.58 -39.90
C LYS A 35 -13.75 -0.34 -41.02
N LEU A 36 -12.47 -0.71 -40.95
CA LEU A 36 -11.90 -1.66 -41.90
C LEU A 36 -12.49 -3.06 -41.74
N LEU A 37 -12.50 -3.58 -40.51
CA LEU A 37 -12.99 -4.94 -40.23
C LEU A 37 -14.43 -5.11 -40.70
N ALA A 38 -15.22 -4.08 -40.45
CA ALA A 38 -16.61 -4.05 -40.86
C ALA A 38 -16.70 -4.12 -42.40
N ASP A 39 -15.93 -3.30 -43.10
CA ASP A 39 -15.95 -3.28 -44.55
C ASP A 39 -15.37 -4.56 -45.16
N THR A 40 -14.36 -5.12 -44.52
CA THR A 40 -13.71 -6.32 -45.02
C THR A 40 -14.50 -7.59 -44.74
N TYR A 41 -15.05 -7.73 -43.55
CA TYR A 41 -15.62 -9.03 -43.15
C TYR A 41 -17.16 -9.14 -43.03
N LEU A 42 -17.83 -8.01 -42.79
CA LEU A 42 -19.27 -8.01 -42.50
C LEU A 42 -20.18 -7.61 -43.67
N THR A 43 -21.39 -8.19 -43.72
CA THR A 43 -22.40 -7.80 -44.70
C THR A 43 -23.59 -7.24 -43.94
N ASP A 44 -24.47 -6.52 -44.62
CA ASP A 44 -25.65 -5.89 -43.98
C ASP A 44 -25.25 -4.90 -42.89
N VAL A 45 -24.17 -4.17 -43.11
CA VAL A 45 -23.64 -3.31 -42.05
C VAL A 45 -24.52 -2.11 -41.74
N VAL A 46 -24.82 -1.93 -40.46
CA VAL A 46 -25.47 -0.72 -39.93
C VAL A 46 -24.54 -0.04 -38.92
N GLN A 47 -24.34 1.26 -39.08
CA GLN A 47 -23.64 2.01 -38.06
C GLN A 47 -24.58 2.36 -36.92
N TYR A 48 -24.15 2.07 -35.70
CA TYR A 48 -25.03 2.28 -34.57
C TYR A 48 -24.58 3.38 -33.64
N ASN A 49 -23.31 3.75 -33.74
CA ASN A 49 -22.76 4.78 -32.88
C ASN A 49 -21.76 5.65 -33.61
N SER A 50 -21.83 6.94 -33.36
CA SER A 50 -20.79 7.88 -33.81
C SER A 50 -20.31 8.75 -32.66
N VAL A 51 -21.06 8.72 -31.55
CA VAL A 51 -20.75 9.46 -30.33
C VAL A 51 -19.26 9.32 -29.99
N ARG A 52 -18.61 10.47 -29.87
CA ARG A 52 -17.18 10.61 -29.51
C ARG A 52 -16.22 9.93 -30.51
N GLY A 53 -16.70 9.72 -31.73
CA GLY A 53 -15.95 9.04 -32.79
C GLY A 53 -15.77 7.56 -32.51
N ALA A 54 -16.36 7.09 -31.41
CA ALA A 54 -16.27 5.68 -31.06
C ALA A 54 -17.27 4.89 -31.91
N VAL A 55 -16.89 4.72 -33.17
CA VAL A 55 -17.71 4.07 -34.18
C VAL A 55 -18.03 2.63 -33.80
N GLY A 56 -19.28 2.24 -34.05
CA GLY A 56 -19.73 0.88 -33.86
C GLY A 56 -20.65 0.45 -35.00
N TYR A 57 -20.46 -0.78 -35.47
CA TYR A 57 -21.24 -1.28 -36.60
C TYR A 57 -21.78 -2.65 -36.25
N THR A 58 -22.97 -2.97 -36.76
CA THR A 58 -23.52 -4.31 -36.66
C THR A 58 -23.63 -4.91 -38.06
N GLY A 59 -23.31 -6.18 -38.18
CA GLY A 59 -23.34 -6.87 -39.47
C GLY A 59 -23.36 -8.39 -39.32
N TYR A 60 -23.03 -9.10 -40.41
CA TYR A 60 -23.03 -10.56 -40.42
C TYR A 60 -21.74 -11.09 -40.97
N TYR A 61 -21.24 -12.16 -40.35
CA TYR A 61 -20.07 -12.89 -40.83
C TYR A 61 -20.42 -14.36 -40.87
N LYS A 62 -20.30 -14.95 -42.06
CA LYS A 62 -20.70 -16.33 -42.34
C LYS A 62 -22.04 -16.69 -41.69
N GLY A 63 -23.03 -15.81 -41.83
CA GLY A 63 -24.36 -16.03 -41.27
C GLY A 63 -24.64 -15.53 -39.86
N VAL A 64 -23.59 -15.27 -39.07
CA VAL A 64 -23.76 -14.93 -37.66
C VAL A 64 -23.69 -13.42 -37.41
N LYS A 65 -24.68 -12.87 -36.73
CA LYS A 65 -24.74 -11.44 -36.45
C LYS A 65 -23.66 -11.03 -35.44
N LEU A 66 -22.96 -9.93 -35.69
CA LEU A 66 -22.00 -9.43 -34.71
C LEU A 66 -21.76 -7.93 -34.82
N SER A 67 -21.21 -7.37 -33.75
CA SER A 67 -20.91 -5.96 -33.77
C SER A 67 -19.41 -5.81 -33.62
N VAL A 68 -18.93 -4.66 -34.10
CA VAL A 68 -17.56 -4.24 -33.97
C VAL A 68 -17.54 -2.78 -33.51
N GLN A 69 -16.61 -2.44 -32.62
CA GLN A 69 -16.66 -1.13 -31.97
C GLN A 69 -15.31 -0.70 -31.47
N ALA A 70 -15.08 0.60 -31.55
CA ALA A 70 -13.91 1.26 -31.03
C ALA A 70 -14.00 1.44 -29.51
N HIS A 71 -12.87 1.35 -28.81
CA HIS A 71 -12.85 1.59 -27.37
C HIS A 71 -11.94 2.69 -26.90
N GLY A 72 -11.15 3.25 -27.82
CA GLY A 72 -10.12 4.21 -27.45
C GLY A 72 -9.02 3.57 -26.61
N MET A 73 -8.12 4.39 -26.09
CA MET A 73 -6.95 3.86 -25.40
C MET A 73 -7.02 4.00 -23.89
N GLY A 74 -6.57 2.96 -23.19
CA GLY A 74 -6.52 3.00 -21.75
C GLY A 74 -7.66 2.25 -21.10
N MET A 75 -7.38 1.76 -19.89
CA MET A 75 -8.32 0.90 -19.16
C MET A 75 -9.60 1.61 -18.78
N PRO A 76 -9.51 2.88 -18.34
CA PRO A 76 -10.77 3.51 -18.05
C PRO A 76 -11.63 3.67 -19.30
N SER A 77 -11.02 3.80 -20.46
CA SER A 77 -11.79 3.98 -21.69
C SER A 77 -12.56 2.70 -22.07
N ILE A 78 -11.88 1.56 -22.14
CA ILE A 78 -12.55 0.27 -22.37
C ILE A 78 -13.55 -0.02 -21.24
N GLY A 79 -13.18 0.38 -20.02
CA GLY A 79 -14.04 0.18 -18.84
C GLY A 79 -15.43 0.74 -19.02
N ILE A 80 -15.51 1.94 -19.56
CA ILE A 80 -16.78 2.57 -19.84
C ILE A 80 -17.57 1.75 -20.87
N TYR A 81 -16.94 1.35 -21.97
CA TYR A 81 -17.66 0.73 -23.06
C TYR A 81 -18.08 -0.65 -22.64
N ALA A 82 -17.15 -1.43 -22.10
CA ALA A 82 -17.45 -2.81 -21.72
C ALA A 82 -18.56 -2.84 -20.69
N TYR A 83 -18.49 -1.95 -19.71
CA TYR A 83 -19.53 -1.91 -18.68
C TYR A 83 -20.93 -1.79 -19.28
N GLU A 84 -21.09 -0.83 -20.18
CA GLU A 84 -22.38 -0.60 -20.84
C GLU A 84 -22.76 -1.82 -21.67
N LEU A 85 -21.83 -2.35 -22.44
CA LEU A 85 -22.12 -3.49 -23.31
C LEU A 85 -22.64 -4.71 -22.54
N PHE A 86 -21.93 -5.08 -21.48
CA PHE A 86 -22.34 -6.23 -20.66
C PHE A 86 -23.63 -5.98 -19.89
N ASN A 87 -23.81 -4.76 -19.39
CA ASN A 87 -24.89 -4.48 -18.44
C ASN A 87 -26.12 -3.79 -19.05
N PHE A 88 -25.94 -3.04 -20.13
CA PHE A 88 -27.05 -2.32 -20.75
C PHE A 88 -27.50 -2.93 -22.08
N TYR A 89 -26.56 -3.36 -22.92
CA TYR A 89 -26.91 -3.84 -24.26
C TYR A 89 -27.10 -5.34 -24.42
N GLY A 90 -27.03 -6.07 -23.31
CA GLY A 90 -27.26 -7.53 -23.28
C GLY A 90 -26.18 -8.33 -23.99
N VAL A 91 -24.96 -7.77 -24.07
CA VAL A 91 -23.86 -8.43 -24.79
C VAL A 91 -23.39 -9.60 -23.95
N LYS A 92 -23.06 -10.70 -24.63
CA LYS A 92 -22.62 -11.93 -23.97
C LYS A 92 -21.10 -12.10 -24.05
N ARG A 93 -20.53 -11.77 -25.20
CA ARG A 93 -19.12 -11.99 -25.50
C ARG A 93 -18.46 -10.73 -26.00
N ILE A 94 -17.34 -10.34 -25.38
CA ILE A 94 -16.49 -9.32 -25.99
C ILE A 94 -15.10 -9.89 -26.29
N ILE A 95 -14.67 -9.73 -27.53
CA ILE A 95 -13.32 -10.10 -27.91
C ILE A 95 -12.58 -8.85 -28.37
N ARG A 96 -11.56 -8.50 -27.61
CA ARG A 96 -10.69 -7.41 -27.98
C ARG A 96 -9.60 -7.95 -28.89
N ILE A 97 -9.27 -7.14 -29.90
CA ILE A 97 -8.27 -7.49 -30.87
C ILE A 97 -7.38 -6.26 -31.01
N GLY A 98 -6.11 -6.39 -30.61
CA GLY A 98 -5.21 -5.24 -30.68
C GLY A 98 -3.76 -5.54 -31.04
N SER A 99 -2.96 -4.46 -31.05
CA SER A 99 -1.49 -4.54 -31.13
C SER A 99 -0.86 -4.59 -29.74
N ALA A 100 0.34 -5.13 -29.68
CA ALA A 100 1.06 -5.24 -28.42
C ALA A 100 2.56 -5.34 -28.68
N GLY A 101 3.34 -4.98 -27.66
CA GLY A 101 4.78 -5.10 -27.69
C GLY A 101 5.19 -6.43 -27.06
N ALA A 102 6.17 -7.08 -27.67
CA ALA A 102 6.63 -8.39 -27.19
C ALA A 102 7.61 -8.26 -26.03
N PHE A 103 7.33 -8.96 -24.94
CA PHE A 103 8.27 -9.12 -23.84
C PHE A 103 9.04 -10.43 -24.05
N ASP A 104 8.32 -11.48 -24.43
CA ASP A 104 8.92 -12.80 -24.66
C ASP A 104 9.80 -12.83 -25.92
N GLU A 105 11.04 -13.22 -25.76
CA GLU A 105 12.00 -13.07 -26.85
C GLU A 105 11.84 -14.04 -28.02
N SER A 106 11.09 -15.12 -27.82
CA SER A 106 10.81 -16.07 -28.89
C SER A 106 9.63 -15.65 -29.78
N LEU A 107 8.92 -14.61 -29.38
CA LEU A 107 7.81 -14.07 -30.17
C LEU A 107 8.36 -13.26 -31.32
N LYS A 108 7.80 -13.40 -32.52
CA LYS A 108 8.21 -12.55 -33.65
C LYS A 108 7.04 -11.65 -34.09
N LEU A 109 7.36 -10.52 -34.72
CA LEU A 109 6.39 -9.58 -35.26
C LEU A 109 5.36 -10.29 -36.12
N GLY A 110 4.09 -10.16 -35.78
CA GLY A 110 3.06 -10.87 -36.50
C GLY A 110 2.47 -12.03 -35.70
N ASP A 111 3.19 -12.46 -34.68
CA ASP A 111 2.71 -13.55 -33.81
C ASP A 111 1.47 -13.13 -33.04
N ILE A 112 0.55 -14.07 -32.89
CA ILE A 112 -0.66 -13.84 -32.10
C ILE A 112 -0.38 -14.18 -30.63
N VAL A 113 -0.91 -13.35 -29.74
CA VAL A 113 -0.82 -13.61 -28.33
C VAL A 113 -2.23 -13.65 -27.76
N ILE A 114 -2.51 -14.74 -27.05
CA ILE A 114 -3.78 -15.02 -26.42
C ILE A 114 -3.66 -14.85 -24.90
N GLY A 115 -4.39 -13.87 -24.36
CA GLY A 115 -4.24 -13.49 -22.95
C GLY A 115 -5.17 -14.21 -22.00
N MET A 116 -4.82 -15.46 -21.70
CA MET A 116 -5.43 -16.24 -20.63
C MET A 116 -5.57 -15.39 -19.36
N GLY A 117 -4.60 -14.51 -19.13
CA GLY A 117 -4.60 -13.60 -17.99
C GLY A 117 -3.92 -12.26 -18.23
N ALA A 118 -4.16 -11.32 -17.34
CA ALA A 118 -3.55 -10.00 -17.45
C ALA A 118 -3.09 -9.43 -16.11
N CYS A 119 -1.79 -9.17 -16.01
CA CYS A 119 -1.28 -8.34 -14.95
C CYS A 119 -1.63 -6.90 -15.32
N TYR A 120 -1.59 -6.00 -14.34
CA TYR A 120 -2.05 -4.63 -14.55
C TYR A 120 -1.48 -3.62 -13.56
N ASP A 121 -1.49 -2.37 -14.00
CA ASP A 121 -1.37 -1.20 -13.14
C ASP A 121 -2.78 -0.93 -12.59
N SER A 122 -2.87 -0.27 -11.44
CA SER A 122 -4.20 -0.09 -10.82
C SER A 122 -5.18 0.61 -11.74
N ASN A 123 -6.28 -0.08 -12.03
CA ASN A 123 -7.39 0.56 -12.70
C ASN A 123 -8.50 0.83 -11.67
N PHE A 124 -9.58 0.06 -11.70
CA PHE A 124 -10.68 0.25 -10.76
C PHE A 124 -10.96 -0.98 -9.86
N GLU A 125 -9.95 -1.81 -9.62
CA GLU A 125 -10.10 -2.89 -8.66
C GLU A 125 -10.44 -2.37 -7.23
N ARG A 126 -9.88 -1.21 -6.85
CA ARG A 126 -10.15 -0.59 -5.53
C ARG A 126 -11.60 -0.16 -5.39
N GLN A 127 -12.24 0.14 -6.52
CA GLN A 127 -13.66 0.42 -6.59
C GLN A 127 -14.52 -0.85 -6.39
N TYR A 128 -13.97 -2.03 -6.68
CA TYR A 128 -14.63 -3.29 -6.34
C TYR A 128 -14.42 -3.68 -4.88
N ASP A 129 -13.56 -2.91 -4.19
CA ASP A 129 -13.26 -3.12 -2.76
C ASP A 129 -12.72 -4.52 -2.45
N ILE A 130 -11.70 -4.96 -3.19
CA ILE A 130 -11.18 -6.32 -3.05
C ILE A 130 -10.10 -6.47 -1.95
N PRO A 131 -10.32 -7.36 -0.97
CA PRO A 131 -9.45 -7.52 0.20
C PRO A 131 -8.26 -8.46 -0.03
N GLY A 132 -7.46 -8.14 -1.03
CA GLY A 132 -6.39 -9.02 -1.47
C GLY A 132 -6.10 -8.72 -2.91
N LYS A 133 -5.38 -9.61 -3.57
CA LYS A 133 -4.93 -9.30 -4.91
C LYS A 133 -5.68 -10.15 -5.93
N TYR A 134 -6.35 -9.45 -6.85
CA TYR A 134 -7.23 -10.10 -7.83
C TYR A 134 -6.48 -10.43 -9.12
N SER A 135 -6.58 -11.71 -9.54
CA SER A 135 -6.01 -12.12 -10.82
C SER A 135 -7.05 -12.08 -11.93
N CYS A 136 -6.82 -11.21 -12.91
CA CYS A 136 -7.69 -11.02 -14.05
C CYS A 136 -7.45 -12.09 -15.09
N ILE A 137 -8.52 -12.82 -15.41
CA ILE A 137 -8.46 -13.95 -16.33
C ILE A 137 -9.52 -13.80 -17.41
N ALA A 138 -9.21 -14.34 -18.59
CA ALA A 138 -10.12 -14.41 -19.70
C ALA A 138 -11.13 -15.53 -19.46
N ASP A 139 -12.17 -15.59 -20.29
CA ASP A 139 -13.07 -16.72 -20.29
C ASP A 139 -12.33 -17.91 -20.87
N PHE A 140 -12.35 -19.04 -20.15
CA PHE A 140 -11.71 -20.25 -20.63
C PHE A 140 -12.23 -20.76 -21.97
N GLN A 141 -13.55 -20.79 -22.14
CA GLN A 141 -14.13 -21.36 -23.36
C GLN A 141 -13.70 -20.55 -24.58
N LEU A 142 -13.76 -19.22 -24.49
CA LEU A 142 -13.28 -18.38 -25.58
C LEU A 142 -11.79 -18.60 -25.84
N CYS A 143 -11.05 -18.79 -24.76
CA CYS A 143 -9.60 -18.92 -24.83
C CYS A 143 -9.25 -20.16 -25.63
N ARG A 144 -9.98 -21.23 -25.34
CA ARG A 144 -9.78 -22.54 -25.91
C ARG A 144 -10.13 -22.53 -27.39
N GLU A 145 -11.23 -21.86 -27.70
CA GLU A 145 -11.73 -21.78 -29.06
C GLU A 145 -10.75 -20.99 -29.91
N ALA A 146 -10.06 -20.03 -29.30
CA ALA A 146 -9.07 -19.23 -30.02
C ALA A 146 -7.83 -20.02 -30.36
N VAL A 147 -7.36 -20.83 -29.41
CA VAL A 147 -6.17 -21.64 -29.60
C VAL A 147 -6.45 -22.68 -30.67
N ASP A 148 -7.62 -23.32 -30.60
CA ASP A 148 -8.03 -24.30 -31.61
C ASP A 148 -8.02 -23.74 -33.01
N ALA A 149 -8.64 -22.57 -33.17
CA ALA A 149 -8.69 -21.89 -34.46
C ALA A 149 -7.30 -21.56 -34.98
N ALA A 150 -6.44 -21.07 -34.10
CA ALA A 150 -5.08 -20.71 -34.49
C ALA A 150 -4.31 -21.97 -34.90
N GLU A 151 -4.53 -23.05 -34.14
CA GLU A 151 -3.94 -24.35 -34.45
C GLU A 151 -4.43 -24.83 -35.82
N LYS A 152 -5.74 -24.84 -36.03
CA LYS A 152 -6.33 -25.30 -37.31
C LYS A 152 -5.90 -24.45 -38.52
N LEU A 153 -5.81 -23.14 -38.33
CA LEU A 153 -5.39 -22.26 -39.41
C LEU A 153 -3.86 -22.14 -39.50
N GLY A 154 -3.17 -22.74 -38.54
CA GLY A 154 -1.71 -22.78 -38.53
C GLY A 154 -0.97 -21.47 -38.33
N TYR A 155 -1.57 -20.53 -37.61
CA TYR A 155 -0.87 -19.29 -37.29
C TYR A 155 -0.08 -19.46 -36.01
N ARG A 156 1.11 -18.84 -36.01
CA ARG A 156 1.99 -18.80 -34.86
C ARG A 156 1.35 -17.99 -33.73
N TYR A 157 1.14 -18.64 -32.60
CA TYR A 157 0.47 -18.01 -31.48
C TYR A 157 1.15 -18.42 -30.17
N LYS A 158 1.02 -17.57 -29.16
CA LYS A 158 1.36 -17.92 -27.78
C LYS A 158 0.15 -17.66 -26.91
N VAL A 159 -0.05 -18.52 -25.91
CA VAL A 159 -1.11 -18.36 -24.94
C VAL A 159 -0.53 -18.22 -23.52
N GLY A 160 -0.80 -17.09 -22.88
CA GLY A 160 -0.30 -16.88 -21.54
C GLY A 160 -0.71 -15.56 -20.91
N ASN A 161 0.22 -15.00 -20.16
CA ASN A 161 -0.02 -13.78 -19.42
C ASN A 161 0.36 -12.59 -20.26
N ILE A 162 -0.43 -11.53 -20.14
CA ILE A 162 -0.08 -10.21 -20.70
C ILE A 162 -0.15 -9.15 -19.62
N TYR A 163 0.31 -7.95 -19.95
CA TYR A 163 0.36 -6.84 -19.01
C TYR A 163 -0.44 -5.64 -19.50
N SER A 164 -1.44 -5.20 -18.73
CA SER A 164 -2.16 -3.96 -19.04
C SER A 164 -1.56 -2.76 -18.32
N ALA A 165 -0.74 -2.00 -19.05
CA ALA A 165 -0.06 -0.81 -18.51
C ALA A 165 -0.95 0.41 -18.59
N ASN A 166 -0.74 1.39 -17.71
CA ASN A 166 -1.39 2.69 -17.84
C ASN A 166 -0.57 3.70 -18.64
N TYR A 167 0.65 3.33 -19.00
CA TYR A 167 1.54 4.23 -19.70
C TYR A 167 1.93 3.62 -21.04
N PHE A 168 2.24 4.49 -22.00
CA PHE A 168 2.78 4.10 -23.30
C PHE A 168 4.28 4.37 -23.29
N TYR A 169 4.66 5.56 -22.83
CA TYR A 169 6.04 5.94 -22.74
C TYR A 169 6.52 5.69 -21.33
N ASP A 170 7.43 4.72 -21.20
CA ASP A 170 8.03 4.44 -19.90
C ASP A 170 8.95 5.60 -19.55
N ASP A 171 8.87 6.05 -18.31
CA ASP A 171 9.81 7.04 -17.79
C ASP A 171 10.96 6.29 -17.11
N GLY A 172 11.58 5.38 -17.84
CA GLY A 172 12.65 4.54 -17.29
C GLY A 172 12.63 3.10 -17.80
N ASP A 173 12.75 2.14 -16.87
CA ASP A 173 12.75 0.72 -17.21
C ASP A 173 12.11 -0.17 -16.16
N HIS A 174 10.83 -0.48 -16.40
CA HIS A 174 10.03 -1.29 -15.50
C HIS A 174 9.72 -2.64 -16.10
N SER A 175 10.15 -2.88 -17.33
CA SER A 175 9.76 -4.10 -18.09
C SER A 175 10.44 -5.38 -17.61
N GLY A 176 11.58 -5.21 -16.94
CA GLY A 176 12.46 -6.30 -16.55
C GLY A 176 11.79 -7.34 -15.69
N ALA A 177 11.19 -6.89 -14.58
CA ALA A 177 10.53 -7.79 -13.65
C ALA A 177 9.40 -8.56 -14.30
N TRP A 178 8.64 -7.90 -15.17
CA TRP A 178 7.58 -8.58 -15.92
C TRP A 178 8.13 -9.68 -16.78
N LYS A 179 9.19 -9.37 -17.53
CA LYS A 179 9.76 -10.31 -18.48
C LYS A 179 10.25 -11.53 -17.73
N LYS A 180 10.87 -11.33 -16.56
CA LYS A 180 11.31 -12.42 -15.70
C LYS A 180 10.12 -13.31 -15.27
N MET A 181 8.98 -12.69 -15.00
CA MET A 181 7.77 -13.39 -14.54
C MET A 181 6.99 -14.05 -15.65
N GLY A 182 7.59 -14.18 -16.83
CA GLY A 182 6.98 -14.92 -17.94
C GLY A 182 5.86 -14.17 -18.66
N VAL A 183 5.67 -12.89 -18.36
CA VAL A 183 4.68 -12.12 -19.08
C VAL A 183 5.09 -12.04 -20.55
N LEU A 184 4.12 -12.23 -21.46
CA LEU A 184 4.38 -12.38 -22.89
C LEU A 184 4.46 -11.05 -23.64
N ALA A 185 3.46 -10.20 -23.42
CA ALA A 185 3.32 -8.98 -24.20
C ALA A 185 2.71 -7.84 -23.38
N VAL A 186 3.00 -6.59 -23.74
CA VAL A 186 2.37 -5.45 -23.07
C VAL A 186 1.34 -4.76 -23.97
N GLU A 187 0.21 -4.38 -23.37
CA GLU A 187 -0.79 -3.54 -24.01
C GLU A 187 -1.40 -2.67 -22.93
N MET A 188 -2.63 -2.20 -23.11
CA MET A 188 -3.17 -1.11 -22.29
C MET A 188 -4.63 -1.22 -21.85
N GLU A 189 -5.32 -2.29 -22.24
CA GLU A 189 -6.79 -2.39 -22.02
C GLU A 189 -7.35 -3.64 -21.33
N ALA A 190 -6.65 -4.76 -21.44
CA ALA A 190 -7.23 -6.07 -21.14
C ALA A 190 -7.73 -6.27 -19.73
N ALA A 191 -6.89 -5.99 -18.74
CA ALA A 191 -7.25 -6.25 -17.37
C ALA A 191 -8.60 -5.63 -16.98
N ALA A 192 -8.87 -4.41 -17.43
CA ALA A 192 -10.12 -3.76 -17.06
C ALA A 192 -11.31 -4.55 -17.66
N LEU A 193 -11.14 -5.00 -18.92
CA LEU A 193 -12.18 -5.75 -19.60
C LEU A 193 -12.44 -7.09 -18.88
N TYR A 194 -11.36 -7.81 -18.63
CA TYR A 194 -11.48 -9.08 -17.89
C TYR A 194 -12.22 -8.90 -16.57
N MET A 195 -11.86 -7.86 -15.84
CA MET A 195 -12.42 -7.58 -14.50
C MET A 195 -13.93 -7.35 -14.60
N ILE A 196 -14.32 -6.49 -15.53
CA ILE A 196 -15.71 -6.10 -15.72
C ILE A 196 -16.54 -7.32 -16.16
N ALA A 197 -15.99 -8.15 -17.03
CA ALA A 197 -16.69 -9.36 -17.43
C ALA A 197 -16.94 -10.29 -16.25
N ALA A 198 -15.91 -10.51 -15.44
CA ALA A 198 -16.00 -11.40 -14.31
C ALA A 198 -17.17 -10.98 -13.44
N ARG A 199 -17.26 -9.69 -13.22
CA ARG A 199 -18.20 -9.11 -12.30
C ARG A 199 -19.62 -9.26 -12.87
N ALA A 200 -19.73 -9.22 -14.19
CA ALA A 200 -21.00 -9.39 -14.90
C ALA A 200 -21.38 -10.85 -15.14
N ARG A 201 -20.46 -11.78 -14.87
CA ARG A 201 -20.66 -13.19 -15.24
C ARG A 201 -20.78 -13.36 -16.77
N LYS A 202 -20.05 -12.54 -17.53
CA LYS A 202 -20.01 -12.69 -18.98
C LYS A 202 -18.62 -13.09 -19.47
N GLN A 203 -18.47 -13.17 -20.79
CA GLN A 203 -17.25 -13.69 -21.43
C GLN A 203 -16.38 -12.65 -22.13
N ALA A 204 -15.10 -12.59 -21.77
CA ALA A 204 -14.17 -11.69 -22.41
C ALA A 204 -12.91 -12.44 -22.82
N LEU A 205 -12.30 -11.98 -23.93
CA LEU A 205 -10.98 -12.48 -24.35
C LEU A 205 -10.24 -11.38 -25.11
N CYS A 206 -8.97 -11.22 -24.78
CA CYS A 206 -8.15 -10.25 -25.49
C CYS A 206 -7.07 -10.99 -26.24
N MET A 207 -7.01 -10.71 -27.55
CA MET A 207 -6.06 -11.31 -28.50
C MET A 207 -5.21 -10.22 -29.11
N LEU A 208 -3.92 -10.52 -29.30
CA LEU A 208 -2.99 -9.50 -29.76
C LEU A 208 -2.13 -9.97 -30.91
N THR A 209 -1.79 -9.05 -31.81
CA THR A 209 -0.68 -9.25 -32.78
C THR A 209 0.54 -8.45 -32.35
N ILE A 210 1.70 -9.09 -32.39
CA ILE A 210 2.95 -8.44 -32.00
C ILE A 210 3.36 -7.51 -33.12
N SER A 211 3.31 -6.22 -32.84
CA SER A 211 3.63 -5.18 -33.80
C SER A 211 4.97 -4.50 -33.49
N ASP A 212 5.42 -4.66 -32.25
CA ASP A 212 6.68 -4.10 -31.75
C ASP A 212 7.41 -5.16 -30.94
N LEU A 213 8.74 -5.17 -31.03
CA LEU A 213 9.54 -6.04 -30.20
C LEU A 213 10.23 -5.20 -29.12
N CYS A 214 9.97 -5.51 -27.84
CA CYS A 214 10.55 -4.77 -26.73
C CYS A 214 11.81 -5.45 -26.23
N TYR A 215 12.67 -5.81 -27.18
CA TYR A 215 13.93 -6.47 -26.88
C TYR A 215 14.73 -6.60 -28.16
N GLY A 216 16.04 -6.75 -28.04
CA GLY A 216 16.88 -6.75 -29.22
C GLY A 216 16.84 -5.39 -29.87
N SER A 217 17.02 -5.36 -31.19
CA SER A 217 17.11 -4.11 -31.95
C SER A 217 15.83 -3.28 -31.93
N GLY A 218 14.72 -3.90 -31.54
CA GLY A 218 13.44 -3.21 -31.45
C GLY A 218 12.75 -2.99 -32.78
N GLU A 219 12.61 -4.06 -33.57
CA GLU A 219 11.92 -4.00 -34.86
C GLU A 219 10.46 -3.63 -34.64
N LYS A 220 9.98 -2.65 -35.39
CA LYS A 220 8.62 -2.14 -35.23
C LYS A 220 7.72 -2.63 -36.36
N THR A 228 -2.41 -5.21 -42.34
CA THR A 228 -2.10 -6.27 -43.30
C THR A 228 -1.78 -7.62 -42.65
N LYS A 229 -1.17 -7.58 -41.48
CA LYS A 229 -0.88 -8.80 -40.69
C LYS A 229 -1.86 -8.92 -39.51
N PHE A 230 -2.64 -7.86 -39.30
CA PHE A 230 -3.72 -7.88 -38.31
C PHE A 230 -4.88 -8.74 -38.81
N THR A 231 -4.81 -9.10 -40.08
CA THR A 231 -5.82 -9.90 -40.76
C THR A 231 -5.99 -11.31 -40.17
N GLN A 232 -4.87 -11.99 -39.91
CA GLN A 232 -4.92 -13.37 -39.40
C GLN A 232 -5.59 -13.45 -38.04
N MET A 233 -5.34 -12.43 -37.21
CA MET A 233 -5.97 -12.30 -35.91
C MET A 233 -7.47 -12.01 -36.01
N MET A 234 -7.87 -11.11 -36.92
CA MET A 234 -9.28 -10.84 -37.12
C MET A 234 -10.05 -12.12 -37.47
N GLU A 235 -9.42 -13.03 -38.20
CA GLU A 235 -10.09 -14.27 -38.60
C GLU A 235 -10.32 -15.20 -37.41
N VAL A 236 -9.33 -15.30 -36.55
CA VAL A 236 -9.49 -16.09 -35.34
C VAL A 236 -10.59 -15.48 -34.46
N ALA A 237 -10.53 -14.17 -34.23
CA ALA A 237 -11.56 -13.50 -33.44
C ALA A 237 -12.94 -13.71 -34.02
N LEU A 238 -13.05 -13.55 -35.34
CA LEU A 238 -14.34 -13.64 -36.04
C LEU A 238 -14.99 -15.01 -35.93
N SER A 239 -14.17 -16.05 -35.91
CA SER A 239 -14.65 -17.42 -35.79
C SER A 239 -15.28 -17.72 -34.43
N LEU A 240 -14.98 -16.89 -33.43
CA LEU A 240 -15.47 -17.08 -32.07
C LEU A 240 -16.87 -16.48 -31.86
N ALA A 241 -17.34 -15.73 -32.85
CA ALA A 241 -18.62 -15.04 -32.76
C ALA A 241 -19.77 -16.03 -32.80
N LYS A 242 -20.72 -15.84 -31.89
CA LYS A 242 -21.88 -16.71 -31.78
C LYS A 242 -23.15 -15.88 -31.54
N GLU B 7 24.22 -31.10 -8.11
CA GLU B 7 25.00 -30.50 -6.99
C GLU B 7 24.10 -29.96 -5.89
N HIS B 8 22.79 -29.89 -6.16
CA HIS B 8 21.81 -29.31 -5.23
C HIS B 8 20.98 -30.32 -4.47
N CYS B 9 20.94 -31.56 -4.96
CA CYS B 9 20.14 -32.61 -4.32
C CYS B 9 21.00 -33.51 -3.43
N PRO B 10 20.51 -33.81 -2.21
CA PRO B 10 19.20 -33.44 -1.66
C PRO B 10 19.15 -32.06 -0.97
N THR B 11 17.94 -31.58 -0.70
CA THR B 11 17.74 -30.29 -0.02
C THR B 11 17.40 -30.53 1.46
N PRO B 12 17.45 -29.46 2.29
CA PRO B 12 17.04 -29.56 3.71
C PRO B 12 15.53 -29.80 3.96
N HIS B 13 14.77 -30.12 2.91
CA HIS B 13 13.32 -30.37 3.03
C HIS B 13 12.88 -31.56 2.21
N ASN B 14 13.77 -32.00 1.32
CA ASN B 14 13.50 -33.10 0.39
C ASN B 14 14.71 -34.04 0.31
N GLY B 15 14.51 -35.29 0.70
CA GLY B 15 15.59 -36.26 0.88
C GLY B 15 16.21 -36.85 -0.36
N ALA B 16 15.51 -36.75 -1.49
CA ALA B 16 15.90 -37.43 -2.73
C ALA B 16 17.08 -36.80 -3.45
N LYS B 17 17.92 -37.64 -4.06
CA LYS B 17 18.96 -37.17 -4.98
C LYS B 17 18.31 -36.99 -6.36
N TYR B 18 18.97 -36.22 -7.23
CA TYR B 18 18.49 -35.95 -8.58
C TYR B 18 18.19 -37.23 -9.37
N GLY B 19 17.05 -37.24 -10.07
CA GLY B 19 16.63 -38.37 -10.88
C GLY B 19 15.59 -39.25 -10.22
N GLU B 20 15.53 -39.20 -8.89
CA GLU B 20 14.60 -40.03 -8.12
C GLU B 20 13.13 -39.56 -8.25
N ILE B 21 12.92 -38.35 -8.77
CA ILE B 21 11.58 -37.78 -8.95
C ILE B 21 11.24 -37.60 -10.43
N ALA B 22 10.08 -38.10 -10.84
CA ALA B 22 9.64 -38.05 -12.25
C ALA B 22 9.38 -36.63 -12.75
N GLU B 23 9.23 -36.51 -14.07
CA GLU B 23 8.98 -35.22 -14.71
C GLU B 23 7.59 -34.64 -14.44
N THR B 24 6.69 -35.46 -13.91
CA THR B 24 5.35 -35.01 -13.53
C THR B 24 5.14 -35.30 -12.05
N VAL B 25 4.79 -34.27 -11.28
CA VAL B 25 4.49 -34.48 -9.86
C VAL B 25 3.04 -34.12 -9.58
N LEU B 26 2.44 -34.80 -8.61
CA LEU B 26 1.13 -34.44 -8.16
C LEU B 26 1.23 -34.28 -6.68
N MET B 27 0.70 -33.17 -6.18
CA MET B 27 0.78 -32.87 -4.78
C MET B 27 -0.58 -32.72 -4.13
N ALA B 28 -0.67 -33.19 -2.89
CA ALA B 28 -1.78 -32.85 -2.04
C ALA B 28 -1.22 -32.41 -0.69
N GLY B 29 -2.08 -31.79 0.12
CA GLY B 29 -1.72 -31.38 1.46
C GLY B 29 -1.48 -32.55 2.40
N ASP B 30 -2.38 -33.54 2.37
CA ASP B 30 -2.40 -34.65 3.35
C ASP B 30 -1.54 -35.87 2.98
N PRO B 31 -0.51 -36.17 3.80
CA PRO B 31 0.37 -37.31 3.52
C PRO B 31 -0.37 -38.67 3.38
N LEU B 32 -1.60 -38.75 3.89
CA LEU B 32 -2.43 -39.95 3.67
C LEU B 32 -2.94 -40.04 2.23
N ARG B 33 -3.50 -38.93 1.70
CA ARG B 33 -3.98 -38.87 0.30
C ARG B 33 -2.84 -39.15 -0.69
N VAL B 34 -1.65 -38.72 -0.31
CA VAL B 34 -0.44 -38.99 -1.10
C VAL B 34 -0.09 -40.47 -1.09
N LYS B 35 -0.02 -41.07 0.10
CA LYS B 35 0.24 -42.52 0.22
C LYS B 35 -0.87 -43.34 -0.41
N LEU B 36 -2.11 -42.89 -0.27
CA LEU B 36 -3.26 -43.55 -0.88
C LEU B 36 -3.13 -43.57 -2.40
N LEU B 37 -2.82 -42.41 -2.97
CA LEU B 37 -2.74 -42.23 -4.41
C LEU B 37 -1.77 -43.22 -5.03
N ALA B 38 -0.63 -43.42 -4.35
CA ALA B 38 0.38 -44.37 -4.81
C ALA B 38 -0.15 -45.81 -4.74
N ASP B 39 -0.65 -46.19 -3.56
CA ASP B 39 -1.25 -47.51 -3.32
C ASP B 39 -2.40 -47.80 -4.30
N THR B 40 -3.13 -46.75 -4.69
CA THR B 40 -4.32 -46.93 -5.54
C THR B 40 -3.98 -47.07 -7.02
N TYR B 41 -3.14 -46.18 -7.54
CA TYR B 41 -2.99 -46.05 -8.99
C TYR B 41 -1.63 -46.39 -9.57
N LEU B 42 -0.60 -46.42 -8.71
CA LEU B 42 0.77 -46.65 -9.16
C LEU B 42 1.27 -48.09 -9.00
N THR B 43 2.11 -48.51 -9.95
CA THR B 43 2.90 -49.75 -9.87
C THR B 43 4.36 -49.39 -9.61
N ASP B 44 5.15 -50.36 -9.15
CA ASP B 44 6.59 -50.19 -8.91
C ASP B 44 6.94 -49.00 -8.00
N VAL B 45 6.09 -48.74 -7.02
CA VAL B 45 6.22 -47.60 -6.11
C VAL B 45 7.47 -47.64 -5.22
N VAL B 46 8.20 -46.51 -5.19
CA VAL B 46 9.38 -46.35 -4.34
C VAL B 46 9.32 -44.99 -3.65
N GLN B 47 9.55 -44.97 -2.33
CA GLN B 47 9.70 -43.72 -1.55
C GLN B 47 11.03 -43.03 -1.85
N TYR B 48 10.98 -41.75 -2.19
CA TYR B 48 12.21 -40.99 -2.37
C TYR B 48 12.48 -40.07 -1.17
N ASN B 49 11.41 -39.49 -0.62
CA ASN B 49 11.52 -38.52 0.47
C ASN B 49 10.87 -39.01 1.76
N SER B 50 11.54 -38.75 2.88
CA SER B 50 10.96 -39.03 4.18
C SER B 50 11.02 -37.80 5.10
N VAL B 51 11.89 -36.84 4.75
CA VAL B 51 12.16 -35.64 5.59
C VAL B 51 10.92 -34.77 5.82
N ARG B 52 10.89 -34.10 6.98
CA ARG B 52 9.74 -33.29 7.45
C ARG B 52 8.45 -34.12 7.48
N GLY B 53 8.58 -35.42 7.27
CA GLY B 53 7.45 -36.32 7.14
C GLY B 53 6.73 -36.18 5.81
N ALA B 54 7.30 -35.37 4.92
CA ALA B 54 6.72 -35.09 3.60
C ALA B 54 7.09 -36.20 2.61
N VAL B 55 6.43 -37.35 2.77
CA VAL B 55 6.70 -38.53 1.95
C VAL B 55 6.50 -38.25 0.46
N GLY B 56 7.48 -38.63 -0.34
CA GLY B 56 7.34 -38.60 -1.78
C GLY B 56 7.45 -40.01 -2.34
N TYR B 57 6.67 -40.29 -3.38
CA TYR B 57 6.64 -41.61 -4.01
C TYR B 57 6.81 -41.52 -5.51
N THR B 58 7.56 -42.46 -6.08
CA THR B 58 7.78 -42.54 -7.52
C THR B 58 7.31 -43.90 -8.03
N GLY B 59 6.39 -43.88 -9.00
CA GLY B 59 5.87 -45.11 -9.56
C GLY B 59 5.50 -44.98 -11.02
N TYR B 60 4.56 -45.80 -11.46
CA TYR B 60 4.13 -45.81 -12.85
C TYR B 60 2.62 -45.86 -12.95
N TYR B 61 2.08 -44.98 -13.77
CA TYR B 61 0.66 -44.97 -14.10
C TYR B 61 0.52 -45.18 -15.59
N LYS B 62 -0.16 -46.27 -15.95
CA LYS B 62 -0.39 -46.68 -17.33
C LYS B 62 0.87 -46.48 -18.21
N GLY B 63 2.00 -46.92 -17.67
CA GLY B 63 3.30 -46.86 -18.36
C GLY B 63 4.24 -45.74 -17.91
N VAL B 64 3.68 -44.54 -17.78
CA VAL B 64 4.45 -43.29 -17.58
C VAL B 64 4.94 -43.10 -16.14
N LYS B 65 6.18 -42.62 -15.99
CA LYS B 65 6.76 -42.32 -14.69
C LYS B 65 6.07 -41.14 -14.03
N LEU B 66 5.85 -41.24 -12.74
CA LEU B 66 5.04 -40.26 -12.03
C LEU B 66 5.38 -40.32 -10.56
N SER B 67 5.46 -39.13 -9.97
CA SER B 67 5.73 -39.01 -8.56
C SER B 67 4.57 -38.30 -7.85
N VAL B 68 4.33 -38.71 -6.60
CA VAL B 68 3.30 -38.10 -5.77
C VAL B 68 3.92 -37.68 -4.43
N GLN B 69 3.49 -36.55 -3.89
CA GLN B 69 4.18 -35.93 -2.76
C GLN B 69 3.28 -35.00 -1.93
N ALA B 70 3.55 -34.94 -0.62
CA ALA B 70 2.88 -33.98 0.25
C ALA B 70 3.54 -32.59 0.19
N HIS B 71 2.75 -31.53 0.43
CA HIS B 71 3.29 -30.16 0.42
C HIS B 71 2.99 -29.32 1.64
N GLY B 72 2.39 -29.93 2.65
CA GLY B 72 2.04 -29.19 3.87
C GLY B 72 0.99 -28.12 3.62
N MET B 73 0.83 -27.20 4.57
CA MET B 73 -0.25 -26.23 4.49
C MET B 73 0.24 -24.81 4.25
N GLY B 74 -0.37 -24.13 3.28
CA GLY B 74 -0.11 -22.70 3.04
C GLY B 74 0.84 -22.44 1.90
N MET B 75 0.76 -21.22 1.36
CA MET B 75 1.56 -20.81 0.18
C MET B 75 3.07 -20.88 0.43
N PRO B 76 3.56 -20.45 1.62
CA PRO B 76 5.00 -20.61 1.85
C PRO B 76 5.46 -22.07 1.82
N SER B 77 4.64 -22.98 2.37
CA SER B 77 4.99 -24.40 2.38
C SER B 77 5.06 -24.99 0.98
N ILE B 78 4.00 -24.86 0.20
CA ILE B 78 4.01 -25.36 -1.19
C ILE B 78 5.12 -24.69 -1.99
N GLY B 79 5.36 -23.41 -1.67
CA GLY B 79 6.41 -22.61 -2.29
C GLY B 79 7.76 -23.32 -2.23
N ILE B 80 8.11 -23.81 -1.04
CA ILE B 80 9.38 -24.48 -0.82
C ILE B 80 9.54 -25.73 -1.68
N TYR B 81 8.55 -26.62 -1.65
CA TYR B 81 8.64 -27.83 -2.47
C TYR B 81 8.63 -27.54 -3.95
N ALA B 82 7.67 -26.74 -4.41
CA ALA B 82 7.55 -26.40 -5.84
C ALA B 82 8.83 -25.80 -6.39
N TYR B 83 9.43 -24.88 -5.66
CA TYR B 83 10.70 -24.29 -6.09
C TYR B 83 11.77 -25.37 -6.24
N GLU B 84 11.92 -26.17 -5.19
CA GLU B 84 12.89 -27.25 -5.16
C GLU B 84 12.68 -28.22 -6.31
N LEU B 85 11.43 -28.62 -6.52
CA LEU B 85 11.08 -29.55 -7.59
C LEU B 85 11.43 -29.00 -8.98
N PHE B 86 10.99 -27.78 -9.27
CA PHE B 86 11.23 -27.14 -10.57
C PHE B 86 12.69 -26.83 -10.85
N ASN B 87 13.41 -26.34 -9.84
CA ASN B 87 14.76 -25.79 -10.05
C ASN B 87 15.91 -26.76 -9.81
N PHE B 88 15.70 -27.76 -8.94
CA PHE B 88 16.78 -28.69 -8.64
C PHE B 88 16.55 -30.08 -9.23
N TYR B 89 15.28 -30.46 -9.39
CA TYR B 89 14.98 -31.83 -9.76
C TYR B 89 14.55 -32.04 -11.22
N GLY B 90 14.39 -30.96 -11.97
CA GLY B 90 13.99 -31.03 -13.38
C GLY B 90 12.56 -31.45 -13.63
N VAL B 91 11.67 -31.20 -12.67
CA VAL B 91 10.24 -31.47 -12.84
C VAL B 91 9.68 -30.52 -13.90
N LYS B 92 8.84 -31.04 -14.78
CA LYS B 92 8.31 -30.21 -15.87
C LYS B 92 6.87 -29.83 -15.59
N ARG B 93 6.16 -30.69 -14.87
CA ARG B 93 4.72 -30.59 -14.66
C ARG B 93 4.38 -30.80 -13.18
N ILE B 94 3.67 -29.84 -12.58
CA ILE B 94 3.18 -30.02 -11.22
C ILE B 94 1.66 -29.81 -11.16
N ILE B 95 0.94 -30.83 -10.73
CA ILE B 95 -0.52 -30.75 -10.62
C ILE B 95 -0.94 -30.92 -9.16
N ARG B 96 -1.49 -29.86 -8.59
CA ARG B 96 -1.98 -29.90 -7.22
C ARG B 96 -3.42 -30.38 -7.24
N ILE B 97 -3.74 -31.27 -6.30
CA ILE B 97 -5.08 -31.82 -6.18
C ILE B 97 -5.51 -31.65 -4.73
N GLY B 98 -6.56 -30.86 -4.52
CA GLY B 98 -6.95 -30.48 -3.17
C GLY B 98 -8.43 -30.51 -2.92
N SER B 99 -8.79 -30.36 -1.66
CA SER B 99 -10.17 -30.07 -1.29
C SER B 99 -10.27 -28.56 -1.13
N ALA B 100 -11.47 -28.04 -1.29
CA ALA B 100 -11.73 -26.60 -1.20
C ALA B 100 -13.19 -26.33 -0.92
N GLY B 101 -13.44 -25.11 -0.43
CA GLY B 101 -14.78 -24.61 -0.16
C GLY B 101 -15.28 -23.70 -1.27
N ALA B 102 -16.57 -23.85 -1.58
CA ALA B 102 -17.19 -23.19 -2.72
C ALA B 102 -17.66 -21.77 -2.40
N PHE B 103 -17.28 -20.82 -3.26
CA PHE B 103 -17.83 -19.48 -3.17
C PHE B 103 -19.02 -19.37 -4.11
N ASP B 104 -18.96 -20.05 -5.25
CA ASP B 104 -20.00 -19.99 -6.25
C ASP B 104 -21.19 -20.82 -5.80
N GLU B 105 -22.35 -20.17 -5.77
CA GLU B 105 -23.63 -20.74 -5.29
C GLU B 105 -24.11 -21.98 -6.04
N SER B 106 -23.72 -22.10 -7.31
CA SER B 106 -24.18 -23.19 -8.18
C SER B 106 -23.30 -24.42 -8.14
N LEU B 107 -22.16 -24.33 -7.48
CA LEU B 107 -21.31 -25.49 -7.30
C LEU B 107 -21.95 -26.35 -6.23
N LYS B 108 -22.05 -27.64 -6.54
CA LYS B 108 -22.55 -28.64 -5.62
C LYS B 108 -21.36 -29.45 -5.10
N LEU B 109 -21.56 -30.12 -3.98
CA LEU B 109 -20.50 -30.92 -3.36
C LEU B 109 -19.97 -32.03 -4.29
N GLY B 110 -18.65 -32.14 -4.33
CA GLY B 110 -17.99 -33.16 -5.16
C GLY B 110 -17.66 -32.72 -6.57
N ASP B 111 -18.08 -31.50 -6.94
CA ASP B 111 -17.74 -30.95 -8.26
C ASP B 111 -16.27 -30.60 -8.35
N ILE B 112 -15.70 -30.72 -9.54
CA ILE B 112 -14.32 -30.40 -9.78
C ILE B 112 -14.24 -28.94 -10.14
N VAL B 113 -13.31 -28.21 -9.52
CA VAL B 113 -12.98 -26.87 -10.00
C VAL B 113 -11.54 -26.87 -10.44
N ILE B 114 -11.30 -26.27 -11.60
CA ILE B 114 -10.00 -26.23 -12.20
C ILE B 114 -9.57 -24.77 -12.13
N GLY B 115 -8.43 -24.53 -11.50
CA GLY B 115 -7.93 -23.19 -11.26
C GLY B 115 -7.19 -22.61 -12.45
N MET B 116 -7.93 -22.11 -13.41
CA MET B 116 -7.37 -21.36 -14.53
C MET B 116 -6.56 -20.17 -13.97
N GLY B 117 -7.08 -19.56 -12.90
CA GLY B 117 -6.47 -18.39 -12.27
C GLY B 117 -6.57 -18.44 -10.74
N ALA B 118 -5.66 -17.73 -10.08
CA ALA B 118 -5.67 -17.71 -8.63
C ALA B 118 -5.49 -16.32 -8.04
N CYS B 119 -6.56 -15.81 -7.42
CA CYS B 119 -6.48 -14.67 -6.54
C CYS B 119 -5.70 -15.02 -5.28
N TYR B 120 -5.14 -14.01 -4.63
CA TYR B 120 -4.34 -14.30 -3.45
C TYR B 120 -4.27 -13.24 -2.37
N ASP B 121 -3.97 -13.72 -1.17
CA ASP B 121 -3.38 -12.94 -0.09
C ASP B 121 -1.90 -12.85 -0.38
N SER B 122 -1.23 -11.80 0.08
CA SER B 122 0.22 -11.65 -0.22
C SER B 122 1.07 -12.87 0.13
N ASN B 123 1.78 -13.37 -0.89
CA ASN B 123 2.72 -14.46 -0.75
C ASN B 123 4.14 -13.90 -0.78
N PHE B 124 4.93 -14.40 -1.70
CA PHE B 124 6.26 -13.88 -1.92
C PHE B 124 6.29 -13.24 -3.30
N GLU B 125 5.22 -12.52 -3.65
CA GLU B 125 5.24 -11.66 -4.82
C GLU B 125 6.23 -10.53 -4.56
N ARG B 126 6.20 -10.01 -3.33
CA ARG B 126 7.07 -8.91 -2.89
C ARG B 126 8.54 -9.25 -3.07
N GLN B 127 8.86 -10.54 -3.15
CA GLN B 127 10.22 -10.97 -3.41
C GLN B 127 10.65 -10.79 -4.89
N TYR B 128 9.68 -10.76 -5.81
CA TYR B 128 9.96 -10.65 -7.24
C TYR B 128 10.06 -9.20 -7.75
N ASP B 129 9.90 -8.22 -6.87
CA ASP B 129 10.02 -6.80 -7.24
C ASP B 129 9.10 -6.41 -8.39
N ILE B 130 7.86 -6.89 -8.36
CA ILE B 130 6.89 -6.64 -9.43
C ILE B 130 6.21 -5.29 -9.21
N PRO B 131 6.41 -4.33 -10.13
CA PRO B 131 5.89 -2.97 -10.01
C PRO B 131 4.44 -2.82 -10.46
N GLY B 132 3.54 -3.61 -9.87
CA GLY B 132 2.15 -3.62 -10.28
C GLY B 132 1.50 -4.89 -9.80
N LYS B 133 0.24 -5.09 -10.16
CA LYS B 133 -0.48 -6.27 -9.72
C LYS B 133 -0.22 -7.40 -10.71
N TYR B 134 0.26 -8.53 -10.18
CA TYR B 134 0.52 -9.72 -10.95
C TYR B 134 -0.64 -10.70 -10.87
N SER B 135 -1.07 -11.20 -12.02
CA SER B 135 -2.11 -12.24 -12.08
C SER B 135 -1.51 -13.64 -12.17
N CYS B 136 -1.83 -14.50 -11.20
CA CYS B 136 -1.42 -15.93 -11.22
C CYS B 136 -2.36 -16.78 -12.06
N ILE B 137 -1.81 -17.31 -13.14
CA ILE B 137 -2.57 -18.12 -14.07
C ILE B 137 -1.97 -19.51 -14.12
N ALA B 138 -2.82 -20.48 -14.40
CA ALA B 138 -2.39 -21.85 -14.63
C ALA B 138 -1.76 -21.93 -16.01
N ASP B 139 -1.00 -22.98 -16.25
CA ASP B 139 -0.55 -23.29 -17.60
C ASP B 139 -1.75 -23.66 -18.46
N PHE B 140 -1.92 -22.98 -19.60
CA PHE B 140 -3.08 -23.27 -20.44
C PHE B 140 -3.25 -24.71 -20.89
N GLN B 141 -2.14 -25.38 -21.17
CA GLN B 141 -2.20 -26.71 -21.77
C GLN B 141 -2.79 -27.72 -20.79
N LEU B 142 -2.29 -27.74 -19.56
CA LEU B 142 -2.78 -28.66 -18.52
C LEU B 142 -4.25 -28.39 -18.26
N CYS B 143 -4.60 -27.11 -18.34
CA CYS B 143 -5.93 -26.62 -18.13
C CYS B 143 -6.88 -27.21 -19.17
N ARG B 144 -6.47 -27.13 -20.43
CA ARG B 144 -7.24 -27.65 -21.57
C ARG B 144 -7.42 -29.17 -21.47
N GLU B 145 -6.34 -29.86 -21.11
CA GLU B 145 -6.34 -31.32 -20.95
C GLU B 145 -7.24 -31.77 -19.82
N ALA B 146 -7.29 -30.99 -18.74
CA ALA B 146 -8.11 -31.38 -17.59
C ALA B 146 -9.61 -31.18 -17.87
N VAL B 147 -9.93 -30.12 -18.60
CA VAL B 147 -11.31 -29.85 -19.01
C VAL B 147 -11.78 -30.93 -19.96
N ASP B 148 -10.95 -31.24 -20.97
CA ASP B 148 -11.22 -32.34 -21.89
C ASP B 148 -11.45 -33.64 -21.14
N ALA B 149 -10.57 -33.92 -20.17
CA ALA B 149 -10.64 -35.15 -19.38
C ALA B 149 -11.92 -35.23 -18.54
N ALA B 150 -12.28 -34.13 -17.91
CA ALA B 150 -13.54 -34.02 -17.17
C ALA B 150 -14.73 -34.22 -18.11
N GLU B 151 -14.66 -33.59 -19.28
CA GLU B 151 -15.72 -33.76 -20.29
C GLU B 151 -15.82 -35.22 -20.76
N LYS B 152 -14.71 -35.82 -21.17
CA LYS B 152 -14.69 -37.22 -21.65
C LYS B 152 -15.18 -38.22 -20.62
N LEU B 153 -14.84 -38.00 -19.35
CA LEU B 153 -15.21 -38.92 -18.27
C LEU B 153 -16.59 -38.60 -17.67
N GLY B 154 -17.20 -37.51 -18.15
CA GLY B 154 -18.53 -37.10 -17.71
C GLY B 154 -18.63 -36.59 -16.28
N TYR B 155 -17.57 -35.97 -15.78
CA TYR B 155 -17.59 -35.39 -14.43
C TYR B 155 -18.05 -33.94 -14.43
N ARG B 156 -18.72 -33.55 -13.35
CA ARG B 156 -19.16 -32.17 -13.15
C ARG B 156 -17.93 -31.35 -12.78
N TYR B 157 -17.73 -30.24 -13.50
CA TYR B 157 -16.55 -29.39 -13.30
C TYR B 157 -16.85 -27.94 -13.64
N LYS B 158 -16.15 -27.03 -12.97
CA LYS B 158 -16.16 -25.64 -13.39
C LYS B 158 -14.74 -25.12 -13.49
N VAL B 159 -14.52 -24.22 -14.45
CA VAL B 159 -13.19 -23.67 -14.67
C VAL B 159 -13.20 -22.14 -14.61
N GLY B 160 -12.39 -21.62 -13.70
CA GLY B 160 -12.27 -20.21 -13.53
C GLY B 160 -11.29 -19.89 -12.43
N ASN B 161 -11.69 -18.89 -11.64
CA ASN B 161 -10.81 -18.22 -10.70
C ASN B 161 -10.96 -18.86 -9.34
N ILE B 162 -9.84 -19.02 -8.64
CA ILE B 162 -9.86 -19.48 -7.25
C ILE B 162 -9.08 -18.52 -6.37
N TYR B 163 -9.16 -18.72 -5.05
CA TYR B 163 -8.49 -17.79 -4.15
C TYR B 163 -7.66 -18.49 -3.06
N SER B 164 -6.38 -18.14 -3.05
CA SER B 164 -5.42 -18.77 -2.16
C SER B 164 -5.25 -17.89 -0.94
N ALA B 165 -5.90 -18.31 0.15
CA ALA B 165 -5.99 -17.56 1.41
C ALA B 165 -4.83 -17.92 2.29
N ASN B 166 -4.48 -17.02 3.21
CA ASN B 166 -3.41 -17.29 4.16
C ASN B 166 -3.90 -17.84 5.51
N TYR B 167 -5.22 -17.89 5.67
CA TYR B 167 -5.86 -18.28 6.91
C TYR B 167 -6.86 -19.38 6.60
N PHE B 168 -7.19 -20.19 7.61
CA PHE B 168 -8.24 -21.21 7.48
C PHE B 168 -9.50 -20.73 8.18
N TYR B 169 -9.31 -20.17 9.38
CA TYR B 169 -10.39 -19.61 10.17
C TYR B 169 -10.37 -18.10 10.00
N ASP B 170 -11.53 -17.54 9.63
CA ASP B 170 -11.65 -16.12 9.28
C ASP B 170 -11.43 -15.18 10.48
N ASP B 173 -15.43 -11.28 7.91
CA ASP B 173 -16.25 -11.55 6.72
C ASP B 173 -15.50 -11.10 5.48
N HIS B 174 -14.44 -11.81 5.15
CA HIS B 174 -13.63 -11.51 3.97
C HIS B 174 -13.90 -12.51 2.88
N SER B 175 -14.97 -12.23 2.12
CA SER B 175 -15.44 -13.15 1.11
C SER B 175 -16.47 -12.53 0.19
N GLY B 176 -17.17 -11.49 0.65
CA GLY B 176 -18.23 -10.83 -0.12
C GLY B 176 -17.79 -10.37 -1.49
N ALA B 177 -16.71 -9.58 -1.51
CA ALA B 177 -16.14 -9.08 -2.75
C ALA B 177 -15.60 -10.24 -3.60
N TRP B 178 -14.93 -11.20 -2.98
CA TRP B 178 -14.51 -12.41 -3.70
C TRP B 178 -15.66 -13.10 -4.36
N LYS B 179 -16.77 -13.23 -3.64
CA LYS B 179 -17.97 -13.87 -4.20
C LYS B 179 -18.50 -13.02 -5.35
N LYS B 180 -18.56 -11.70 -5.12
CA LYS B 180 -18.99 -10.74 -6.13
C LYS B 180 -18.24 -10.89 -7.46
N MET B 181 -16.95 -11.21 -7.37
CA MET B 181 -16.06 -11.28 -8.55
C MET B 181 -16.16 -12.60 -9.31
N GLY B 182 -16.99 -13.52 -8.84
CA GLY B 182 -17.13 -14.79 -9.56
C GLY B 182 -16.04 -15.81 -9.24
N VAL B 183 -15.24 -15.55 -8.22
CA VAL B 183 -14.28 -16.54 -7.73
C VAL B 183 -15.03 -17.82 -7.33
N LEU B 184 -14.54 -18.97 -7.79
CA LEU B 184 -15.28 -20.21 -7.61
C LEU B 184 -15.14 -20.86 -6.22
N ALA B 185 -13.95 -20.77 -5.63
CA ALA B 185 -13.57 -21.63 -4.52
C ALA B 185 -12.35 -21.11 -3.79
N VAL B 186 -12.23 -21.49 -2.52
CA VAL B 186 -11.11 -21.02 -1.71
C VAL B 186 -10.25 -22.20 -1.33
N GLU B 187 -8.94 -22.03 -1.43
CA GLU B 187 -7.99 -22.95 -0.80
C GLU B 187 -6.81 -22.13 -0.24
N MET B 188 -5.63 -22.75 -0.09
CA MET B 188 -4.53 -22.01 0.54
C MET B 188 -3.18 -22.04 -0.19
N GLU B 189 -3.15 -22.53 -1.42
CA GLU B 189 -1.87 -22.91 -2.04
C GLU B 189 -1.64 -22.57 -3.50
N ALA B 190 -2.71 -22.39 -4.27
CA ALA B 190 -2.55 -22.33 -5.71
C ALA B 190 -1.63 -21.21 -6.20
N ALA B 191 -1.80 -20.01 -5.64
CA ALA B 191 -1.19 -18.83 -6.24
C ALA B 191 0.33 -18.90 -6.24
N ALA B 192 0.92 -19.31 -5.12
CA ALA B 192 2.37 -19.41 -5.00
C ALA B 192 2.92 -20.36 -6.07
N LEU B 193 2.23 -21.50 -6.24
CA LEU B 193 2.60 -22.51 -7.22
C LEU B 193 2.61 -21.92 -8.62
N TYR B 194 1.56 -21.18 -8.96
CA TYR B 194 1.41 -20.58 -10.26
C TYR B 194 2.57 -19.65 -10.54
N MET B 195 2.90 -18.82 -9.55
CA MET B 195 4.02 -17.86 -9.64
C MET B 195 5.34 -18.54 -9.91
N ILE B 196 5.68 -19.51 -9.07
CA ILE B 196 6.96 -20.17 -9.14
C ILE B 196 7.15 -20.90 -10.48
N ALA B 197 6.10 -21.55 -10.96
CA ALA B 197 6.16 -22.30 -12.21
C ALA B 197 6.38 -21.32 -13.36
N ALA B 198 5.57 -20.25 -13.38
CA ALA B 198 5.73 -19.16 -14.33
C ALA B 198 7.16 -18.66 -14.31
N ARG B 199 7.65 -18.30 -13.12
CA ARG B 199 9.02 -17.82 -12.95
C ARG B 199 10.09 -18.82 -13.44
N ALA B 200 9.78 -20.11 -13.34
CA ALA B 200 10.69 -21.17 -13.78
C ALA B 200 10.43 -21.64 -15.22
N ARG B 201 9.40 -21.09 -15.86
CA ARG B 201 8.99 -21.45 -17.23
C ARG B 201 8.53 -22.89 -17.31
N LYS B 202 7.83 -23.35 -16.28
CA LYS B 202 7.35 -24.73 -16.25
C LYS B 202 5.83 -24.77 -16.09
N GLN B 203 5.25 -25.96 -15.97
CA GLN B 203 3.79 -26.15 -16.02
C GLN B 203 3.15 -26.51 -14.67
N ALA B 204 2.06 -25.83 -14.34
CA ALA B 204 1.37 -26.07 -13.07
C ALA B 204 -0.16 -25.92 -13.20
N LEU B 205 -0.87 -26.78 -12.48
CA LEU B 205 -2.32 -26.72 -12.40
C LEU B 205 -2.78 -27.09 -11.01
N CYS B 206 -3.75 -26.37 -10.50
CA CYS B 206 -4.39 -26.73 -9.26
C CYS B 206 -5.87 -27.05 -9.53
N MET B 207 -6.26 -28.28 -9.19
CA MET B 207 -7.62 -28.76 -9.30
C MET B 207 -8.18 -29.05 -7.91
N LEU B 208 -9.47 -28.80 -7.71
CA LEU B 208 -10.06 -29.06 -6.41
C LEU B 208 -11.35 -29.90 -6.49
N THR B 209 -11.62 -30.71 -5.47
CA THR B 209 -12.94 -31.31 -5.23
C THR B 209 -13.65 -30.49 -4.15
N ILE B 210 -14.91 -30.14 -4.39
CA ILE B 210 -15.64 -29.30 -3.45
C ILE B 210 -16.05 -30.15 -2.24
N SER B 211 -15.45 -29.85 -1.09
CA SER B 211 -15.73 -30.58 0.16
C SER B 211 -16.66 -29.80 1.10
N ASP B 212 -16.63 -28.47 1.03
CA ASP B 212 -17.50 -27.59 1.82
C ASP B 212 -18.14 -26.53 0.94
N LEU B 213 -19.27 -25.99 1.41
CA LEU B 213 -19.92 -24.83 0.79
C LEU B 213 -19.90 -23.67 1.77
N CYS B 214 -19.61 -22.47 1.28
CA CYS B 214 -19.59 -21.27 2.12
C CYS B 214 -20.74 -20.36 1.72
N TYR B 215 -21.96 -20.84 1.93
CA TYR B 215 -23.20 -20.08 1.69
C TYR B 215 -24.42 -20.79 2.29
N LYS B 229 -15.19 -38.15 -2.78
CA LYS B 229 -15.17 -38.15 -4.24
C LYS B 229 -13.85 -37.66 -4.83
N PHE B 230 -12.79 -37.71 -4.01
CA PHE B 230 -11.40 -37.45 -4.44
C PHE B 230 -11.07 -38.21 -5.72
N THR B 231 -11.51 -39.47 -5.78
CA THR B 231 -11.22 -40.42 -6.83
C THR B 231 -11.42 -39.91 -8.25
N GLN B 232 -12.54 -39.25 -8.49
CA GLN B 232 -12.87 -38.71 -9.79
C GLN B 232 -11.85 -37.64 -10.22
N MET B 233 -11.47 -36.80 -9.27
CA MET B 233 -10.46 -35.78 -9.50
C MET B 233 -9.08 -36.40 -9.69
N MET B 234 -8.76 -37.41 -8.89
CA MET B 234 -7.48 -38.12 -9.05
C MET B 234 -7.32 -38.64 -10.47
N GLU B 235 -8.43 -39.02 -11.09
CA GLU B 235 -8.39 -39.58 -12.44
C GLU B 235 -8.07 -38.53 -13.50
N VAL B 236 -8.78 -37.41 -13.44
CA VAL B 236 -8.51 -36.25 -14.29
C VAL B 236 -7.02 -35.89 -14.19
N ALA B 237 -6.52 -35.85 -12.97
CA ALA B 237 -5.13 -35.48 -12.72
C ALA B 237 -4.13 -36.40 -13.43
N LEU B 238 -4.30 -37.70 -13.25
CA LEU B 238 -3.30 -38.68 -13.71
C LEU B 238 -3.22 -38.72 -15.23
N SER B 239 -4.35 -38.45 -15.89
CA SER B 239 -4.34 -38.31 -17.34
C SER B 239 -3.48 -37.12 -17.82
N LEU B 240 -3.05 -36.26 -16.89
CA LEU B 240 -2.18 -35.14 -17.24
C LEU B 240 -0.69 -35.52 -17.24
N ALA B 241 -0.39 -36.72 -16.75
CA ALA B 241 0.99 -37.20 -16.68
C ALA B 241 1.59 -37.48 -18.03
N LYS B 242 2.83 -37.05 -18.21
CA LYS B 242 3.57 -37.28 -19.44
C LYS B 242 5.04 -37.60 -19.15
N MET C 5 -13.97 -24.30 22.82
CA MET C 5 -14.23 -25.32 23.88
C MET C 5 -14.39 -26.73 23.31
N ALA C 6 -15.24 -27.54 23.95
CA ALA C 6 -15.35 -28.98 23.67
C ALA C 6 -15.88 -29.39 22.29
N GLU C 7 -16.86 -28.64 21.78
CA GLU C 7 -17.56 -29.02 20.54
C GLU C 7 -16.75 -28.83 19.26
N HIS C 8 -15.52 -28.31 19.37
CA HIS C 8 -14.63 -28.13 18.22
C HIS C 8 -13.47 -29.11 18.21
N CYS C 9 -13.47 -30.06 19.14
CA CYS C 9 -12.40 -31.07 19.24
C CYS C 9 -12.89 -32.49 18.92
N PRO C 10 -12.14 -33.23 18.08
CA PRO C 10 -10.92 -32.82 17.35
C PRO C 10 -11.19 -31.89 16.15
N THR C 11 -10.15 -31.29 15.60
CA THR C 11 -10.28 -30.39 14.45
C THR C 11 -9.83 -31.11 13.17
N PRO C 12 -10.07 -30.49 11.97
CA PRO C 12 -9.65 -31.09 10.69
C PRO C 12 -8.14 -30.99 10.40
N HIS C 13 -7.33 -30.80 11.45
CA HIS C 13 -5.86 -30.70 11.34
C HIS C 13 -5.18 -31.35 12.52
N ASN C 14 -5.90 -31.42 13.63
CA ASN C 14 -5.39 -31.94 14.89
C ASN C 14 -6.34 -33.00 15.43
N GLY C 15 -5.86 -34.24 15.54
CA GLY C 15 -6.71 -35.37 15.93
C GLY C 15 -6.97 -35.56 17.42
N ALA C 16 -6.44 -34.66 18.25
CA ALA C 16 -6.52 -34.81 19.70
C ALA C 16 -7.90 -34.52 20.28
N LYS C 17 -8.25 -35.29 21.31
CA LYS C 17 -9.42 -34.99 22.15
C LYS C 17 -9.07 -33.85 23.12
N TYR C 18 -10.07 -33.08 23.56
CA TYR C 18 -9.84 -32.04 24.56
C TYR C 18 -9.24 -32.63 25.83
N GLY C 19 -8.27 -31.92 26.44
CA GLY C 19 -7.59 -32.39 27.65
C GLY C 19 -6.33 -33.20 27.36
N GLU C 20 -6.26 -33.79 26.18
CA GLU C 20 -5.11 -34.61 25.81
C GLU C 20 -3.86 -33.76 25.52
N ILE C 21 -4.03 -32.45 25.45
CA ILE C 21 -2.93 -31.49 25.23
C ILE C 21 -2.70 -30.57 26.43
N ALA C 22 -1.47 -30.56 26.96
CA ALA C 22 -1.16 -29.76 28.15
C ALA C 22 -1.24 -28.25 27.91
N GLU C 23 -1.23 -27.50 29.02
CA GLU C 23 -1.36 -26.05 29.02
C GLU C 23 -0.17 -25.28 28.40
N THR C 24 0.96 -25.96 28.27
CA THR C 24 2.15 -25.38 27.65
C THR C 24 2.50 -26.27 26.47
N VAL C 25 2.45 -25.73 25.27
CA VAL C 25 2.97 -26.47 24.13
C VAL C 25 4.33 -25.94 23.66
N LEU C 26 5.21 -26.85 23.28
CA LEU C 26 6.43 -26.46 22.60
C LEU C 26 6.33 -26.95 21.18
N MET C 27 6.63 -26.07 20.23
CA MET C 27 6.48 -26.43 18.82
C MET C 27 7.77 -26.32 18.05
N ALA C 28 7.96 -27.23 17.09
CA ALA C 28 9.04 -27.11 16.11
C ALA C 28 8.56 -27.60 14.74
N GLY C 29 9.25 -27.16 13.70
CA GLY C 29 8.87 -27.50 12.32
C GLY C 29 9.21 -28.93 11.97
N ASP C 30 10.45 -29.33 12.26
CA ASP C 30 10.95 -30.68 12.00
C ASP C 30 10.37 -31.72 12.98
N PRO C 31 9.49 -32.62 12.49
CA PRO C 31 8.86 -33.59 13.38
C PRO C 31 9.87 -34.50 14.08
N LEU C 32 11.10 -34.55 13.56
CA LEU C 32 12.20 -35.26 14.19
C LEU C 32 12.59 -34.63 15.53
N ARG C 33 12.72 -33.31 15.55
CA ARG C 33 13.09 -32.59 16.77
C ARG C 33 12.03 -32.74 17.86
N VAL C 34 10.78 -32.89 17.43
CA VAL C 34 9.63 -33.02 18.33
C VAL C 34 9.69 -34.33 19.10
N LYS C 35 9.90 -35.44 18.38
CA LYS C 35 10.01 -36.76 19.00
C LYS C 35 11.24 -36.89 19.89
N LEU C 36 12.36 -36.32 19.45
CA LEU C 36 13.62 -36.41 20.18
C LEU C 36 13.55 -35.72 21.54
N LEU C 37 13.05 -34.48 21.56
CA LEU C 37 12.83 -33.74 22.81
C LEU C 37 11.96 -34.52 23.82
N ALA C 38 10.86 -35.10 23.33
CA ALA C 38 9.98 -35.91 24.16
C ALA C 38 10.74 -37.11 24.72
N ASP C 39 11.45 -37.81 23.83
CA ASP C 39 12.25 -38.97 24.20
C ASP C 39 13.40 -38.58 25.12
N THR C 40 13.95 -37.39 24.96
CA THR C 40 15.07 -36.93 25.80
C THR C 40 14.62 -36.44 27.18
N TYR C 41 13.60 -35.59 27.20
CA TYR C 41 13.29 -34.79 28.39
C TYR C 41 12.02 -35.15 29.14
N LEU C 42 11.12 -35.87 28.49
CA LEU C 42 9.81 -36.13 29.09
C LEU C 42 9.63 -37.53 29.65
N THR C 43 8.91 -37.60 30.76
CA THR C 43 8.41 -38.86 31.33
C THR C 43 6.94 -39.07 30.94
N ASP C 44 6.51 -40.34 30.96
CA ASP C 44 5.10 -40.71 30.73
C ASP C 44 4.55 -40.28 29.37
N VAL C 45 5.38 -40.44 28.34
CA VAL C 45 5.10 -39.99 26.98
C VAL C 45 3.86 -40.65 26.35
N VAL C 46 2.92 -39.83 25.92
CA VAL C 46 1.71 -40.29 25.22
C VAL C 46 1.51 -39.45 23.94
N GLN C 47 1.32 -40.12 22.80
CA GLN C 47 1.04 -39.41 21.55
C GLN C 47 -0.46 -39.12 21.41
N TYR C 48 -0.79 -37.93 20.91
CA TYR C 48 -2.19 -37.58 20.66
C TYR C 48 -2.52 -37.46 19.16
N ASN C 49 -1.85 -36.55 18.48
CA ASN C 49 -2.13 -36.27 17.08
C ASN C 49 -1.32 -37.17 16.16
N SER C 50 -1.89 -37.46 14.99
CA SER C 50 -1.13 -38.09 13.90
C SER C 50 -1.57 -37.58 12.53
N VAL C 51 -2.67 -36.81 12.51
CA VAL C 51 -3.20 -36.20 11.28
C VAL C 51 -2.15 -35.28 10.64
N ARG C 52 -2.17 -35.23 9.30
CA ARG C 52 -1.27 -34.38 8.51
C ARG C 52 0.20 -34.78 8.73
N GLY C 53 0.41 -35.88 9.46
CA GLY C 53 1.76 -36.29 9.87
C GLY C 53 2.32 -35.43 10.99
N ALA C 54 1.49 -34.54 11.53
CA ALA C 54 1.90 -33.63 12.61
C ALA C 54 1.83 -34.31 13.99
N VAL C 55 2.93 -35.03 14.29
CA VAL C 55 3.06 -35.77 15.54
C VAL C 55 2.96 -34.86 16.76
N GLY C 56 2.24 -35.31 17.78
CA GLY C 56 2.07 -34.58 19.03
C GLY C 56 2.25 -35.48 20.24
N TYR C 57 2.82 -34.92 21.31
CA TYR C 57 3.19 -35.69 22.49
C TYR C 57 2.91 -34.91 23.77
N THR C 58 2.34 -35.59 24.77
CA THR C 58 2.16 -35.02 26.11
C THR C 58 2.86 -35.89 27.16
N GLY C 59 3.73 -35.27 27.95
CA GLY C 59 4.40 -35.99 29.01
C GLY C 59 4.65 -35.09 30.19
N TYR C 60 5.74 -35.36 30.91
CA TYR C 60 6.08 -34.58 32.09
C TYR C 60 7.52 -34.13 32.04
N TYR C 61 7.72 -32.86 32.37
CA TYR C 61 9.04 -32.29 32.59
C TYR C 61 9.09 -31.86 34.04
N LYS C 62 10.03 -32.44 34.78
CA LYS C 62 10.26 -32.10 36.17
C LYS C 62 8.96 -31.95 36.96
N GLY C 63 7.98 -32.79 36.64
CA GLY C 63 6.71 -32.81 37.38
C GLY C 63 5.65 -31.79 37.01
N VAL C 64 5.70 -31.26 35.79
CA VAL C 64 4.58 -30.48 35.23
C VAL C 64 4.20 -30.97 33.82
N LYS C 65 2.91 -30.95 33.52
CA LYS C 65 2.41 -31.41 32.22
C LYS C 65 2.89 -30.51 31.06
N LEU C 66 3.36 -31.14 29.98
CA LEU C 66 3.93 -30.41 28.86
C LEU C 66 3.72 -31.21 27.60
N SER C 67 3.36 -30.51 26.54
CA SER C 67 3.20 -31.12 25.23
C SER C 67 4.23 -30.58 24.23
N VAL C 68 4.50 -31.35 23.20
CA VAL C 68 5.40 -30.97 22.14
C VAL C 68 4.81 -31.46 20.81
N GLN C 69 4.77 -30.60 19.81
CA GLN C 69 4.26 -31.00 18.48
C GLN C 69 4.85 -30.23 17.29
N ALA C 70 4.65 -30.76 16.09
CA ALA C 70 5.16 -30.13 14.87
C ALA C 70 4.17 -29.10 14.31
N HIS C 71 4.69 -28.12 13.58
CA HIS C 71 3.86 -27.04 13.02
C HIS C 71 4.01 -26.81 11.55
N GLY C 72 4.81 -27.64 10.88
CA GLY C 72 5.06 -27.47 9.45
C GLY C 72 5.84 -26.20 9.18
N MET C 73 5.89 -25.79 7.91
CA MET C 73 6.66 -24.61 7.51
C MET C 73 5.75 -23.47 7.05
N GLY C 74 6.07 -22.24 7.47
CA GLY C 74 5.33 -21.05 7.05
C GLY C 74 4.30 -20.53 8.05
N MET C 75 4.11 -19.20 8.06
CA MET C 75 3.15 -18.54 8.95
C MET C 75 1.71 -19.08 8.79
N PRO C 76 1.27 -19.37 7.55
CA PRO C 76 -0.07 -20.00 7.46
C PRO C 76 -0.16 -21.34 8.20
N SER C 77 0.92 -22.13 8.14
CA SER C 77 0.95 -23.42 8.77
C SER C 77 0.90 -23.29 10.29
N ILE C 78 1.80 -22.52 10.87
CA ILE C 78 1.79 -22.37 12.32
C ILE C 78 0.50 -21.69 12.75
N GLY C 79 -0.02 -20.82 11.87
CA GLY C 79 -1.28 -20.12 12.11
C GLY C 79 -2.40 -21.06 12.49
N ILE C 80 -2.52 -22.16 11.74
CA ILE C 80 -3.55 -23.15 11.92
C ILE C 80 -3.41 -23.83 13.29
N TYR C 81 -2.23 -24.37 13.57
CA TYR C 81 -2.00 -25.08 14.85
C TYR C 81 -2.12 -24.15 16.05
N ALA C 82 -1.35 -23.05 16.06
CA ALA C 82 -1.44 -22.07 17.14
C ALA C 82 -2.89 -21.62 17.41
N TYR C 83 -3.65 -21.38 16.35
CA TYR C 83 -5.05 -21.00 16.51
C TYR C 83 -5.85 -22.07 17.24
N GLU C 84 -5.78 -23.29 16.72
CA GLU C 84 -6.50 -24.41 17.29
C GLU C 84 -6.10 -24.67 18.74
N LEU C 85 -4.80 -24.73 18.99
CA LEU C 85 -4.29 -24.91 20.36
C LEU C 85 -4.83 -23.87 21.34
N PHE C 86 -4.73 -22.59 20.96
CA PHE C 86 -5.16 -21.50 21.81
C PHE C 86 -6.68 -21.43 22.03
N ASN C 87 -7.46 -21.69 20.98
CA ASN C 87 -8.90 -21.47 21.05
C ASN C 87 -9.78 -22.65 21.31
N PHE C 88 -9.29 -23.85 21.02
CA PHE C 88 -10.07 -25.05 21.27
C PHE C 88 -9.46 -25.96 22.35
N TYR C 89 -8.15 -25.93 22.55
CA TYR C 89 -7.53 -26.85 23.50
C TYR C 89 -7.17 -26.26 24.87
N GLY C 90 -7.42 -24.95 25.03
CA GLY C 90 -7.14 -24.26 26.27
C GLY C 90 -5.66 -24.10 26.58
N VAL C 91 -4.80 -24.19 25.58
CA VAL C 91 -3.39 -23.94 25.77
C VAL C 91 -3.21 -22.51 26.26
N LYS C 92 -2.16 -22.30 27.07
CA LYS C 92 -1.90 -20.99 27.66
C LYS C 92 -0.56 -20.40 27.21
N ARG C 93 0.40 -21.27 26.93
CA ARG C 93 1.72 -20.89 26.45
C ARG C 93 2.05 -21.73 25.23
N ILE C 94 2.57 -21.07 24.19
CA ILE C 94 3.26 -21.77 23.13
C ILE C 94 4.67 -21.20 22.96
N ILE C 95 5.67 -22.07 23.05
CA ILE C 95 7.05 -21.65 22.85
C ILE C 95 7.57 -22.39 21.63
N ARG C 96 7.86 -21.63 20.58
CA ARG C 96 8.43 -22.22 19.36
C ARG C 96 9.94 -22.29 19.52
N ILE C 97 10.50 -23.40 19.07
CA ILE C 97 11.94 -23.64 19.10
C ILE C 97 12.36 -24.03 17.69
N GLY C 98 13.35 -23.33 17.14
CA GLY C 98 13.71 -23.57 15.76
C GLY C 98 15.11 -23.19 15.38
N SER C 99 15.46 -23.44 14.13
CA SER C 99 16.71 -22.99 13.54
C SER C 99 16.45 -21.71 12.75
N ALA C 100 17.50 -20.92 12.54
CA ALA C 100 17.42 -19.65 11.82
C ALA C 100 18.78 -19.20 11.30
N GLY C 101 18.77 -18.35 10.28
CA GLY C 101 19.97 -17.75 9.75
C GLY C 101 20.23 -16.39 10.38
N ALA C 102 21.51 -16.09 10.63
CA ALA C 102 21.89 -14.86 11.30
C ALA C 102 22.01 -13.66 10.33
N PHE C 103 21.44 -12.54 10.72
CA PHE C 103 21.66 -11.28 10.05
C PHE C 103 22.76 -10.53 10.77
N ASP C 104 22.72 -10.56 12.11
CA ASP C 104 23.65 -9.80 12.91
C ASP C 104 25.00 -10.47 12.87
N GLU C 105 25.98 -9.74 12.33
CA GLU C 105 27.38 -10.18 12.16
C GLU C 105 28.07 -10.71 13.43
N SER C 106 27.62 -10.25 14.59
CA SER C 106 28.21 -10.63 15.86
C SER C 106 27.66 -11.97 16.38
N LEU C 107 26.58 -12.46 15.78
CA LEU C 107 26.03 -13.76 16.16
C LEU C 107 26.94 -14.86 15.64
N LYS C 108 27.30 -15.76 16.55
CA LYS C 108 28.10 -16.95 16.24
C LYS C 108 27.19 -18.19 16.12
N LEU C 109 27.65 -19.20 15.40
CA LEU C 109 26.87 -20.41 15.19
C LEU C 109 26.63 -21.12 16.52
N GLY C 110 25.38 -21.53 16.74
CA GLY C 110 24.98 -22.15 18.00
C GLY C 110 24.37 -21.19 19.01
N ASP C 111 24.52 -19.89 18.77
CA ASP C 111 23.96 -18.89 19.68
C ASP C 111 22.42 -18.87 19.67
N ILE C 112 21.86 -18.64 20.85
CA ILE C 112 20.43 -18.57 21.06
C ILE C 112 19.91 -17.18 20.72
N VAL C 113 18.84 -17.12 19.93
CA VAL C 113 18.18 -15.84 19.67
C VAL C 113 16.76 -15.90 20.22
N ILE C 114 16.40 -14.92 21.03
CA ILE C 114 15.10 -14.87 21.66
C ILE C 114 14.30 -13.77 20.97
N GLY C 115 13.16 -14.15 20.38
CA GLY C 115 12.36 -13.22 19.57
C GLY C 115 11.42 -12.32 20.36
N MET C 116 11.97 -11.24 20.91
CA MET C 116 11.17 -10.24 21.57
C MET C 116 10.14 -9.67 20.57
N GLY C 117 10.56 -9.54 19.32
CA GLY C 117 9.70 -9.04 18.27
C GLY C 117 9.95 -9.76 16.96
N ALA C 118 8.94 -9.77 16.09
CA ALA C 118 9.07 -10.34 14.78
C ALA C 118 8.62 -9.36 13.71
N CYS C 119 9.55 -8.98 12.85
CA CYS C 119 9.23 -8.35 11.57
C CYS C 119 8.64 -9.40 10.69
N TYR C 120 7.92 -8.99 9.65
CA TYR C 120 7.25 -9.96 8.80
C TYR C 120 6.94 -9.50 7.39
N ASP C 121 6.77 -10.51 6.53
CA ASP C 121 6.10 -10.37 5.24
C ASP C 121 4.62 -10.50 5.52
N SER C 122 3.77 -9.95 4.65
CA SER C 122 2.33 -10.03 4.87
C SER C 122 1.86 -11.47 5.10
N ASN C 123 1.25 -11.70 6.26
CA ASN C 123 0.60 -12.95 6.56
C ASN C 123 -0.90 -12.75 6.46
N PHE C 124 -1.58 -12.91 7.59
CA PHE C 124 -2.99 -12.63 7.70
C PHE C 124 -3.22 -11.52 8.73
N GLU C 125 -2.31 -10.54 8.74
CA GLU C 125 -2.59 -9.28 9.41
C GLU C 125 -3.83 -8.65 8.76
N ARG C 126 -3.94 -8.82 7.45
CA ARG C 126 -5.03 -8.25 6.65
C ARG C 126 -6.39 -8.73 7.13
N GLN C 127 -6.39 -9.89 7.80
CA GLN C 127 -7.59 -10.51 8.35
C GLN C 127 -8.15 -9.77 9.56
N TYR C 128 -7.30 -9.07 10.31
CA TYR C 128 -7.74 -8.34 11.49
C TYR C 128 -8.28 -6.92 11.23
N ASP C 129 -8.09 -6.41 10.01
CA ASP C 129 -8.56 -5.07 9.63
C ASP C 129 -7.91 -3.95 10.46
N ILE C 130 -6.57 -3.98 10.49
CA ILE C 130 -5.75 -3.07 11.29
C ILE C 130 -5.39 -1.82 10.48
N PRO C 131 -5.84 -0.63 10.93
CA PRO C 131 -5.68 0.65 10.22
C PRO C 131 -4.32 1.32 10.42
N GLY C 132 -3.29 0.52 10.60
CA GLY C 132 -1.94 1.02 10.76
C GLY C 132 -0.98 -0.14 10.70
N LYS C 133 0.26 0.09 11.04
CA LYS C 133 1.23 -0.97 11.03
C LYS C 133 1.24 -1.61 12.42
N TYR C 134 1.04 -2.92 12.46
CA TYR C 134 1.04 -3.66 13.70
C TYR C 134 2.41 -4.22 14.00
N SER C 135 2.87 -4.06 15.24
CA SER C 135 4.12 -4.68 15.69
C SER C 135 3.87 -5.99 16.45
N CYS C 136 4.47 -7.09 15.97
CA CYS C 136 4.35 -8.40 16.61
C CYS C 136 5.34 -8.55 17.72
N ILE C 137 4.87 -8.63 18.95
CA ILE C 137 5.78 -8.81 20.07
C ILE C 137 5.58 -10.16 20.74
N ALA C 138 6.58 -10.60 21.49
CA ALA C 138 6.45 -11.80 22.31
C ALA C 138 5.71 -11.44 23.59
N ASP C 139 5.35 -12.45 24.37
CA ASP C 139 4.87 -12.17 25.70
C ASP C 139 6.07 -11.76 26.54
N PHE C 140 5.94 -10.69 27.33
CA PHE C 140 7.09 -10.24 28.10
C PHE C 140 7.60 -11.25 29.14
N GLN C 141 6.68 -11.98 29.75
CA GLN C 141 7.05 -12.82 30.89
C GLN C 141 7.91 -13.96 30.40
N LEU C 142 7.50 -14.59 29.31
CA LEU C 142 8.22 -15.75 28.79
C LEU C 142 9.59 -15.32 28.30
N CYS C 143 9.60 -14.13 27.72
CA CYS C 143 10.78 -13.49 27.21
C CYS C 143 11.80 -13.29 28.32
N ARG C 144 11.35 -12.73 29.45
CA ARG C 144 12.22 -12.43 30.58
C ARG C 144 12.73 -13.72 31.26
N GLU C 145 11.83 -14.70 31.39
CA GLU C 145 12.17 -16.02 31.93
C GLU C 145 13.21 -16.77 31.11
N ALA C 146 13.20 -16.58 29.79
CA ALA C 146 14.14 -17.32 28.94
C ALA C 146 15.54 -16.75 29.07
N VAL C 147 15.64 -15.44 29.30
CA VAL C 147 16.92 -14.77 29.51
C VAL C 147 17.52 -15.23 30.83
N ASP C 148 16.74 -15.14 31.91
CA ASP C 148 17.17 -15.63 33.23
C ASP C 148 17.72 -17.04 33.13
N ALA C 149 17.06 -17.88 32.34
CA ALA C 149 17.49 -19.26 32.15
C ALA C 149 18.79 -19.34 31.37
N ALA C 150 18.86 -18.60 30.27
CA ALA C 150 20.08 -18.52 29.45
C ALA C 150 21.27 -18.04 30.29
N GLU C 151 21.01 -17.07 31.17
CA GLU C 151 21.99 -16.61 32.14
C GLU C 151 22.42 -17.71 33.14
N LYS C 152 21.46 -18.25 33.90
CA LYS C 152 21.74 -19.25 34.92
C LYS C 152 22.51 -20.46 34.39
N LEU C 153 22.26 -20.83 33.14
CA LEU C 153 22.94 -21.97 32.51
C LEU C 153 24.16 -21.54 31.72
N GLY C 154 24.32 -20.24 31.56
CA GLY C 154 25.50 -19.65 30.92
C GLY C 154 25.68 -19.91 29.43
N TYR C 155 24.57 -20.03 28.69
CA TYR C 155 24.61 -20.20 27.23
C TYR C 155 24.57 -18.85 26.50
N ARG C 156 25.17 -18.80 25.30
CA ARG C 156 25.24 -17.57 24.51
C ARG C 156 23.89 -17.27 23.87
N TYR C 157 23.40 -16.05 24.11
CA TYR C 157 22.08 -15.62 23.62
C TYR C 157 22.06 -14.15 23.25
N LYS C 158 21.12 -13.75 22.40
CA LYS C 158 20.76 -12.34 22.20
C LYS C 158 19.25 -12.22 22.14
N VAL C 159 18.74 -11.08 22.60
CA VAL C 159 17.32 -10.82 22.55
C VAL C 159 17.05 -9.55 21.74
N GLY C 160 16.09 -9.66 20.84
CA GLY C 160 15.80 -8.61 19.90
C GLY C 160 14.84 -9.06 18.84
N ASN C 161 14.96 -8.40 17.70
CA ASN C 161 13.98 -8.45 16.65
C ASN C 161 14.37 -9.53 15.67
N ILE C 162 13.41 -10.34 15.25
CA ILE C 162 13.62 -11.32 14.19
C ILE C 162 12.68 -11.07 13.01
N TYR C 163 12.87 -11.79 11.91
CA TYR C 163 12.06 -11.55 10.74
C TYR C 163 11.48 -12.86 10.21
N SER C 164 10.15 -12.91 10.21
CA SER C 164 9.41 -14.09 9.72
C SER C 164 9.08 -13.92 8.23
N ALA C 165 9.91 -14.56 7.39
CA ALA C 165 9.83 -14.41 5.94
C ALA C 165 8.85 -15.40 5.33
N ASN C 166 8.34 -15.07 4.14
CA ASN C 166 7.46 -15.97 3.40
C ASN C 166 8.22 -16.95 2.47
N TYR C 167 9.46 -16.62 2.14
CA TYR C 167 10.25 -17.41 1.19
C TYR C 167 11.42 -18.10 1.87
N PHE C 168 11.93 -19.17 1.26
CA PHE C 168 13.16 -19.78 1.74
C PHE C 168 14.30 -19.36 0.83
N TYR C 169 13.99 -19.27 -0.45
CA TYR C 169 14.96 -18.90 -1.47
C TYR C 169 14.62 -17.51 -2.00
N ASP C 170 15.63 -16.64 -2.06
CA ASP C 170 15.43 -15.24 -2.44
C ASP C 170 15.24 -15.04 -3.96
N ASP C 173 17.76 -10.32 -3.16
CA ASP C 173 18.60 -9.99 -2.00
C ASP C 173 17.99 -8.85 -1.20
N HIS C 174 17.00 -9.19 -0.38
CA HIS C 174 16.27 -8.22 0.43
C HIS C 174 16.70 -8.20 1.87
N SER C 175 17.91 -8.66 2.15
CA SER C 175 18.33 -8.77 3.53
C SER C 175 18.95 -7.48 4.05
N GLY C 176 19.43 -6.62 3.14
CA GLY C 176 20.19 -5.41 3.50
C GLY C 176 19.50 -4.48 4.50
N ALA C 177 18.30 -4.03 4.16
CA ALA C 177 17.58 -3.10 5.02
C ALA C 177 17.23 -3.74 6.37
N TRP C 178 16.88 -5.03 6.36
CA TRP C 178 16.67 -5.77 7.60
C TRP C 178 17.91 -5.76 8.45
N LYS C 179 19.06 -6.05 7.83
CA LYS C 179 20.33 -5.99 8.58
C LYS C 179 20.59 -4.58 9.14
N LYS C 180 20.30 -3.54 8.36
CA LYS C 180 20.51 -2.16 8.79
C LYS C 180 19.67 -1.85 10.03
N MET C 181 18.47 -2.45 10.08
CA MET C 181 17.53 -2.20 11.17
C MET C 181 17.88 -2.97 12.44
N GLY C 182 18.92 -3.79 12.37
CA GLY C 182 19.36 -4.55 13.55
C GLY C 182 18.56 -5.81 13.84
N VAL C 183 17.82 -6.30 12.85
CA VAL C 183 17.14 -7.59 12.96
C VAL C 183 18.20 -8.68 13.21
N LEU C 184 17.95 -9.56 14.17
CA LEU C 184 18.95 -10.57 14.58
C LEU C 184 19.09 -11.77 13.66
N ALA C 185 17.97 -12.26 13.14
CA ALA C 185 17.96 -13.49 12.39
C ALA C 185 16.65 -13.62 11.62
N VAL C 186 16.67 -14.46 10.60
CA VAL C 186 15.47 -14.76 9.82
C VAL C 186 14.97 -16.18 10.06
N GLU C 187 13.65 -16.33 10.14
CA GLU C 187 13.00 -17.65 10.07
C GLU C 187 11.68 -17.46 9.33
N MET C 188 10.71 -18.36 9.53
CA MET C 188 9.48 -18.29 8.72
C MET C 188 8.13 -18.35 9.47
N GLU C 189 8.15 -18.32 10.81
CA GLU C 189 6.92 -18.63 11.56
C GLU C 189 6.53 -17.69 12.70
N ALA C 190 7.49 -16.98 13.27
CA ALA C 190 7.27 -16.35 14.59
C ALA C 190 6.12 -15.33 14.64
N ALA C 191 6.07 -14.44 13.64
CA ALA C 191 5.16 -13.30 13.65
C ALA C 191 3.70 -13.72 13.74
N ALA C 192 3.30 -14.62 12.85
CA ALA C 192 1.93 -15.14 12.90
C ALA C 192 1.63 -15.71 14.28
N LEU C 193 2.64 -16.33 14.91
CA LEU C 193 2.42 -16.96 16.23
C LEU C 193 2.10 -15.90 17.26
N TYR C 194 2.88 -14.82 17.22
CA TYR C 194 2.73 -13.68 18.12
C TYR C 194 1.35 -13.10 17.95
N MET C 195 0.96 -12.82 16.70
CA MET C 195 -0.37 -12.24 16.39
C MET C 195 -1.55 -13.05 16.95
N ILE C 196 -1.56 -14.34 16.69
CA ILE C 196 -2.63 -15.18 17.18
C ILE C 196 -2.68 -15.23 18.72
N ALA C 197 -1.51 -15.23 19.36
CA ALA C 197 -1.45 -15.28 20.81
C ALA C 197 -2.01 -13.97 21.38
N ALA C 198 -1.50 -12.86 20.84
CA ALA C 198 -1.93 -11.52 21.24
C ALA C 198 -3.44 -11.41 21.14
N ARG C 199 -3.96 -11.72 19.96
CA ARG C 199 -5.39 -11.67 19.65
C ARG C 199 -6.20 -12.55 20.61
N ALA C 200 -5.61 -13.64 21.08
CA ALA C 200 -6.28 -14.53 22.03
C ALA C 200 -5.96 -14.27 23.51
N ARG C 201 -5.19 -13.21 23.80
CA ARG C 201 -4.76 -12.89 25.20
C ARG C 201 -4.01 -14.05 25.89
N LYS C 202 -3.28 -14.83 25.12
CA LYS C 202 -2.46 -15.91 25.68
C LYS C 202 -0.94 -15.64 25.42
N GLN C 203 -0.08 -16.61 25.72
CA GLN C 203 1.39 -16.39 25.72
C GLN C 203 2.19 -17.13 24.65
N ALA C 204 3.13 -16.42 24.03
CA ALA C 204 3.93 -16.94 22.94
C ALA C 204 5.38 -16.42 22.92
N LEU C 205 6.31 -17.30 22.55
CA LEU C 205 7.70 -16.95 22.37
C LEU C 205 8.33 -17.83 21.31
N CYS C 206 9.15 -17.21 20.47
CA CYS C 206 9.94 -17.94 19.51
C CYS C 206 11.40 -17.79 19.88
N MET C 207 12.11 -18.92 19.94
CA MET C 207 13.54 -18.95 20.18
C MET C 207 14.19 -19.73 19.06
N LEU C 208 15.39 -19.29 18.68
CA LEU C 208 16.08 -19.89 17.55
C LEU C 208 17.55 -20.14 17.89
N THR C 209 18.06 -21.29 17.44
CA THR C 209 19.49 -21.60 17.40
C THR C 209 20.02 -21.17 16.03
N ILE C 210 21.15 -20.46 16.00
CA ILE C 210 21.70 -19.99 14.72
C ILE C 210 22.42 -21.14 14.03
N SER C 211 21.92 -21.50 12.85
CA SER C 211 22.45 -22.64 12.06
C SER C 211 23.17 -22.17 10.81
N ASP C 212 22.80 -20.99 10.31
CA ASP C 212 23.42 -20.37 9.15
C ASP C 212 23.77 -18.93 9.49
N LEU C 213 24.78 -18.40 8.79
CA LEU C 213 25.18 -17.00 8.87
C LEU C 213 25.06 -16.35 7.49
N CYS C 214 24.16 -15.38 7.37
CA CYS C 214 23.91 -14.72 6.09
C CYS C 214 24.78 -13.48 5.94
N TYR C 215 26.10 -13.68 6.00
CA TYR C 215 27.11 -12.63 5.77
C TYR C 215 28.48 -13.24 5.48
N PHE C 230 21.26 -27.77 19.35
CA PHE C 230 19.81 -27.58 19.53
C PHE C 230 19.39 -27.91 20.96
N THR C 231 20.20 -28.73 21.62
CA THR C 231 19.86 -29.20 22.96
C THR C 231 19.96 -28.05 23.98
N GLN C 232 20.98 -27.21 23.83
CA GLN C 232 21.19 -26.08 24.73
C GLN C 232 19.97 -25.15 24.72
N MET C 233 19.30 -25.06 23.56
CA MET C 233 18.05 -24.31 23.41
C MET C 233 16.89 -24.97 24.14
N MET C 234 16.74 -26.28 23.95
CA MET C 234 15.65 -27.04 24.55
C MET C 234 15.51 -26.83 26.07
N GLU C 235 16.64 -26.76 26.77
CA GLU C 235 16.63 -26.63 28.23
C GLU C 235 16.09 -25.26 28.65
N VAL C 236 16.54 -24.22 27.96
CA VAL C 236 16.03 -22.85 28.17
C VAL C 236 14.52 -22.85 27.98
N ALA C 237 14.07 -23.41 26.85
CA ALA C 237 12.64 -23.53 26.56
C ALA C 237 11.87 -24.27 27.66
N LEU C 238 12.33 -25.47 28.03
CA LEU C 238 11.64 -26.31 29.01
C LEU C 238 11.49 -25.63 30.36
N SER C 239 12.47 -24.80 30.71
CA SER C 239 12.42 -23.99 31.94
C SER C 239 11.21 -23.07 31.97
N LEU C 240 10.56 -22.90 30.83
CA LEU C 240 9.35 -22.09 30.74
C LEU C 240 8.11 -22.95 30.99
N ALA C 241 8.32 -24.20 31.38
CA ALA C 241 7.22 -25.10 31.74
C ALA C 241 6.50 -24.60 32.99
N LYS C 242 5.19 -24.48 32.89
CA LYS C 242 4.33 -24.16 34.02
C LYS C 242 2.96 -24.84 33.93
N SER D 4 27.49 10.07 18.49
CA SER D 4 28.75 10.72 18.96
C SER D 4 29.62 11.28 17.84
N MET D 5 29.32 12.51 17.43
CA MET D 5 30.10 13.22 16.40
C MET D 5 30.18 14.70 16.78
N ALA D 6 31.24 15.08 17.50
CA ALA D 6 31.43 16.44 18.06
C ALA D 6 31.31 17.59 17.04
N GLU D 7 31.69 17.30 15.79
CA GLU D 7 31.65 18.27 14.69
C GLU D 7 30.25 18.85 14.45
N HIS D 8 29.20 18.03 14.62
CA HIS D 8 27.81 18.45 14.36
C HIS D 8 27.08 19.09 15.54
N CYS D 9 27.80 19.43 16.61
CA CYS D 9 27.17 20.01 17.81
C CYS D 9 27.62 21.45 18.06
N PRO D 10 26.68 22.38 18.32
CA PRO D 10 25.21 22.29 18.39
C PRO D 10 24.51 22.05 17.05
N THR D 11 23.25 21.60 17.13
CA THR D 11 22.40 21.35 15.95
C THR D 11 21.41 22.51 15.78
N PRO D 12 20.67 22.55 14.65
CA PRO D 12 19.65 23.60 14.59
C PRO D 12 18.50 23.44 15.60
N HIS D 13 18.46 22.33 16.34
CA HIS D 13 17.32 22.05 17.24
C HIS D 13 17.73 21.93 18.68
N ASN D 14 19.04 22.07 18.89
CA ASN D 14 19.67 21.77 20.17
C ASN D 14 20.94 22.61 20.28
N GLY D 15 20.94 23.56 21.22
CA GLY D 15 22.04 24.52 21.36
C GLY D 15 23.24 24.03 22.15
N ALA D 16 23.09 22.83 22.72
CA ALA D 16 24.12 22.16 23.52
C ALA D 16 25.38 21.80 22.71
N LYS D 17 26.53 22.03 23.33
CA LYS D 17 27.79 21.52 22.79
C LYS D 17 27.93 20.03 23.16
N TYR D 18 28.78 19.31 22.43
CA TYR D 18 29.05 17.91 22.71
C TYR D 18 29.59 17.77 24.12
N GLY D 19 29.14 16.74 24.82
CA GLY D 19 29.57 16.51 26.19
C GLY D 19 28.68 17.12 27.25
N GLU D 20 27.83 18.08 26.86
CA GLU D 20 26.93 18.72 27.83
C GLU D 20 25.68 17.86 28.11
N ILE D 21 25.34 16.97 27.17
CA ILE D 21 24.19 16.08 27.35
C ILE D 21 24.69 14.75 27.89
N ALA D 22 24.03 14.24 28.92
CA ALA D 22 24.48 13.01 29.59
C ALA D 22 24.27 11.78 28.72
N GLU D 23 24.73 10.63 29.20
CA GLU D 23 24.57 9.38 28.46
C GLU D 23 23.18 8.75 28.50
N THR D 24 22.37 9.20 29.47
CA THR D 24 20.99 8.84 29.54
C THR D 24 20.21 10.13 29.44
N VAL D 25 19.24 10.16 28.50
CA VAL D 25 18.29 11.26 28.41
C VAL D 25 16.86 10.79 28.63
N LEU D 26 16.13 11.47 29.51
CA LEU D 26 14.74 11.19 29.76
C LEU D 26 13.95 12.27 29.04
N MET D 27 12.83 11.86 28.42
CA MET D 27 12.16 12.71 27.48
C MET D 27 10.66 12.75 27.74
N ALA D 28 10.11 13.95 27.61
CA ALA D 28 8.68 14.19 27.72
C ALA D 28 8.29 15.21 26.65
N GLY D 29 7.00 15.24 26.32
CA GLY D 29 6.51 16.20 25.33
C GLY D 29 6.48 17.63 25.85
N ASP D 30 5.96 17.81 27.07
CA ASP D 30 5.81 19.13 27.70
C ASP D 30 7.10 19.67 28.32
N PRO D 31 7.54 20.86 27.89
CA PRO D 31 8.70 21.51 28.50
C PRO D 31 8.49 21.83 29.99
N LEU D 32 7.23 22.02 30.39
CA LEU D 32 6.90 22.30 31.80
C LEU D 32 7.17 21.11 32.71
N ARG D 33 6.73 19.91 32.30
CA ARG D 33 6.99 18.67 33.04
C ARG D 33 8.50 18.37 33.16
N VAL D 34 9.25 18.64 32.10
CA VAL D 34 10.70 18.46 32.06
C VAL D 34 11.38 19.31 33.13
N LYS D 35 10.97 20.58 33.22
CA LYS D 35 11.53 21.51 34.22
C LYS D 35 11.14 21.09 35.64
N LEU D 36 9.92 20.60 35.80
CA LEU D 36 9.46 20.09 37.08
C LEU D 36 10.30 18.89 37.53
N LEU D 37 10.57 17.95 36.62
CA LEU D 37 11.40 16.78 36.91
C LEU D 37 12.80 17.18 37.37
N ALA D 38 13.38 18.14 36.64
CA ALA D 38 14.71 18.67 36.97
C ALA D 38 14.76 19.36 38.34
N ASP D 39 13.85 20.30 38.57
CA ASP D 39 13.73 20.97 39.87
C ASP D 39 13.46 19.98 41.01
N THR D 40 12.72 18.92 40.71
CA THR D 40 12.29 17.99 41.75
C THR D 40 13.34 16.95 42.10
N TYR D 41 13.99 16.35 41.09
CA TYR D 41 14.90 15.21 41.30
C TYR D 41 16.40 15.44 41.07
N LEU D 42 16.79 16.48 40.34
CA LEU D 42 18.19 16.63 39.98
C LEU D 42 18.92 17.71 40.76
N THR D 43 20.22 17.50 40.96
CA THR D 43 21.10 18.46 41.63
C THR D 43 22.21 18.81 40.66
N ASP D 44 22.85 19.96 40.88
CA ASP D 44 23.87 20.46 39.95
C ASP D 44 23.33 20.65 38.53
N VAL D 45 22.07 21.08 38.45
CA VAL D 45 21.40 21.26 37.18
C VAL D 45 21.99 22.40 36.35
N VAL D 46 22.25 22.10 35.07
CA VAL D 46 22.58 23.11 34.07
C VAL D 46 21.68 22.95 32.84
N GLN D 47 21.13 24.07 32.39
CA GLN D 47 20.34 24.13 31.17
C GLN D 47 21.28 24.15 29.98
N TYR D 48 21.06 23.27 29.01
CA TYR D 48 21.94 23.21 27.84
C TYR D 48 21.29 23.66 26.56
N ASN D 49 19.96 23.59 26.54
CA ASN D 49 19.17 23.97 25.37
C ASN D 49 18.00 24.86 25.75
N SER D 50 17.72 25.83 24.89
CA SER D 50 16.46 26.56 24.97
C SER D 50 15.82 26.72 23.58
N VAL D 51 16.54 26.29 22.54
CA VAL D 51 16.10 26.36 21.15
C VAL D 51 14.68 25.81 20.97
N ARG D 52 13.82 26.59 20.32
CA ARG D 52 12.41 26.22 20.05
C ARG D 52 11.56 25.90 21.31
N GLY D 53 12.08 26.31 22.48
CA GLY D 53 11.45 26.01 23.78
C GLY D 53 11.68 24.57 24.21
N ALA D 54 12.45 23.83 23.40
CA ALA D 54 12.81 22.46 23.72
C ALA D 54 13.87 22.46 24.83
N VAL D 55 13.42 22.75 26.05
CA VAL D 55 14.31 22.91 27.20
C VAL D 55 14.98 21.58 27.50
N GLY D 56 16.28 21.64 27.81
CA GLY D 56 17.04 20.46 28.21
C GLY D 56 18.01 20.74 29.35
N TYR D 57 18.05 19.84 30.34
CA TYR D 57 18.86 20.05 31.54
C TYR D 57 19.70 18.84 31.80
N THR D 58 20.90 19.06 32.35
CA THR D 58 21.76 17.98 32.81
C THR D 58 21.98 18.15 34.29
N GLY D 59 21.85 17.07 35.04
CA GLY D 59 22.08 17.08 36.48
C GLY D 59 22.44 15.70 37.01
N TYR D 60 22.29 15.52 38.32
CA TYR D 60 22.64 14.27 38.97
C TYR D 60 21.48 13.72 39.75
N TYR D 61 21.30 12.40 39.70
CA TYR D 61 20.28 11.76 40.51
C TYR D 61 20.92 10.60 41.22
N LYS D 62 20.90 10.66 42.56
CA LYS D 62 21.59 9.68 43.42
C LYS D 62 22.99 9.37 42.91
N GLY D 63 23.73 10.40 42.51
CA GLY D 63 25.11 10.22 42.05
C GLY D 63 25.35 10.05 40.55
N VAL D 64 24.31 9.67 39.82
CA VAL D 64 24.47 9.40 38.40
C VAL D 64 24.03 10.59 37.54
N LYS D 65 24.90 11.01 36.63
CA LYS D 65 24.64 12.10 35.69
C LYS D 65 23.56 11.70 34.70
N LEU D 66 22.62 12.59 34.40
CA LEU D 66 21.57 12.31 33.40
C LEU D 66 20.95 13.58 32.85
N SER D 67 20.28 13.45 31.71
CA SER D 67 19.72 14.61 31.06
C SER D 67 18.23 14.44 30.94
N VAL D 68 17.53 15.58 30.90
CA VAL D 68 16.08 15.63 30.71
C VAL D 68 15.76 16.68 29.64
N GLN D 69 14.77 16.40 28.80
CA GLN D 69 14.60 17.20 27.57
C GLN D 69 13.20 17.08 27.03
N ALA D 70 12.67 18.22 26.58
CA ALA D 70 11.39 18.30 25.90
C ALA D 70 11.49 17.76 24.47
N HIS D 71 10.50 16.99 24.01
CA HIS D 71 10.54 16.45 22.63
C HIS D 71 9.43 16.86 21.71
N GLY D 72 8.58 17.79 22.15
CA GLY D 72 7.41 18.21 21.38
C GLY D 72 6.40 17.10 21.16
N MET D 73 5.48 17.33 20.25
CA MET D 73 4.40 16.39 19.95
C MET D 73 4.58 15.71 18.58
N GLY D 74 4.38 14.40 18.51
CA GLY D 74 4.42 13.68 17.24
C GLY D 74 5.73 12.97 16.91
N MET D 75 5.62 11.95 16.08
CA MET D 75 6.78 11.15 15.66
C MET D 75 7.85 11.93 14.90
N PRO D 76 7.46 12.81 13.96
CA PRO D 76 8.56 13.59 13.38
C PRO D 76 9.30 14.45 14.40
N SER D 77 8.59 14.93 15.43
CA SER D 77 9.23 15.76 16.45
C SER D 77 10.24 14.98 17.29
N ILE D 78 9.83 13.85 17.90
CA ILE D 78 10.76 13.02 18.67
C ILE D 78 11.85 12.50 17.76
N GLY D 79 11.50 12.22 16.51
CA GLY D 79 12.44 11.74 15.51
C GLY D 79 13.67 12.62 15.37
N ILE D 80 13.44 13.93 15.30
CA ILE D 80 14.54 14.86 15.19
C ILE D 80 15.44 14.82 16.42
N TYR D 81 14.86 14.81 17.62
CA TYR D 81 15.67 14.89 18.82
C TYR D 81 16.41 13.59 19.03
N ALA D 82 15.68 12.48 18.99
CA ALA D 82 16.31 11.19 19.23
C ALA D 82 17.42 10.95 18.23
N TYR D 83 17.21 11.32 16.97
CA TYR D 83 18.26 11.13 15.97
C TYR D 83 19.56 11.84 16.39
N GLU D 84 19.41 13.11 16.76
CA GLU D 84 20.54 13.94 17.13
C GLU D 84 21.23 13.41 18.36
N LEU D 85 20.47 13.10 19.40
CA LEU D 85 21.03 12.61 20.65
C LEU D 85 21.84 11.32 20.44
N PHE D 86 21.23 10.37 19.73
CA PHE D 86 21.87 9.09 19.46
C PHE D 86 23.12 9.20 18.58
N ASN D 87 23.04 10.06 17.56
CA ASN D 87 24.03 10.11 16.49
C ASN D 87 25.02 11.28 16.58
N PHE D 88 24.69 12.33 17.32
CA PHE D 88 25.64 13.43 17.48
C PHE D 88 26.13 13.60 18.92
N TYR D 89 25.25 13.38 19.89
CA TYR D 89 25.60 13.64 21.32
C TYR D 89 26.18 12.46 22.09
N GLY D 90 26.34 11.32 21.44
CA GLY D 90 26.87 10.11 22.06
C GLY D 90 25.98 9.50 23.14
N VAL D 91 24.68 9.76 23.07
CA VAL D 91 23.72 9.22 24.03
C VAL D 91 23.58 7.70 23.89
N LYS D 92 23.45 7.01 25.02
CA LYS D 92 23.30 5.56 25.01
C LYS D 92 21.86 5.13 25.28
N ARG D 93 21.16 5.87 26.14
CA ARG D 93 19.88 5.43 26.67
C ARG D 93 18.91 6.59 26.55
N ILE D 94 17.80 6.38 25.83
CA ILE D 94 16.69 7.35 25.90
C ILE D 94 15.42 6.71 26.44
N ILE D 95 14.95 7.20 27.58
CA ILE D 95 13.69 6.76 28.15
C ILE D 95 12.65 7.86 28.02
N ARG D 96 11.63 7.59 27.22
CA ARG D 96 10.50 8.50 27.13
C ARG D 96 9.48 8.18 28.23
N ILE D 97 8.91 9.24 28.79
CA ILE D 97 7.96 9.13 29.91
C ILE D 97 6.81 10.03 29.59
N GLY D 98 5.65 9.45 29.28
CA GLY D 98 4.48 10.27 28.93
C GLY D 98 3.13 9.88 29.51
N SER D 99 2.11 10.66 29.15
CA SER D 99 0.70 10.26 29.38
C SER D 99 0.16 9.51 28.18
N ALA D 100 -0.85 8.68 28.44
CA ALA D 100 -1.46 7.84 27.40
C ALA D 100 -2.90 7.59 27.74
N GLY D 101 -3.69 7.30 26.71
CA GLY D 101 -5.07 6.87 26.89
C GLY D 101 -5.09 5.35 26.97
N ALA D 102 -5.91 4.80 27.86
CA ALA D 102 -6.05 3.34 28.00
C ALA D 102 -6.96 2.72 26.95
N PHE D 103 -6.47 1.71 26.23
CA PHE D 103 -7.35 0.87 25.39
C PHE D 103 -7.80 -0.35 26.19
N ASP D 104 -6.87 -0.95 26.94
CA ASP D 104 -7.17 -2.12 27.78
C ASP D 104 -8.07 -1.76 28.98
N GLU D 105 -9.18 -2.48 29.11
CA GLU D 105 -10.21 -2.14 30.10
C GLU D 105 -9.83 -2.36 31.58
N SER D 106 -8.88 -3.24 31.84
CA SER D 106 -8.44 -3.48 33.22
C SER D 106 -7.45 -2.41 33.72
N LEU D 107 -7.01 -1.51 32.85
CA LEU D 107 -6.11 -0.43 33.24
C LEU D 107 -6.85 0.66 34.02
N LYS D 108 -6.26 1.13 35.12
CA LYS D 108 -6.81 2.29 35.86
C LYS D 108 -5.96 3.55 35.65
N LEU D 109 -6.61 4.71 35.72
CA LEU D 109 -5.94 6.01 35.80
C LEU D 109 -4.85 5.93 36.86
N GLY D 110 -3.60 6.19 36.49
CA GLY D 110 -2.48 6.06 37.41
C GLY D 110 -1.54 4.89 37.09
N ASP D 111 -2.07 3.91 36.34
CA ASP D 111 -1.28 2.74 35.97
C ASP D 111 -0.15 3.08 35.02
N ILE D 112 0.98 2.42 35.22
CA ILE D 112 2.10 2.62 34.32
C ILE D 112 2.00 1.59 33.20
N VAL D 113 2.26 2.05 31.98
CA VAL D 113 2.31 1.15 30.85
C VAL D 113 3.71 1.17 30.29
N ILE D 114 4.32 -0.03 30.21
CA ILE D 114 5.65 -0.25 29.67
C ILE D 114 5.55 -0.77 28.24
N GLY D 115 5.95 0.07 27.29
CA GLY D 115 5.80 -0.23 25.87
C GLY D 115 6.87 -1.13 25.29
N MET D 116 6.74 -2.43 25.56
CA MET D 116 7.63 -3.46 25.00
C MET D 116 7.64 -3.33 23.48
N GLY D 117 6.52 -2.92 22.91
CA GLY D 117 6.40 -2.76 21.46
C GLY D 117 5.49 -1.61 21.11
N ALA D 118 5.64 -1.13 19.88
CA ALA D 118 4.79 -0.03 19.46
C ALA D 118 4.25 -0.22 18.04
N CYS D 119 2.92 -0.31 17.94
CA CYS D 119 2.25 -0.20 16.64
C CYS D 119 2.22 1.27 16.26
N TYR D 120 1.91 1.55 14.99
CA TYR D 120 2.10 2.91 14.47
C TYR D 120 1.44 3.17 13.14
N ASP D 121 1.13 4.46 12.96
CA ASP D 121 0.83 5.06 11.66
C ASP D 121 2.17 5.37 11.01
N SER D 122 2.20 5.39 9.68
CA SER D 122 3.46 5.62 8.98
C SER D 122 4.15 6.89 9.45
N ASN D 123 5.36 6.73 9.99
CA ASN D 123 6.22 7.87 10.27
C ASN D 123 7.31 7.86 9.21
N PHE D 124 8.55 7.61 9.62
CA PHE D 124 9.65 7.43 8.68
C PHE D 124 10.21 5.99 8.68
N GLU D 125 9.37 5.02 8.33
CA GLU D 125 9.86 3.69 7.99
C GLU D 125 10.16 3.61 6.48
N ARG D 126 9.47 4.42 5.68
CA ARG D 126 9.66 4.44 4.22
C ARG D 126 11.02 5.00 3.84
N GLN D 127 11.57 5.87 4.68
CA GLN D 127 12.92 6.37 4.46
C GLN D 127 14.00 5.31 4.76
N TYR D 128 13.65 4.25 5.49
CA TYR D 128 14.58 3.15 5.74
C TYR D 128 14.54 2.08 4.64
N ASP D 129 13.66 2.30 3.67
CA ASP D 129 13.47 1.42 2.52
C ASP D 129 13.28 -0.05 2.91
N ILE D 130 12.43 -0.29 3.90
CA ILE D 130 12.25 -1.65 4.42
C ILE D 130 11.22 -2.47 3.60
N PRO D 131 11.65 -3.59 3.01
CA PRO D 131 10.83 -4.39 2.09
C PRO D 131 9.84 -5.34 2.77
N GLY D 132 9.15 -4.87 3.80
CA GLY D 132 8.24 -5.72 4.55
C GLY D 132 7.70 -4.92 5.69
N LYS D 133 7.06 -5.60 6.64
CA LYS D 133 6.45 -4.93 7.77
C LYS D 133 7.42 -4.94 8.95
N TYR D 134 7.76 -3.76 9.48
CA TYR D 134 8.70 -3.65 10.58
C TYR D 134 8.03 -3.55 11.98
N SER D 135 8.45 -4.40 12.91
CA SER D 135 7.93 -4.32 14.28
C SER D 135 8.88 -3.49 15.15
N CYS D 136 8.37 -2.39 15.69
CA CYS D 136 9.15 -1.51 16.59
C CYS D 136 9.14 -2.02 18.02
N ILE D 137 10.32 -2.33 18.54
CA ILE D 137 10.48 -2.85 19.91
C ILE D 137 11.39 -1.96 20.76
N ALA D 138 11.15 -2.00 22.07
CA ALA D 138 12.00 -1.37 23.06
C ALA D 138 13.28 -2.18 23.25
N ASP D 139 14.28 -1.61 23.92
CA ASP D 139 15.44 -2.39 24.32
C ASP D 139 15.01 -3.31 25.46
N PHE D 140 15.29 -4.61 25.33
CA PHE D 140 14.90 -5.57 26.36
C PHE D 140 15.46 -5.31 27.77
N GLN D 141 16.74 -4.96 27.89
CA GLN D 141 17.31 -4.72 29.22
C GLN D 141 16.59 -3.57 29.93
N LEU D 142 16.32 -2.48 29.21
CA LEU D 142 15.68 -1.31 29.79
C LEU D 142 14.27 -1.69 30.24
N CYS D 143 13.64 -2.51 29.42
CA CYS D 143 12.31 -3.00 29.64
C CYS D 143 12.23 -3.82 30.92
N ARG D 144 13.14 -4.77 31.03
CA ARG D 144 13.25 -5.64 32.19
C ARG D 144 13.53 -4.84 33.46
N GLU D 145 14.34 -3.79 33.32
CA GLU D 145 14.72 -2.98 34.46
C GLU D 145 13.53 -2.16 34.94
N ALA D 146 12.67 -1.76 34.01
CA ALA D 146 11.50 -0.95 34.37
C ALA D 146 10.46 -1.78 35.08
N VAL D 147 10.28 -3.02 34.65
CA VAL D 147 9.34 -3.94 35.28
C VAL D 147 9.83 -4.28 36.68
N ASP D 148 11.10 -4.61 36.84
CA ASP D 148 11.68 -4.90 38.17
C ASP D 148 11.45 -3.78 39.15
N ALA D 149 11.75 -2.56 38.73
CA ALA D 149 11.58 -1.36 39.54
C ALA D 149 10.14 -1.15 39.98
N ALA D 150 9.22 -1.30 39.04
CA ALA D 150 7.80 -1.12 39.31
C ALA D 150 7.31 -2.18 40.28
N GLU D 151 7.74 -3.44 40.08
CA GLU D 151 7.30 -4.55 40.92
C GLU D 151 7.84 -4.34 42.32
N LYS D 152 9.15 -4.07 42.42
CA LYS D 152 9.82 -3.82 43.70
C LYS D 152 9.22 -2.64 44.45
N LEU D 153 8.91 -1.56 43.72
CA LEU D 153 8.30 -0.38 44.32
C LEU D 153 6.81 -0.56 44.53
N GLY D 154 6.27 -1.62 43.94
CA GLY D 154 4.86 -1.97 44.12
C GLY D 154 3.88 -1.08 43.38
N TYR D 155 4.29 -0.51 42.25
CA TYR D 155 3.35 0.28 41.45
C TYR D 155 2.63 -0.62 40.45
N ARG D 156 1.32 -0.34 40.27
CA ARG D 156 0.50 -1.02 39.26
C ARG D 156 0.99 -0.75 37.83
N TYR D 157 1.34 -1.80 37.10
CA TYR D 157 1.92 -1.63 35.76
C TYR D 157 1.44 -2.70 34.79
N LYS D 158 1.52 -2.40 33.50
CA LYS D 158 1.30 -3.42 32.51
C LYS D 158 2.32 -3.25 31.42
N VAL D 159 2.90 -4.37 30.97
CA VAL D 159 3.88 -4.33 29.89
C VAL D 159 3.34 -5.05 28.67
N GLY D 160 3.42 -4.38 27.52
CA GLY D 160 3.02 -4.97 26.28
C GLY D 160 3.07 -3.96 25.16
N ASN D 161 2.05 -4.00 24.31
CA ASN D 161 2.03 -3.27 23.07
C ASN D 161 1.36 -1.94 23.29
N ILE D 162 1.90 -0.90 22.64
CA ILE D 162 1.22 0.41 22.55
C ILE D 162 1.10 0.85 21.09
N TYR D 163 0.36 1.95 20.89
CA TYR D 163 0.08 2.45 19.57
C TYR D 163 0.50 3.91 19.43
N SER D 164 1.47 4.17 18.55
CA SER D 164 1.88 5.55 18.24
C SER D 164 1.03 6.12 17.11
N ALA D 165 -0.01 6.86 17.49
CA ALA D 165 -0.89 7.53 16.54
C ALA D 165 -0.29 8.82 16.00
N ASN D 166 -0.70 9.17 14.78
CA ASN D 166 -0.28 10.43 14.18
C ASN D 166 -1.30 11.53 14.40
N TYR D 167 -2.43 11.20 15.01
CA TYR D 167 -3.53 12.12 15.19
C TYR D 167 -3.87 12.15 16.67
N PHE D 168 -4.43 13.27 17.11
CA PHE D 168 -5.01 13.38 18.45
C PHE D 168 -6.52 13.27 18.33
N TYR D 169 -7.06 13.97 17.33
CA TYR D 169 -8.49 13.98 17.07
C TYR D 169 -8.85 13.04 15.93
N ASP D 170 -9.42 11.89 16.30
CA ASP D 170 -9.76 10.82 15.35
C ASP D 170 -10.67 11.27 14.19
N ASP D 173 -13.68 6.49 14.72
CA ASP D 173 -13.59 5.38 15.65
C ASP D 173 -12.80 4.19 15.09
N HIS D 174 -11.52 4.42 14.89
CA HIS D 174 -10.61 3.38 14.39
C HIS D 174 -9.97 2.55 15.50
N SER D 175 -10.29 2.87 16.76
CA SER D 175 -9.59 2.30 17.92
C SER D 175 -9.88 0.82 18.20
N GLY D 176 -11.02 0.35 17.67
CA GLY D 176 -11.55 -0.97 17.95
C GLY D 176 -10.59 -2.08 17.59
N ALA D 177 -10.13 -2.07 16.34
CA ALA D 177 -9.21 -3.10 15.87
C ALA D 177 -7.92 -3.15 16.71
N TRP D 178 -7.43 -1.99 17.12
CA TRP D 178 -6.29 -1.95 18.04
C TRP D 178 -6.63 -2.65 19.31
N LYS D 179 -7.85 -2.42 19.82
CA LYS D 179 -8.28 -3.01 21.08
C LYS D 179 -8.33 -4.55 20.98
N LYS D 180 -8.94 -5.05 19.90
CA LYS D 180 -9.03 -6.49 19.67
C LYS D 180 -7.64 -7.14 19.56
N MET D 181 -6.69 -6.42 18.96
CA MET D 181 -5.30 -6.90 18.87
C MET D 181 -4.54 -6.80 20.16
N GLY D 182 -5.18 -6.34 21.23
CA GLY D 182 -4.53 -6.34 22.54
C GLY D 182 -3.58 -5.19 22.83
N VAL D 183 -3.63 -4.13 22.02
CA VAL D 183 -2.83 -2.95 22.27
C VAL D 183 -3.29 -2.33 23.58
N LEU D 184 -2.34 -1.91 24.43
CA LEU D 184 -2.67 -1.41 25.76
C LEU D 184 -3.11 0.05 25.80
N ALA D 185 -2.39 0.91 25.10
CA ALA D 185 -2.59 2.33 25.30
C ALA D 185 -2.20 3.07 24.04
N VAL D 186 -2.77 4.25 23.84
CA VAL D 186 -2.39 5.11 22.71
C VAL D 186 -1.58 6.34 23.17
N GLU D 187 -0.55 6.66 22.41
CA GLU D 187 0.21 7.87 22.58
C GLU D 187 0.65 8.28 21.18
N MET D 188 1.72 9.07 21.07
CA MET D 188 2.08 9.66 19.78
C MET D 188 3.55 9.64 19.36
N GLU D 189 4.44 9.00 20.13
CA GLU D 189 5.90 9.17 19.88
C GLU D 189 6.80 7.94 19.81
N ALA D 190 6.40 6.86 20.47
CA ALA D 190 7.27 5.71 20.71
C ALA D 190 7.87 5.09 19.47
N ALA D 191 7.04 4.80 18.49
CA ALA D 191 7.49 4.06 17.33
C ALA D 191 8.71 4.69 16.64
N ALA D 192 8.71 6.01 16.48
CA ALA D 192 9.82 6.68 15.86
C ALA D 192 11.08 6.52 16.72
N LEU D 193 10.96 6.70 18.04
CA LEU D 193 12.12 6.57 18.94
C LEU D 193 12.69 5.16 18.89
N TYR D 194 11.81 4.17 19.01
CA TYR D 194 12.20 2.79 18.91
C TYR D 194 12.93 2.53 17.58
N MET D 195 12.35 3.02 16.48
CA MET D 195 12.92 2.84 15.14
C MET D 195 14.34 3.41 15.05
N ILE D 196 14.47 4.65 15.48
CA ILE D 196 15.73 5.35 15.45
C ILE D 196 16.78 4.67 16.36
N ALA D 197 16.39 4.22 17.54
CA ALA D 197 17.31 3.47 18.41
C ALA D 197 17.87 2.22 17.72
N ALA D 198 16.98 1.43 17.12
CA ALA D 198 17.35 0.16 16.51
C ALA D 198 18.42 0.38 15.44
N ARG D 199 18.14 1.32 14.55
CA ARG D 199 19.04 1.74 13.48
C ARG D 199 20.38 2.27 14.03
N ALA D 200 20.35 2.94 15.19
CA ALA D 200 21.57 3.44 15.83
C ALA D 200 22.29 2.38 16.65
N ARG D 201 21.62 1.26 16.92
CA ARG D 201 22.10 0.25 17.89
C ARG D 201 22.23 0.81 19.31
N LYS D 202 21.28 1.62 19.74
CA LYS D 202 21.27 2.12 21.12
C LYS D 202 19.98 1.68 21.80
N GLN D 203 19.75 2.18 23.00
CA GLN D 203 18.64 1.71 23.84
C GLN D 203 17.51 2.72 24.00
N ALA D 204 16.29 2.31 23.70
CA ALA D 204 15.11 3.14 23.94
C ALA D 204 14.07 2.40 24.72
N LEU D 205 13.29 3.14 25.51
CA LEU D 205 12.11 2.62 26.20
C LEU D 205 11.10 3.71 26.38
N CYS D 206 9.83 3.41 26.13
CA CYS D 206 8.78 4.38 26.37
C CYS D 206 7.90 3.84 27.47
N MET D 207 7.75 4.65 28.52
CA MET D 207 6.89 4.38 29.69
C MET D 207 5.75 5.38 29.74
N LEU D 208 4.56 4.93 30.11
CA LEU D 208 3.42 5.82 30.18
C LEU D 208 2.64 5.70 31.47
N THR D 209 1.99 6.80 31.86
CA THR D 209 0.95 6.79 32.91
C THR D 209 -0.42 7.00 32.26
N ILE D 210 -1.40 6.21 32.66
CA ILE D 210 -2.75 6.37 32.10
C ILE D 210 -3.44 7.60 32.67
N SER D 211 -3.63 8.60 31.82
CA SER D 211 -4.31 9.85 32.20
C SER D 211 -5.75 9.94 31.71
N ASP D 212 -6.05 9.18 30.65
CA ASP D 212 -7.39 9.12 30.06
C ASP D 212 -7.81 7.68 29.83
N LEU D 213 -9.05 7.36 30.14
CA LEU D 213 -9.58 6.03 29.82
C LEU D 213 -10.36 6.14 28.52
N CYS D 214 -10.01 5.30 27.54
CA CYS D 214 -10.67 5.34 26.23
C CYS D 214 -11.75 4.27 26.14
N TYR D 215 -12.55 4.18 27.19
CA TYR D 215 -13.61 3.21 27.29
C TYR D 215 -14.43 3.55 28.54
N GLY D 216 -15.64 3.00 28.63
CA GLY D 216 -16.53 3.32 29.74
C GLY D 216 -16.91 4.79 29.70
N SER D 217 -17.20 5.36 30.86
CA SER D 217 -17.59 6.78 30.97
C SER D 217 -16.49 7.75 30.50
N GLY D 218 -15.27 7.25 30.45
CA GLY D 218 -14.14 8.02 29.95
C GLY D 218 -13.64 9.00 30.99
N GLU D 219 -13.51 8.53 32.24
CA GLU D 219 -12.95 9.33 33.32
C GLU D 219 -11.53 9.77 32.96
N LYS D 220 -11.31 11.08 32.99
CA LYS D 220 -9.98 11.65 32.79
C LYS D 220 -9.44 12.18 34.12
N MET D 221 -8.11 12.21 34.25
CA MET D 221 -7.44 12.64 35.48
C MET D 221 -7.75 14.06 35.90
N THR D 222 -7.95 14.24 37.21
CA THR D 222 -8.11 15.56 37.83
C THR D 222 -6.92 16.45 37.51
N ALA D 223 -7.22 17.72 37.19
CA ALA D 223 -6.24 18.72 36.77
C ALA D 223 -4.94 18.71 37.56
N GLU D 224 -5.02 18.31 38.83
CA GLU D 224 -3.86 18.21 39.71
C GLU D 224 -2.94 17.06 39.29
N GLU D 225 -3.55 15.88 39.08
CA GLU D 225 -2.81 14.64 38.82
C GLU D 225 -1.99 14.62 37.54
N ARG D 226 -2.48 15.29 36.48
CA ARG D 226 -1.77 15.38 35.21
C ARG D 226 -0.45 16.16 35.35
N ARG D 227 -0.35 16.93 36.44
CA ARG D 227 0.88 17.64 36.82
C ARG D 227 1.51 17.07 38.11
N THR D 228 0.83 16.12 38.77
CA THR D 228 1.25 15.67 40.10
C THR D 228 1.23 14.15 40.38
N LYS D 229 0.62 13.38 39.47
CA LYS D 229 0.54 11.93 39.65
C LYS D 229 1.41 11.19 38.64
N PHE D 230 2.35 11.93 38.03
CA PHE D 230 3.31 11.35 37.10
C PHE D 230 4.61 11.01 37.84
N THR D 231 4.58 11.24 39.16
CA THR D 231 5.69 11.01 40.11
C THR D 231 6.26 9.60 40.09
N GLN D 232 5.37 8.62 40.20
CA GLN D 232 5.77 7.23 40.34
C GLN D 232 6.49 6.72 39.11
N MET D 233 6.03 7.15 37.94
CA MET D 233 6.67 6.81 36.68
C MET D 233 8.05 7.45 36.56
N MET D 234 8.19 8.68 37.01
CA MET D 234 9.48 9.37 37.00
C MET D 234 10.50 8.61 37.85
N GLU D 235 10.06 8.14 39.02
CA GLU D 235 10.92 7.35 39.89
C GLU D 235 11.39 6.05 39.23
N VAL D 236 10.50 5.40 38.50
CA VAL D 236 10.91 4.20 37.78
C VAL D 236 11.91 4.57 36.69
N ALA D 237 11.54 5.54 35.85
CA ALA D 237 12.41 5.99 34.77
C ALA D 237 13.81 6.37 35.27
N LEU D 238 13.85 7.17 36.33
CA LEU D 238 15.09 7.65 36.95
C LEU D 238 16.00 6.51 37.39
N SER D 239 15.41 5.43 37.90
CA SER D 239 16.18 4.30 38.37
C SER D 239 16.90 3.56 37.23
N LEU D 240 16.51 3.84 35.98
CA LEU D 240 17.09 3.18 34.81
C LEU D 240 18.35 3.89 34.28
N ALA D 241 18.58 5.11 34.76
CA ALA D 241 19.76 5.90 34.44
C ALA D 241 21.07 5.24 34.88
N LYS D 242 22.01 5.18 33.94
CA LYS D 242 23.38 4.72 34.21
C LYS D 242 24.40 5.67 33.56
N MET E 5 -19.48 24.99 20.33
CA MET E 5 -18.11 25.18 19.76
C MET E 5 -17.17 25.82 20.79
N ALA E 6 -17.59 26.97 21.33
CA ALA E 6 -16.86 27.63 22.41
C ALA E 6 -16.79 26.73 23.64
N GLU E 7 -17.74 25.80 23.74
CA GLU E 7 -17.81 24.83 24.83
C GLU E 7 -16.50 24.04 25.05
N HIS E 8 -15.79 23.75 23.96
CA HIS E 8 -14.56 22.92 24.01
C HIS E 8 -13.27 23.70 24.18
N CYS E 9 -13.40 24.95 24.60
CA CYS E 9 -12.25 25.78 24.96
C CYS E 9 -12.25 26.04 26.48
N PRO E 10 -11.06 25.99 27.12
CA PRO E 10 -9.73 25.74 26.55
C PRO E 10 -9.54 24.29 26.12
N THR E 11 -8.50 24.05 25.34
CA THR E 11 -8.14 22.70 24.94
C THR E 11 -6.96 22.23 25.79
N PRO E 12 -6.68 20.91 25.77
CA PRO E 12 -5.48 20.40 26.45
C PRO E 12 -4.16 20.99 25.91
N HIS E 13 -4.19 21.67 24.76
CA HIS E 13 -2.96 22.19 24.14
C HIS E 13 -2.92 23.69 24.01
N ASN E 14 -3.99 24.35 24.44
CA ASN E 14 -4.16 25.79 24.24
C ASN E 14 -4.98 26.36 25.38
N GLY E 15 -4.37 27.26 26.15
CA GLY E 15 -4.98 27.77 27.38
C GLY E 15 -5.95 28.92 27.19
N ALA E 16 -6.10 29.36 25.94
CA ALA E 16 -6.93 30.52 25.61
C ALA E 16 -8.42 30.22 25.66
N LYS E 17 -9.20 31.23 26.05
CA LYS E 17 -10.65 31.14 26.01
C LYS E 17 -11.12 31.50 24.60
N TYR E 18 -12.33 31.10 24.23
CA TYR E 18 -12.91 31.47 22.94
C TYR E 18 -12.98 32.99 22.79
N GLY E 19 -12.73 33.47 21.58
CA GLY E 19 -12.72 34.91 21.30
C GLY E 19 -11.35 35.53 21.51
N GLU E 20 -10.49 34.84 22.27
CA GLU E 20 -9.18 35.36 22.63
C GLU E 20 -8.18 35.32 21.47
N ILE E 21 -8.50 34.49 20.48
CA ILE E 21 -7.63 34.28 19.31
C ILE E 21 -8.34 34.83 18.08
N ALA E 22 -7.62 35.65 17.31
CA ALA E 22 -8.18 36.36 16.14
C ALA E 22 -8.61 35.45 15.00
N GLU E 23 -9.30 36.03 14.01
CA GLU E 23 -9.77 35.32 12.81
C GLU E 23 -8.66 34.96 11.83
N THR E 24 -7.50 35.62 11.94
CA THR E 24 -6.33 35.30 11.12
C THR E 24 -5.16 35.00 12.04
N VAL E 25 -4.69 33.76 12.03
CA VAL E 25 -3.50 33.39 12.79
C VAL E 25 -2.32 33.20 11.83
N LEU E 26 -1.19 33.81 12.16
CA LEU E 26 0.06 33.49 11.51
C LEU E 26 0.80 32.50 12.39
N MET E 27 1.40 31.47 11.79
CA MET E 27 2.09 30.44 12.57
C MET E 27 3.51 30.14 12.08
N ALA E 28 4.42 29.98 13.03
CA ALA E 28 5.74 29.48 12.72
C ALA E 28 6.07 28.38 13.72
N GLY E 29 7.06 27.56 13.40
CA GLY E 29 7.51 26.52 14.31
C GLY E 29 8.15 27.06 15.56
N ASP E 30 8.98 28.09 15.40
CA ASP E 30 9.76 28.60 16.52
C ASP E 30 8.99 29.59 17.43
N PRO E 31 8.85 29.25 18.73
CA PRO E 31 8.27 30.19 19.71
C PRO E 31 9.08 31.50 19.84
N LEU E 32 10.38 31.43 19.60
CA LEU E 32 11.23 32.62 19.55
C LEU E 32 10.87 33.51 18.36
N ARG E 33 10.59 32.92 17.20
CA ARG E 33 10.16 33.71 16.03
C ARG E 33 8.75 34.26 16.24
N VAL E 34 7.89 33.48 16.89
CA VAL E 34 6.52 33.90 17.20
C VAL E 34 6.55 35.06 18.20
N LYS E 35 7.36 34.92 19.25
CA LYS E 35 7.56 35.99 20.24
C LYS E 35 8.17 37.26 19.63
N LEU E 36 9.08 37.10 18.68
CA LEU E 36 9.71 38.23 17.99
C LEU E 36 8.72 38.97 17.10
N LEU E 37 8.06 38.25 16.20
CA LEU E 37 7.12 38.82 15.21
C LEU E 37 6.05 39.67 15.89
N ALA E 38 5.55 39.18 17.02
CA ALA E 38 4.59 39.90 17.85
C ALA E 38 5.17 41.22 18.37
N ASP E 39 6.34 41.14 19.01
CA ASP E 39 7.06 42.31 19.53
C ASP E 39 7.41 43.31 18.41
N THR E 40 7.71 42.80 17.22
CA THR E 40 8.20 43.63 16.13
C THR E 40 7.08 44.41 15.41
N TYR E 41 5.95 43.76 15.15
CA TYR E 41 4.90 44.31 14.27
C TYR E 41 3.57 44.68 14.93
N LEU E 42 3.30 44.13 16.10
CA LEU E 42 1.98 44.27 16.72
C LEU E 42 1.96 45.20 17.95
N THR E 43 0.97 46.08 17.97
CA THR E 43 0.66 46.88 19.16
C THR E 43 -0.41 46.16 19.99
N ASP E 44 -0.43 46.47 21.29
CA ASP E 44 -1.39 45.89 22.24
C ASP E 44 -1.22 44.37 22.35
N VAL E 45 0.01 43.88 22.30
CA VAL E 45 0.29 42.44 22.32
C VAL E 45 -0.14 41.78 23.64
N VAL E 46 -0.98 40.75 23.56
CA VAL E 46 -1.47 40.04 24.73
C VAL E 46 -1.28 38.53 24.55
N GLN E 47 -0.57 37.90 25.47
CA GLN E 47 -0.29 36.46 25.41
C GLN E 47 -1.51 35.65 25.85
N TYR E 48 -2.00 34.79 24.96
CA TYR E 48 -3.16 33.95 25.23
C TYR E 48 -2.82 32.50 25.57
N ASN E 49 -1.68 32.01 25.09
CA ASN E 49 -1.27 30.64 25.39
C ASN E 49 0.16 30.52 25.86
N SER E 50 0.39 29.60 26.78
CA SER E 50 1.73 29.18 27.17
C SER E 50 1.81 27.67 27.42
N VAL E 51 0.65 27.00 27.38
CA VAL E 51 0.57 25.55 27.54
C VAL E 51 1.52 24.86 26.56
N ARG E 52 2.30 23.90 27.04
CA ARG E 52 3.20 23.13 26.17
C ARG E 52 4.36 23.98 25.62
N GLY E 53 4.54 25.16 26.20
CA GLY E 53 5.57 26.11 25.77
C GLY E 53 5.24 26.82 24.47
N ALA E 54 4.11 26.45 23.86
CA ALA E 54 3.72 26.95 22.54
C ALA E 54 2.95 28.28 22.62
N VAL E 55 3.71 29.37 22.56
CA VAL E 55 3.16 30.70 22.81
C VAL E 55 2.19 31.17 21.73
N GLY E 56 1.22 31.97 22.15
CA GLY E 56 0.23 32.56 21.26
C GLY E 56 -0.14 33.96 21.72
N TYR E 57 -0.08 34.92 20.80
CA TYR E 57 -0.35 36.33 21.09
C TYR E 57 -1.42 36.89 20.16
N THR E 58 -2.23 37.82 20.68
CA THR E 58 -3.17 38.58 19.88
C THR E 58 -2.78 40.04 19.97
N GLY E 59 -3.01 40.80 18.89
CA GLY E 59 -2.60 42.20 18.81
C GLY E 59 -3.11 42.89 17.56
N TYR E 60 -2.47 44.01 17.21
CA TYR E 60 -2.93 44.86 16.11
C TYR E 60 -1.84 45.23 15.10
N TYR E 61 -2.15 45.01 13.83
CA TYR E 61 -1.27 45.40 12.74
C TYR E 61 -2.13 46.13 11.72
N LYS E 62 -1.88 47.43 11.57
CA LYS E 62 -2.63 48.30 10.65
C LYS E 62 -4.16 48.16 10.81
N GLY E 63 -4.65 48.19 12.05
CA GLY E 63 -6.08 48.21 12.31
C GLY E 63 -6.76 46.87 12.54
N VAL E 64 -6.37 45.87 11.76
CA VAL E 64 -6.93 44.52 11.86
C VAL E 64 -6.37 43.78 13.08
N LYS E 65 -7.27 43.11 13.81
CA LYS E 65 -6.87 42.24 14.91
C LYS E 65 -6.21 41.01 14.31
N LEU E 66 -5.18 40.49 14.99
CA LEU E 66 -4.31 39.46 14.44
C LEU E 66 -3.69 38.66 15.57
N SER E 67 -3.62 37.35 15.41
CA SER E 67 -2.94 36.49 16.38
C SER E 67 -1.71 35.78 15.80
N VAL E 68 -0.75 35.47 16.66
CA VAL E 68 0.38 34.62 16.26
C VAL E 68 0.52 33.44 17.20
N GLN E 69 0.92 32.28 16.65
CA GLN E 69 1.15 31.08 17.46
C GLN E 69 2.26 30.19 16.90
N ALA E 70 2.97 29.53 17.81
CA ALA E 70 3.96 28.50 17.45
C ALA E 70 3.25 27.16 17.20
N HIS E 71 3.82 26.34 16.32
CA HIS E 71 3.21 25.05 16.00
C HIS E 71 4.12 23.87 16.18
N GLY E 72 5.35 24.13 16.59
CA GLY E 72 6.32 23.05 16.78
C GLY E 72 6.70 22.37 15.47
N MET E 73 7.29 21.19 15.57
CA MET E 73 7.84 20.48 14.40
C MET E 73 7.01 19.24 13.98
N GLY E 74 6.73 19.15 12.68
CA GLY E 74 6.06 17.99 12.09
C GLY E 74 4.56 18.14 11.87
N MET E 75 4.06 17.40 10.88
CA MET E 75 2.62 17.35 10.57
C MET E 75 1.72 17.00 11.78
N PRO E 76 2.13 16.03 12.61
CA PRO E 76 1.21 15.81 13.73
C PRO E 76 1.16 16.98 14.72
N SER E 77 2.28 17.68 14.90
CA SER E 77 2.32 18.84 15.80
C SER E 77 1.45 20.00 15.28
N ILE E 78 1.71 20.44 14.05
CA ILE E 78 0.83 21.44 13.45
C ILE E 78 -0.62 20.93 13.31
N GLY E 79 -0.77 19.65 13.01
CA GLY E 79 -2.09 19.01 12.93
C GLY E 79 -3.00 19.28 14.11
N ILE E 80 -2.47 19.12 15.32
CA ILE E 80 -3.20 19.41 16.55
C ILE E 80 -3.62 20.90 16.64
N TYR E 81 -2.65 21.79 16.49
CA TYR E 81 -2.92 23.22 16.65
C TYR E 81 -3.92 23.75 15.64
N ALA E 82 -3.68 23.45 14.36
CA ALA E 82 -4.61 23.79 13.27
C ALA E 82 -6.02 23.27 13.55
N TYR E 83 -6.13 21.99 13.92
CA TYR E 83 -7.45 21.44 14.17
C TYR E 83 -8.24 22.27 15.20
N GLU E 84 -7.59 22.60 16.31
CA GLU E 84 -8.24 23.34 17.38
C GLU E 84 -8.61 24.75 16.91
N LEU E 85 -7.63 25.44 16.33
CA LEU E 85 -7.84 26.81 15.85
C LEU E 85 -9.03 26.95 14.92
N PHE E 86 -9.12 26.06 13.92
CA PHE E 86 -10.21 26.09 12.95
C PHE E 86 -11.54 25.64 13.56
N ASN E 87 -11.50 24.53 14.29
CA ASN E 87 -12.72 23.85 14.72
C ASN E 87 -13.23 24.25 16.08
N PHE E 88 -12.34 24.81 16.91
CA PHE E 88 -12.74 25.23 18.24
C PHE E 88 -12.78 26.74 18.45
N TYR E 89 -11.85 27.46 17.82
CA TYR E 89 -11.64 28.88 18.10
C TYR E 89 -12.16 29.87 17.04
N GLY E 90 -12.91 29.37 16.06
CA GLY E 90 -13.46 30.21 15.00
C GLY E 90 -12.46 30.91 14.08
N VAL E 91 -11.23 30.39 13.99
CA VAL E 91 -10.23 30.91 13.03
C VAL E 91 -10.70 30.67 11.60
N LYS E 92 -10.54 31.69 10.76
CA LYS E 92 -10.95 31.69 9.36
C LYS E 92 -9.78 31.38 8.43
N ARG E 93 -8.58 31.80 8.85
CA ARG E 93 -7.42 31.83 7.98
C ARG E 93 -6.14 31.59 8.77
N ILE E 94 -5.34 30.65 8.29
CA ILE E 94 -4.02 30.42 8.85
C ILE E 94 -3.02 30.55 7.72
N ILE E 95 -1.97 31.32 7.99
CA ILE E 95 -0.84 31.38 7.10
C ILE E 95 0.36 30.89 7.88
N ARG E 96 0.96 29.79 7.43
CA ARG E 96 2.22 29.36 8.02
C ARG E 96 3.39 30.03 7.33
N ILE E 97 4.40 30.36 8.12
CA ILE E 97 5.65 30.97 7.67
C ILE E 97 6.85 30.23 8.26
N GLY E 98 7.84 29.93 7.44
CA GLY E 98 8.99 29.25 7.96
C GLY E 98 10.08 29.17 6.94
N SER E 99 11.08 28.35 7.26
CA SER E 99 12.26 28.19 6.42
C SER E 99 12.15 26.91 5.61
N ALA E 100 12.89 26.85 4.51
CA ALA E 100 12.87 25.65 3.68
C ALA E 100 14.18 25.45 2.91
N GLY E 101 14.48 24.19 2.60
CA GLY E 101 15.56 23.86 1.67
C GLY E 101 14.98 23.68 0.27
N ALA E 102 15.68 24.21 -0.74
CA ALA E 102 15.19 24.17 -2.12
C ALA E 102 15.56 22.89 -2.88
N PHE E 103 14.61 22.34 -3.64
CA PHE E 103 14.95 21.26 -4.58
C PHE E 103 15.18 21.84 -5.96
N ASP E 104 14.38 22.86 -6.30
CA ASP E 104 14.54 23.62 -7.52
C ASP E 104 15.87 24.36 -7.53
N GLU E 105 16.76 23.96 -8.44
CA GLU E 105 18.10 24.53 -8.56
C GLU E 105 18.12 26.03 -8.92
N SER E 106 17.03 26.55 -9.48
CA SER E 106 16.97 27.98 -9.88
C SER E 106 16.67 28.94 -8.72
N LEU E 107 16.33 28.40 -7.56
CA LEU E 107 16.06 29.22 -6.39
C LEU E 107 17.35 29.72 -5.75
N LYS E 108 17.32 30.99 -5.36
CA LYS E 108 18.41 31.60 -4.62
C LYS E 108 17.99 31.71 -3.15
N LEU E 109 18.97 31.81 -2.26
CA LEU E 109 18.71 31.95 -0.84
C LEU E 109 17.96 33.25 -0.54
N GLY E 110 16.99 33.18 0.37
CA GLY E 110 16.15 34.32 0.69
C GLY E 110 14.94 34.51 -0.22
N ASP E 111 14.83 33.66 -1.24
CA ASP E 111 13.65 33.64 -2.11
C ASP E 111 12.41 33.14 -1.36
N ILE E 112 11.25 33.67 -1.74
CA ILE E 112 9.98 33.33 -1.11
C ILE E 112 9.27 32.27 -1.93
N VAL E 113 8.97 31.13 -1.28
CA VAL E 113 8.21 30.08 -1.93
C VAL E 113 6.79 30.04 -1.39
N ILE E 114 5.85 30.02 -2.32
CA ILE E 114 4.44 30.00 -2.00
C ILE E 114 3.89 28.62 -2.32
N GLY E 115 3.42 27.95 -1.28
CA GLY E 115 2.99 26.56 -1.39
C GLY E 115 1.59 26.40 -1.90
N MET E 116 1.47 26.30 -3.23
CA MET E 116 0.19 26.08 -3.88
C MET E 116 -0.38 24.71 -3.49
N GLY E 117 0.46 23.69 -3.53
CA GLY E 117 0.08 22.36 -3.13
C GLY E 117 1.19 21.73 -2.32
N ALA E 118 0.88 20.67 -1.57
CA ALA E 118 1.92 20.04 -0.81
C ALA E 118 1.90 18.55 -1.01
N CYS E 119 3.04 18.03 -1.44
CA CYS E 119 3.33 16.63 -1.39
C CYS E 119 3.65 16.31 0.06
N TYR E 120 3.65 15.03 0.40
CA TYR E 120 3.79 14.61 1.80
C TYR E 120 4.06 13.12 1.89
N ASP E 121 4.70 12.74 2.99
CA ASP E 121 4.72 11.36 3.52
C ASP E 121 3.44 11.15 4.31
N SER E 122 3.08 9.90 4.55
CA SER E 122 1.84 9.58 5.23
C SER E 122 1.76 10.20 6.61
N ASN E 123 0.67 10.89 6.87
CA ASN E 123 0.40 11.47 8.18
C ASN E 123 -1.06 11.26 8.57
N PHE E 124 -1.92 12.17 8.14
CA PHE E 124 -3.32 12.17 8.56
C PHE E 124 -4.27 11.40 7.67
N GLU E 125 -3.94 11.29 6.38
CA GLU E 125 -4.85 10.76 5.36
C GLU E 125 -5.65 9.49 5.74
N ARG E 126 -5.00 8.57 6.46
CA ARG E 126 -5.63 7.29 6.83
C ARG E 126 -6.79 7.50 7.79
N GLN E 127 -6.77 8.62 8.51
CA GLN E 127 -7.85 8.99 9.43
C GLN E 127 -9.14 9.42 8.68
N TYR E 128 -9.00 9.84 7.43
CA TYR E 128 -10.14 10.31 6.65
C TYR E 128 -10.74 9.22 5.77
N ASP E 129 -10.13 8.04 5.80
CA ASP E 129 -10.58 6.87 5.00
C ASP E 129 -10.85 7.18 3.52
N ILE E 130 -9.90 7.89 2.89
CA ILE E 130 -10.05 8.39 1.52
C ILE E 130 -9.63 7.32 0.52
N PRO E 131 -10.55 6.95 -0.39
CA PRO E 131 -10.37 5.81 -1.27
C PRO E 131 -9.49 6.08 -2.50
N GLY E 132 -8.55 7.00 -2.36
CA GLY E 132 -7.66 7.33 -3.46
C GLY E 132 -6.52 8.19 -2.97
N LYS E 133 -5.85 8.84 -3.90
CA LYS E 133 -4.72 9.66 -3.57
C LYS E 133 -5.23 11.12 -3.45
N TYR E 134 -5.10 11.71 -2.27
CA TYR E 134 -5.64 13.05 -2.01
C TYR E 134 -4.58 14.13 -2.16
N SER E 135 -4.86 15.15 -2.98
CA SER E 135 -3.88 16.22 -3.23
C SER E 135 -4.10 17.40 -2.29
N CYS E 136 -3.09 17.73 -1.49
CA CYS E 136 -3.19 18.89 -0.57
C CYS E 136 -2.92 20.21 -1.27
N ILE E 137 -3.92 21.07 -1.28
CA ILE E 137 -3.78 22.41 -1.87
C ILE E 137 -4.09 23.53 -0.88
N ALA E 138 -3.44 24.66 -1.07
CA ALA E 138 -3.75 25.85 -0.32
C ALA E 138 -5.02 26.48 -0.85
N ASP E 139 -5.61 27.37 -0.06
CA ASP E 139 -6.69 28.23 -0.52
C ASP E 139 -6.19 29.18 -1.61
N PHE E 140 -6.94 29.23 -2.71
CA PHE E 140 -6.52 30.02 -3.86
C PHE E 140 -6.51 31.53 -3.59
N GLN E 141 -7.55 32.04 -2.92
CA GLN E 141 -7.65 33.46 -2.57
C GLN E 141 -6.41 33.94 -1.82
N LEU E 142 -6.01 33.17 -0.81
CA LEU E 142 -4.80 33.44 -0.05
C LEU E 142 -3.55 33.40 -0.93
N CYS E 143 -3.50 32.39 -1.79
CA CYS E 143 -2.36 32.13 -2.67
C CYS E 143 -2.17 33.33 -3.60
N ARG E 144 -3.28 33.77 -4.18
CA ARG E 144 -3.35 34.92 -5.09
C ARG E 144 -2.87 36.22 -4.44
N GLU E 145 -3.31 36.48 -3.22
CA GLU E 145 -2.95 37.73 -2.53
C GLU E 145 -1.49 37.76 -2.17
N ALA E 146 -0.92 36.60 -1.86
CA ALA E 146 0.50 36.49 -1.55
C ALA E 146 1.35 36.74 -2.80
N VAL E 147 0.88 36.25 -3.94
CA VAL E 147 1.56 36.48 -5.22
C VAL E 147 1.53 37.97 -5.61
N ASP E 148 0.33 38.58 -5.55
CA ASP E 148 0.13 40.02 -5.75
C ASP E 148 1.03 40.86 -4.84
N ALA E 149 0.95 40.61 -3.53
CA ALA E 149 1.81 41.28 -2.55
C ALA E 149 3.30 41.07 -2.81
N ALA E 150 3.68 39.83 -3.17
CA ALA E 150 5.09 39.53 -3.45
C ALA E 150 5.58 40.29 -4.67
N GLU E 151 4.75 40.34 -5.70
CA GLU E 151 5.10 41.07 -6.92
C GLU E 151 4.95 42.60 -6.78
N LYS E 152 4.25 43.06 -5.74
CA LYS E 152 4.15 44.48 -5.43
C LYS E 152 5.42 44.98 -4.75
N LEU E 153 5.84 44.30 -3.68
CA LEU E 153 7.05 44.69 -2.94
C LEU E 153 8.33 44.22 -3.65
N GLY E 154 8.19 43.75 -4.88
CA GLY E 154 9.31 43.37 -5.75
C GLY E 154 10.24 42.25 -5.27
N TYR E 155 9.69 41.32 -4.50
CA TYR E 155 10.49 40.20 -3.98
C TYR E 155 10.50 39.03 -4.95
N ARG E 156 11.67 38.40 -5.06
CA ARG E 156 11.83 37.19 -5.84
C ARG E 156 11.00 36.05 -5.22
N TYR E 157 9.99 35.60 -5.96
CA TYR E 157 9.10 34.54 -5.50
C TYR E 157 9.04 33.37 -6.49
N LYS E 158 8.53 32.25 -6.02
CA LYS E 158 8.23 31.09 -6.84
C LYS E 158 6.98 30.41 -6.28
N VAL E 159 6.01 30.13 -7.14
CA VAL E 159 4.74 29.59 -6.67
C VAL E 159 4.51 28.18 -7.22
N GLY E 160 4.32 27.21 -6.32
CA GLY E 160 4.04 25.85 -6.76
C GLY E 160 4.05 24.79 -5.69
N ASN E 161 4.65 23.65 -6.03
CA ASN E 161 4.52 22.44 -5.24
C ASN E 161 5.62 22.34 -4.20
N ILE E 162 5.25 21.98 -2.98
CA ILE E 162 6.25 21.75 -1.92
C ILE E 162 6.04 20.36 -1.32
N TYR E 163 6.97 19.91 -0.48
CA TYR E 163 6.91 18.56 0.10
C TYR E 163 7.07 18.61 1.61
N SER E 164 6.03 18.17 2.32
CA SER E 164 6.05 18.00 3.77
C SER E 164 6.56 16.59 4.12
N ALA E 165 7.85 16.49 4.45
CA ALA E 165 8.43 15.21 4.87
C ALA E 165 8.31 14.97 6.38
N ASN E 166 8.52 13.71 6.77
CA ASN E 166 8.55 13.29 8.17
C ASN E 166 9.97 13.24 8.79
N TYR E 167 10.98 13.24 7.94
CA TYR E 167 12.34 13.20 8.42
C TYR E 167 12.98 14.57 8.22
N PHE E 168 13.98 14.86 9.03
CA PHE E 168 14.90 15.96 8.79
C PHE E 168 16.12 15.30 8.19
N TYR E 169 16.51 14.17 8.77
CA TYR E 169 17.69 13.47 8.35
C TYR E 169 17.33 12.22 7.54
N ASP E 170 17.52 12.31 6.23
CA ASP E 170 17.27 11.19 5.31
C ASP E 170 18.30 10.09 5.55
N ASP E 171 17.84 8.85 5.61
CA ASP E 171 18.75 7.70 5.74
C ASP E 171 19.45 7.39 4.43
N GLY E 172 18.69 7.35 3.33
CA GLY E 172 19.24 7.14 1.98
C GLY E 172 19.30 8.42 1.17
N ASP E 173 18.91 8.34 -0.11
CA ASP E 173 18.74 9.51 -0.97
C ASP E 173 17.36 9.47 -1.62
N HIS E 174 16.47 10.36 -1.18
CA HIS E 174 15.09 10.32 -1.66
C HIS E 174 14.63 11.59 -2.35
N SER E 175 15.46 12.62 -2.32
CA SER E 175 15.15 13.91 -2.92
C SER E 175 15.06 13.87 -4.46
N GLY E 176 15.56 12.78 -5.05
CA GLY E 176 15.60 12.60 -6.51
C GLY E 176 14.26 12.74 -7.24
N ALA E 177 13.30 11.89 -6.88
CA ALA E 177 12.01 11.85 -7.57
C ALA E 177 11.23 13.15 -7.47
N TRP E 178 11.22 13.73 -6.26
CA TRP E 178 10.55 15.01 -6.03
C TRP E 178 11.11 16.08 -6.93
N LYS E 179 12.45 16.13 -7.02
CA LYS E 179 13.15 17.09 -7.87
C LYS E 179 12.72 16.95 -9.32
N LYS E 180 12.66 15.70 -9.81
CA LYS E 180 12.20 15.42 -11.17
C LYS E 180 10.74 15.86 -11.36
N MET E 181 9.92 15.66 -10.33
CA MET E 181 8.52 16.08 -10.34
C MET E 181 8.33 17.58 -10.21
N GLY E 182 9.41 18.34 -10.10
CA GLY E 182 9.31 19.79 -10.02
C GLY E 182 8.93 20.35 -8.65
N VAL E 183 9.08 19.54 -7.59
CA VAL E 183 8.85 20.07 -6.24
C VAL E 183 9.86 21.20 -5.93
N LEU E 184 9.37 22.28 -5.29
CA LEU E 184 10.19 23.50 -5.13
C LEU E 184 11.12 23.52 -3.92
N ALA E 185 10.58 23.14 -2.78
CA ALA E 185 11.31 23.20 -1.51
C ALA E 185 10.73 22.19 -0.51
N VAL E 186 11.57 21.76 0.42
CA VAL E 186 11.16 20.78 1.43
C VAL E 186 10.93 21.44 2.78
N GLU E 187 9.85 21.04 3.44
CA GLU E 187 9.61 21.39 4.84
C GLU E 187 8.88 20.21 5.49
N MET E 188 8.13 20.43 6.57
CA MET E 188 7.57 19.27 7.29
C MET E 188 6.14 19.44 7.83
N GLU E 189 5.46 20.52 7.46
CA GLU E 189 4.18 20.85 8.11
C GLU E 189 2.97 21.09 7.19
N ALA E 190 3.22 21.70 6.03
CA ALA E 190 2.16 22.22 5.17
C ALA E 190 1.02 21.27 4.86
N ALA E 191 1.33 20.05 4.44
CA ALA E 191 0.28 19.17 3.95
C ALA E 191 -0.81 18.93 4.99
N ALA E 192 -0.41 18.77 6.25
CA ALA E 192 -1.41 18.50 7.27
C ALA E 192 -2.27 19.74 7.44
N LEU E 193 -1.65 20.91 7.38
CA LEU E 193 -2.38 22.17 7.43
C LEU E 193 -3.44 22.27 6.32
N TYR E 194 -3.05 21.89 5.10
CA TYR E 194 -3.95 21.98 3.96
C TYR E 194 -5.12 21.03 4.12
N MET E 195 -4.82 19.76 4.43
CA MET E 195 -5.85 18.74 4.72
C MET E 195 -6.85 19.19 5.76
N ILE E 196 -6.35 19.67 6.89
CA ILE E 196 -7.21 20.17 7.98
C ILE E 196 -8.06 21.38 7.53
N ALA E 197 -7.45 22.34 6.85
CA ALA E 197 -8.20 23.47 6.27
C ALA E 197 -9.34 22.98 5.37
N ALA E 198 -9.01 22.04 4.48
CA ALA E 198 -9.95 21.54 3.47
C ALA E 198 -11.17 21.00 4.16
N ARG E 199 -10.91 20.14 5.15
CA ARG E 199 -11.93 19.46 5.93
C ARG E 199 -12.80 20.45 6.73
N ALA E 200 -12.17 21.51 7.25
CA ALA E 200 -12.90 22.58 7.95
C ALA E 200 -13.64 23.57 7.02
N ARG E 201 -13.33 23.53 5.73
CA ARG E 201 -13.76 24.54 4.74
C ARG E 201 -13.18 25.91 5.11
N LYS E 202 -11.91 25.91 5.49
CA LYS E 202 -11.23 27.11 5.91
C LYS E 202 -10.02 27.47 5.04
N GLN E 203 -9.49 28.65 5.27
CA GLN E 203 -8.38 29.17 4.49
C GLN E 203 -7.02 28.88 5.15
N ALA E 204 -6.12 28.33 4.35
CA ALA E 204 -4.77 28.06 4.81
C ALA E 204 -3.77 28.29 3.69
N LEU E 205 -2.61 28.85 4.06
CA LEU E 205 -1.49 29.00 3.15
C LEU E 205 -0.16 28.82 3.87
N CYS E 206 0.75 28.09 3.21
CA CYS E 206 2.13 27.95 3.67
C CYS E 206 3.09 28.73 2.78
N MET E 207 3.89 29.56 3.42
CA MET E 207 4.93 30.36 2.77
C MET E 207 6.30 30.06 3.35
N LEU E 208 7.29 29.90 2.51
CA LEU E 208 8.63 29.55 2.97
C LEU E 208 9.75 30.42 2.41
N THR E 209 10.74 30.69 3.24
CA THR E 209 11.94 31.39 2.78
C THR E 209 13.08 30.39 2.74
N ILE E 210 13.91 30.46 1.70
CA ILE E 210 14.95 29.47 1.47
C ILE E 210 16.15 29.70 2.37
N SER E 211 16.43 28.72 3.22
CA SER E 211 17.49 28.81 4.23
C SER E 211 18.67 27.91 3.92
N ASP E 212 18.41 26.83 3.18
CA ASP E 212 19.44 25.92 2.72
C ASP E 212 19.18 25.57 1.26
N LEU E 213 20.19 25.79 0.41
CA LEU E 213 20.15 25.33 -0.98
C LEU E 213 20.53 23.85 -1.00
N CYS E 214 19.71 23.02 -1.67
CA CYS E 214 19.95 21.57 -1.73
C CYS E 214 20.34 21.08 -3.13
N TYR E 215 21.15 21.87 -3.84
CA TYR E 215 21.67 21.50 -5.14
C TYR E 215 23.13 21.05 -5.06
N PHE E 230 14.03 37.34 5.17
CA PHE E 230 13.59 36.57 6.33
C PHE E 230 12.47 37.30 7.07
N THR E 231 12.60 38.62 7.19
CA THR E 231 11.54 39.48 7.69
C THR E 231 10.72 40.00 6.49
N GLN E 232 11.33 39.92 5.31
CA GLN E 232 10.69 40.27 4.05
C GLN E 232 9.44 39.43 3.81
N MET E 233 9.54 38.12 4.13
CA MET E 233 8.43 37.17 4.03
C MET E 233 7.30 37.55 4.98
N MET E 234 7.68 37.99 6.18
CA MET E 234 6.71 38.34 7.20
C MET E 234 5.76 39.45 6.72
N GLU E 235 6.32 40.42 5.99
CA GLU E 235 5.52 41.55 5.49
C GLU E 235 4.47 41.08 4.51
N VAL E 236 4.83 40.11 3.65
CA VAL E 236 3.88 39.51 2.73
C VAL E 236 2.78 38.83 3.54
N ALA E 237 3.18 37.99 4.49
CA ALA E 237 2.21 37.32 5.36
C ALA E 237 1.27 38.31 6.03
N LEU E 238 1.82 39.39 6.56
CA LEU E 238 1.05 40.37 7.32
C LEU E 238 0.00 41.09 6.47
N SER E 239 0.36 41.35 5.22
CA SER E 239 -0.54 41.97 4.27
C SER E 239 -1.75 41.06 3.97
N LEU E 240 -1.63 39.79 4.37
CA LEU E 240 -2.72 38.83 4.15
C LEU E 240 -3.78 38.81 5.27
N ALA E 241 -3.52 39.53 6.35
CA ALA E 241 -4.49 39.68 7.44
C ALA E 241 -5.40 40.90 7.22
N MET F 5 11.90 17.48 -29.08
CA MET F 5 12.67 17.54 -30.37
C MET F 5 11.82 17.18 -31.58
N ALA F 6 12.00 17.95 -32.65
CA ALA F 6 11.27 17.76 -33.92
C ALA F 6 11.46 16.36 -34.49
N GLU F 7 12.55 15.71 -34.11
CA GLU F 7 12.89 14.36 -34.60
C GLU F 7 11.78 13.32 -34.39
N HIS F 8 11.04 13.43 -33.29
CA HIS F 8 10.07 12.41 -32.90
C HIS F 8 8.64 12.66 -33.34
N CYS F 9 8.44 13.61 -34.26
CA CYS F 9 7.12 13.94 -34.77
C CYS F 9 7.03 13.71 -36.30
N PRO F 10 6.01 12.96 -36.78
CA PRO F 10 4.80 12.41 -36.14
C PRO F 10 5.04 11.30 -35.14
N THR F 11 4.06 11.10 -34.26
CA THR F 11 4.05 9.99 -33.31
C THR F 11 3.09 8.92 -33.85
N PRO F 12 3.08 7.73 -33.23
CA PRO F 12 2.04 6.73 -33.53
C PRO F 12 0.62 7.20 -33.24
N HIS F 13 0.46 8.30 -32.50
CA HIS F 13 -0.87 8.74 -32.06
C HIS F 13 -1.26 10.11 -32.57
N ASN F 14 -0.34 10.75 -33.28
CA ASN F 14 -0.53 12.11 -33.79
C ASN F 14 0.22 12.23 -35.12
N GLY F 15 -0.53 12.48 -36.20
CA GLY F 15 0.05 12.56 -37.54
C GLY F 15 0.58 13.93 -37.96
N ALA F 16 0.52 14.89 -37.04
CA ALA F 16 1.02 16.24 -37.30
C ALA F 16 2.55 16.29 -37.32
N LYS F 17 3.10 17.14 -38.19
CA LYS F 17 4.55 17.39 -38.24
C LYS F 17 4.89 18.44 -37.20
N TYR F 18 6.15 18.50 -36.78
CA TYR F 18 6.58 19.53 -35.83
C TYR F 18 6.30 20.95 -36.34
N GLY F 19 5.90 21.83 -35.43
CA GLY F 19 5.59 23.21 -35.75
C GLY F 19 4.13 23.48 -36.07
N GLU F 20 3.41 22.43 -36.47
CA GLU F 20 2.01 22.54 -36.92
C GLU F 20 1.00 22.78 -35.78
N ILE F 21 1.38 22.39 -34.57
CA ILE F 21 0.53 22.55 -33.40
C ILE F 21 1.16 23.66 -32.60
N ALA F 22 0.36 24.70 -32.33
CA ALA F 22 0.85 25.90 -31.64
C ALA F 22 1.22 25.68 -30.17
N GLU F 23 1.76 26.73 -29.56
CA GLU F 23 2.26 26.67 -28.19
C GLU F 23 1.18 26.62 -27.10
N THR F 24 -0.07 26.94 -27.47
CA THR F 24 -1.22 26.75 -26.60
C THR F 24 -2.22 25.79 -27.25
N VAL F 25 -2.54 24.71 -26.54
CA VAL F 25 -3.54 23.74 -26.98
C VAL F 25 -4.73 23.72 -26.02
N LEU F 26 -5.94 23.77 -26.58
CA LEU F 26 -7.14 23.67 -25.78
C LEU F 26 -7.67 22.29 -26.04
N MET F 27 -7.83 21.49 -24.98
CA MET F 27 -8.22 20.10 -25.15
C MET F 27 -9.60 19.80 -24.58
N ALA F 28 -10.26 18.82 -25.17
CA ALA F 28 -11.51 18.30 -24.65
C ALA F 28 -11.64 16.84 -25.09
N GLY F 29 -12.47 16.09 -24.37
CA GLY F 29 -12.66 14.67 -24.66
C GLY F 29 -13.30 14.36 -25.99
N ASP F 30 -14.37 15.09 -26.33
CA ASP F 30 -15.19 14.77 -27.52
C ASP F 30 -14.68 15.49 -28.77
N PRO F 31 -14.33 14.72 -29.83
CA PRO F 31 -13.84 15.27 -31.11
C PRO F 31 -14.86 16.19 -31.80
N LEU F 32 -16.14 15.86 -31.64
CA LEU F 32 -17.22 16.69 -32.16
C LEU F 32 -17.27 18.07 -31.46
N ARG F 33 -17.06 18.08 -30.14
CA ARG F 33 -17.01 19.33 -29.38
C ARG F 33 -15.78 20.19 -29.78
N VAL F 34 -14.66 19.53 -30.04
CA VAL F 34 -13.44 20.19 -30.51
C VAL F 34 -13.68 20.85 -31.87
N LYS F 35 -14.32 20.11 -32.78
CA LYS F 35 -14.68 20.65 -34.10
C LYS F 35 -15.62 21.86 -34.02
N LEU F 36 -16.54 21.87 -33.06
CA LEU F 36 -17.43 23.00 -32.81
C LEU F 36 -16.66 24.26 -32.39
N LEU F 37 -15.78 24.13 -31.39
CA LEU F 37 -14.91 25.23 -30.97
C LEU F 37 -14.09 25.81 -32.14
N ALA F 38 -13.58 24.93 -33.02
CA ALA F 38 -12.81 25.35 -34.18
C ALA F 38 -13.68 26.07 -35.22
N ASP F 39 -14.75 25.40 -35.66
CA ASP F 39 -15.70 25.97 -36.61
C ASP F 39 -16.33 27.28 -36.08
N THR F 40 -16.47 27.41 -34.77
CA THR F 40 -17.07 28.59 -34.14
C THR F 40 -16.07 29.73 -33.90
N TYR F 41 -15.00 29.45 -33.17
CA TYR F 41 -14.14 30.50 -32.66
C TYR F 41 -12.86 30.82 -33.45
N LEU F 42 -12.52 29.98 -34.43
CA LEU F 42 -11.20 30.06 -35.08
C LEU F 42 -11.22 30.35 -36.59
N THR F 43 -10.36 31.27 -37.00
CA THR F 43 -10.14 31.57 -38.43
C THR F 43 -8.90 30.85 -38.95
N ASP F 44 -8.80 30.72 -40.28
CA ASP F 44 -7.71 30.00 -40.98
C ASP F 44 -7.44 28.57 -40.44
N VAL F 45 -8.52 27.84 -40.18
CA VAL F 45 -8.47 26.49 -39.60
C VAL F 45 -7.79 25.46 -40.51
N VAL F 46 -6.81 24.74 -39.96
CA VAL F 46 -6.13 23.65 -40.68
C VAL F 46 -6.06 22.41 -39.78
N GLN F 47 -6.53 21.28 -40.31
CA GLN F 47 -6.50 20.02 -39.55
C GLN F 47 -5.09 19.42 -39.59
N TYR F 48 -4.53 19.18 -38.41
CA TYR F 48 -3.19 18.59 -38.28
C TYR F 48 -3.21 17.11 -37.90
N ASN F 49 -4.28 16.67 -37.23
CA ASN F 49 -4.38 15.28 -36.81
C ASN F 49 -5.75 14.68 -37.13
N SER F 50 -5.73 13.43 -37.60
CA SER F 50 -6.94 12.63 -37.75
C SER F 50 -6.72 11.19 -37.26
N VAL F 51 -5.47 10.87 -36.90
CA VAL F 51 -5.10 9.55 -36.34
C VAL F 51 -6.03 9.15 -35.20
N ARG F 52 -6.53 7.91 -35.25
CA ARG F 52 -7.37 7.30 -34.19
C ARG F 52 -8.66 8.08 -33.80
N GLY F 53 -9.06 9.02 -34.66
CA GLY F 53 -10.24 9.83 -34.40
C GLY F 53 -9.95 11.17 -33.73
N ALA F 54 -8.93 11.21 -32.86
CA ALA F 54 -8.59 12.41 -32.09
C ALA F 54 -8.16 13.59 -32.97
N VAL F 55 -9.15 14.35 -33.42
CA VAL F 55 -8.92 15.47 -34.31
C VAL F 55 -8.17 16.62 -33.63
N GLY F 56 -7.35 17.32 -34.42
CA GLY F 56 -6.59 18.48 -33.97
C GLY F 56 -6.56 19.58 -35.01
N TYR F 57 -6.88 20.80 -34.59
CA TYR F 57 -6.97 21.98 -35.47
C TYR F 57 -6.10 23.11 -34.98
N THR F 58 -5.45 23.79 -35.92
CA THR F 58 -4.70 25.00 -35.63
C THR F 58 -5.31 26.14 -36.43
N GLY F 59 -5.45 27.28 -35.75
CA GLY F 59 -6.00 28.49 -36.37
C GLY F 59 -5.75 29.72 -35.53
N TYR F 60 -6.64 30.71 -35.67
CA TYR F 60 -6.43 31.99 -35.03
C TYR F 60 -7.64 32.46 -34.24
N TYR F 61 -7.36 33.06 -33.09
CA TYR F 61 -8.37 33.65 -32.24
C TYR F 61 -7.80 34.97 -31.76
N LYS F 62 -8.37 36.06 -32.27
CA LYS F 62 -7.97 37.43 -31.94
C LYS F 62 -6.44 37.64 -32.02
N GLY F 63 -5.85 37.20 -33.14
CA GLY F 63 -4.44 37.45 -33.42
C GLY F 63 -3.48 36.31 -33.13
N VAL F 64 -3.62 35.70 -31.95
CA VAL F 64 -2.74 34.59 -31.55
C VAL F 64 -3.11 33.28 -32.25
N LYS F 65 -2.08 32.56 -32.70
CA LYS F 65 -2.26 31.21 -33.22
C LYS F 65 -2.63 30.32 -32.04
N LEU F 66 -3.53 29.36 -32.26
CA LEU F 66 -4.07 28.54 -31.18
C LEU F 66 -4.57 27.21 -31.72
N SER F 67 -4.29 26.13 -31.01
CA SER F 67 -4.73 24.80 -31.47
C SER F 67 -5.74 24.16 -30.56
N VAL F 68 -6.60 23.34 -31.13
CA VAL F 68 -7.56 22.60 -30.34
C VAL F 68 -7.46 21.10 -30.67
N GLN F 69 -7.51 20.24 -29.65
CA GLN F 69 -7.40 18.79 -29.84
C GLN F 69 -8.24 17.93 -28.87
N ALA F 70 -8.71 16.78 -29.36
CA ALA F 70 -9.45 15.79 -28.55
C ALA F 70 -8.49 14.88 -27.79
N HIS F 71 -8.90 14.38 -26.62
CA HIS F 71 -8.02 13.55 -25.77
C HIS F 71 -8.56 12.21 -25.34
N GLY F 72 -9.74 11.84 -25.84
CA GLY F 72 -10.38 10.57 -25.43
C GLY F 72 -10.79 10.60 -23.96
N MET F 73 -11.17 9.44 -23.43
CA MET F 73 -11.61 9.33 -22.05
C MET F 73 -10.59 8.62 -21.16
N GLY F 74 -10.27 9.24 -20.03
CA GLY F 74 -9.50 8.60 -18.97
C GLY F 74 -8.05 9.03 -18.93
N MET F 75 -7.43 8.94 -17.76
CA MET F 75 -6.04 9.36 -17.53
C MET F 75 -4.97 8.75 -18.50
N PRO F 76 -5.02 7.42 -18.76
CA PRO F 76 -4.05 6.96 -19.76
C PRO F 76 -4.22 7.62 -21.14
N SER F 77 -5.42 7.97 -21.53
CA SER F 77 -5.61 8.58 -22.85
C SER F 77 -5.11 10.01 -22.90
N ILE F 78 -5.60 10.89 -22.02
CA ILE F 78 -5.03 12.24 -21.97
C ILE F 78 -3.53 12.19 -21.67
N GLY F 79 -3.11 11.17 -20.91
CA GLY F 79 -1.70 10.91 -20.63
C GLY F 79 -0.82 10.85 -21.87
N ILE F 80 -1.22 10.02 -22.82
CA ILE F 80 -0.48 9.85 -24.08
C ILE F 80 -0.43 11.17 -24.85
N TYR F 81 -1.58 11.80 -25.03
CA TYR F 81 -1.61 13.04 -25.78
C TYR F 81 -0.81 14.16 -25.13
N ALA F 82 -1.06 14.39 -23.85
CA ALA F 82 -0.38 15.47 -23.13
C ALA F 82 1.12 15.26 -23.17
N TYR F 83 1.56 14.02 -22.99
CA TYR F 83 2.98 13.75 -23.08
C TYR F 83 3.59 14.18 -24.43
N GLU F 84 3.00 13.75 -25.54
CA GLU F 84 3.53 14.09 -26.88
C GLU F 84 3.55 15.60 -27.11
N LEU F 85 2.45 16.28 -26.79
CA LEU F 85 2.36 17.72 -27.00
C LEU F 85 3.43 18.50 -26.22
N PHE F 86 3.60 18.20 -24.93
CA PHE F 86 4.66 18.82 -24.12
C PHE F 86 6.06 18.43 -24.54
N ASN F 87 6.26 17.15 -24.84
CA ASN F 87 7.60 16.61 -24.95
C ASN F 87 8.17 16.54 -26.34
N PHE F 88 7.30 16.56 -27.34
CA PHE F 88 7.73 16.49 -28.74
C PHE F 88 7.39 17.75 -29.55
N TYR F 89 6.16 18.25 -29.41
CA TYR F 89 5.65 19.36 -30.23
C TYR F 89 5.86 20.76 -29.65
N GLY F 90 6.67 20.87 -28.59
CA GLY F 90 7.03 22.15 -27.99
C GLY F 90 5.89 22.99 -27.43
N VAL F 91 4.75 22.35 -27.14
CA VAL F 91 3.61 23.00 -26.51
C VAL F 91 3.98 23.44 -25.10
N LYS F 92 3.55 24.64 -24.72
CA LYS F 92 3.84 25.20 -23.39
C LYS F 92 2.62 25.33 -22.46
N ARG F 93 1.43 25.33 -23.04
CA ARG F 93 0.22 25.50 -22.27
C ARG F 93 -0.87 24.58 -22.80
N ILE F 94 -1.40 23.75 -21.92
CA ILE F 94 -2.62 23.02 -22.21
C ILE F 94 -3.68 23.43 -21.19
N ILE F 95 -4.79 23.97 -21.70
CA ILE F 95 -5.97 24.21 -20.88
C ILE F 95 -7.04 23.20 -21.28
N ARG F 96 -7.38 22.31 -20.36
CA ARG F 96 -8.43 21.33 -20.64
C ARG F 96 -9.80 21.87 -20.27
N ILE F 97 -10.79 21.52 -21.08
CA ILE F 97 -12.18 21.89 -20.87
C ILE F 97 -13.05 20.63 -20.90
N GLY F 98 -14.09 20.61 -20.08
CA GLY F 98 -15.02 19.49 -20.04
C GLY F 98 -16.18 19.72 -19.09
N SER F 99 -17.06 18.73 -19.01
CA SER F 99 -18.18 18.75 -18.08
C SER F 99 -17.84 17.91 -16.86
N ALA F 100 -18.57 18.12 -15.77
CA ALA F 100 -18.31 17.37 -14.53
C ALA F 100 -19.56 17.25 -13.67
N GLY F 101 -19.60 16.20 -12.85
CA GLY F 101 -20.61 16.06 -11.81
C GLY F 101 -20.12 16.68 -10.51
N ALA F 102 -20.97 17.48 -9.88
CA ALA F 102 -20.60 18.24 -8.67
C ALA F 102 -20.71 17.44 -7.37
N PHE F 103 -19.68 17.52 -6.53
CA PHE F 103 -19.75 16.97 -5.20
C PHE F 103 -20.17 18.06 -4.22
N ASP F 104 -19.69 19.27 -4.45
CA ASP F 104 -20.04 20.41 -3.61
C ASP F 104 -21.52 20.77 -3.78
N GLU F 105 -22.29 20.64 -2.70
CA GLU F 105 -23.73 20.90 -2.73
C GLU F 105 -24.08 22.38 -3.03
N SER F 106 -23.13 23.30 -2.84
CA SER F 106 -23.37 24.73 -3.10
C SER F 106 -23.30 25.11 -4.60
N LEU F 107 -22.86 24.18 -5.45
CA LEU F 107 -22.77 24.45 -6.88
C LEU F 107 -24.12 24.33 -7.57
N LYS F 108 -24.33 25.23 -8.52
CA LYS F 108 -25.50 25.22 -9.42
C LYS F 108 -25.07 24.69 -10.79
N LEU F 109 -26.04 24.26 -11.59
CA LEU F 109 -25.77 23.82 -12.96
C LEU F 109 -25.25 24.98 -13.81
N GLY F 110 -24.30 24.68 -14.70
CA GLY F 110 -23.67 25.70 -15.53
C GLY F 110 -22.57 26.48 -14.83
N ASP F 111 -22.30 26.14 -13.57
CA ASP F 111 -21.17 26.73 -12.84
C ASP F 111 -19.85 26.24 -13.44
N ILE F 112 -18.84 27.10 -13.41
CA ILE F 112 -17.49 26.74 -13.86
C ILE F 112 -16.59 26.42 -12.67
N VAL F 113 -16.07 25.20 -12.63
CA VAL F 113 -15.11 24.83 -11.59
C VAL F 113 -13.69 24.91 -12.14
N ILE F 114 -12.81 25.51 -11.36
CA ILE F 114 -11.42 25.67 -11.74
C ILE F 114 -10.54 24.73 -10.91
N GLY F 115 -9.83 23.84 -11.61
CA GLY F 115 -9.06 22.78 -10.98
C GLY F 115 -7.70 23.23 -10.50
N MET F 116 -7.67 23.92 -9.36
CA MET F 116 -6.43 24.27 -8.70
C MET F 116 -5.59 23.02 -8.39
N GLY F 117 -6.26 21.93 -7.97
CA GLY F 117 -5.58 20.67 -7.64
C GLY F 117 -6.40 19.44 -8.03
N ALA F 118 -5.75 18.28 -8.13
CA ALA F 118 -6.47 17.09 -8.54
C ALA F 118 -6.16 15.87 -7.69
N CYS F 119 -7.19 15.38 -7.01
CA CYS F 119 -7.17 14.06 -6.38
C CYS F 119 -7.32 13.04 -7.51
N TYR F 120 -7.00 11.77 -7.23
CA TYR F 120 -6.94 10.76 -8.27
C TYR F 120 -6.81 9.34 -7.73
N ASP F 121 -7.18 8.37 -8.56
CA ASP F 121 -6.81 6.97 -8.34
C ASP F 121 -5.48 6.75 -9.05
N SER F 122 -4.80 5.66 -8.72
CA SER F 122 -3.50 5.37 -9.30
C SER F 122 -3.59 5.22 -10.82
N ASN F 123 -2.67 5.89 -11.49
CA ASN F 123 -2.45 5.68 -12.91
C ASN F 123 -0.97 5.33 -13.10
N PHE F 124 -0.21 6.26 -13.69
CA PHE F 124 1.22 6.10 -13.89
C PHE F 124 2.04 7.00 -12.96
N GLU F 125 1.55 7.26 -11.75
CA GLU F 125 2.39 7.87 -10.72
C GLU F 125 3.51 6.89 -10.34
N ARG F 126 3.17 5.60 -10.26
CA ARG F 126 4.12 4.55 -9.94
C ARG F 126 5.22 4.48 -11.00
N GLN F 127 4.94 5.07 -12.16
CA GLN F 127 5.94 5.13 -13.23
C GLN F 127 7.05 6.13 -12.90
N TYR F 128 6.80 7.01 -11.92
CA TYR F 128 7.75 8.06 -11.55
C TYR F 128 8.53 7.76 -10.26
N ASP F 129 8.32 6.56 -9.72
CA ASP F 129 9.04 6.08 -8.53
C ASP F 129 9.07 7.10 -7.36
N ILE F 130 7.91 7.68 -7.08
CA ILE F 130 7.75 8.70 -6.05
C ILE F 130 7.64 8.08 -4.66
N PRO F 131 8.61 8.38 -3.78
CA PRO F 131 8.67 7.77 -2.45
C PRO F 131 7.71 8.45 -1.44
N GLY F 132 6.47 8.69 -1.85
CA GLY F 132 5.48 9.31 -0.98
C GLY F 132 4.27 9.68 -1.77
N LYS F 133 3.43 10.54 -1.21
CA LYS F 133 2.22 10.96 -1.88
C LYS F 133 2.44 12.25 -2.70
N TYR F 134 2.21 12.17 -4.00
CA TYR F 134 2.36 13.33 -4.86
C TYR F 134 1.04 14.05 -5.02
N SER F 135 1.06 15.38 -5.01
CA SER F 135 -0.16 16.17 -5.17
C SER F 135 -0.16 16.83 -6.52
N CYS F 136 -1.18 16.53 -7.33
CA CYS F 136 -1.29 17.14 -8.67
C CYS F 136 -1.92 18.52 -8.61
N ILE F 137 -1.15 19.52 -9.03
CA ILE F 137 -1.62 20.92 -9.09
C ILE F 137 -1.50 21.48 -10.48
N ALA F 138 -2.38 22.42 -10.79
CA ALA F 138 -2.34 23.20 -12.01
C ALA F 138 -1.24 24.26 -11.88
N ASP F 139 -0.88 24.85 -13.02
CA ASP F 139 -0.03 26.04 -13.04
C ASP F 139 -0.79 27.20 -12.43
N PHE F 140 -0.16 27.94 -11.51
CA PHE F 140 -0.83 29.03 -10.83
C PHE F 140 -1.23 30.19 -11.75
N GLN F 141 -0.32 30.60 -12.62
CA GLN F 141 -0.55 31.76 -13.49
C GLN F 141 -1.80 31.60 -14.36
N LEU F 142 -1.96 30.43 -14.97
CA LEU F 142 -3.18 30.06 -15.72
C LEU F 142 -4.42 30.12 -14.84
N CYS F 143 -4.32 29.52 -13.66
CA CYS F 143 -5.39 29.47 -12.68
C CYS F 143 -5.90 30.88 -12.34
N ARG F 144 -4.96 31.78 -12.08
CA ARG F 144 -5.26 33.17 -11.75
C ARG F 144 -5.92 33.89 -12.94
N GLU F 145 -5.42 33.60 -14.14
CA GLU F 145 -5.93 34.20 -15.36
C GLU F 145 -7.38 33.78 -15.65
N ALA F 146 -7.73 32.56 -15.27
CA ALA F 146 -9.11 32.08 -15.38
C ALA F 146 -10.01 32.71 -14.32
N VAL F 147 -9.52 32.76 -13.08
CA VAL F 147 -10.25 33.36 -11.97
C VAL F 147 -10.51 34.84 -12.26
N ASP F 148 -9.50 35.53 -12.79
CA ASP F 148 -9.62 36.90 -13.31
C ASP F 148 -10.76 37.00 -14.33
N ALA F 149 -10.72 36.15 -15.35
CA ALA F 149 -11.73 36.15 -16.41
C ALA F 149 -13.14 35.86 -15.89
N ALA F 150 -13.28 34.88 -15.00
CA ALA F 150 -14.57 34.54 -14.41
C ALA F 150 -15.19 35.71 -13.65
N GLU F 151 -14.36 36.40 -12.86
CA GLU F 151 -14.78 37.59 -12.10
C GLU F 151 -14.91 38.84 -13.01
N LYS F 152 -14.22 38.82 -14.14
CA LYS F 152 -14.35 39.87 -15.15
C LYS F 152 -15.63 39.69 -15.96
N LEU F 153 -15.79 38.50 -16.55
CA LEU F 153 -16.93 38.17 -17.40
C LEU F 153 -18.22 37.81 -16.62
N GLY F 154 -18.18 37.96 -15.29
CA GLY F 154 -19.36 37.82 -14.42
C GLY F 154 -20.03 36.46 -14.28
N TYR F 155 -19.22 35.39 -14.22
CA TYR F 155 -19.76 34.03 -14.14
C TYR F 155 -19.57 33.38 -12.77
N ARG F 156 -20.54 32.56 -12.39
CA ARG F 156 -20.46 31.75 -11.18
C ARG F 156 -19.36 30.69 -11.33
N TYR F 157 -18.40 30.72 -10.42
CA TYR F 157 -17.23 29.86 -10.46
C TYR F 157 -16.76 29.47 -9.04
N LYS F 158 -16.23 28.26 -8.91
CA LYS F 158 -15.47 27.89 -7.71
C LYS F 158 -14.11 27.34 -8.11
N VAL F 159 -13.10 27.68 -7.30
CA VAL F 159 -11.74 27.27 -7.57
C VAL F 159 -11.25 26.39 -6.42
N GLY F 160 -10.65 25.25 -6.75
CA GLY F 160 -10.14 24.35 -5.74
C GLY F 160 -9.85 22.96 -6.21
N ASN F 161 -10.24 21.98 -5.39
CA ASN F 161 -9.84 20.61 -5.58
C ASN F 161 -10.80 19.82 -6.42
N ILE F 162 -10.29 19.01 -7.34
CA ILE F 162 -11.15 18.10 -8.11
C ILE F 162 -10.65 16.67 -8.02
N TYR F 163 -11.45 15.72 -8.51
CA TYR F 163 -11.10 14.30 -8.47
C TYR F 163 -11.14 13.68 -9.86
N SER F 164 -9.99 13.14 -10.28
CA SER F 164 -9.87 12.34 -11.51
C SER F 164 -10.03 10.85 -11.18
N ALA F 165 -11.24 10.33 -11.43
CA ALA F 165 -11.54 8.94 -11.20
C ALA F 165 -11.20 8.10 -12.43
N ASN F 166 -11.10 6.79 -12.20
CA ASN F 166 -10.87 5.79 -13.25
C ASN F 166 -12.16 5.10 -13.72
N TYR F 167 -13.25 5.40 -13.04
CA TYR F 167 -14.54 4.83 -13.36
C TYR F 167 -15.53 5.96 -13.66
N PHE F 168 -16.54 5.64 -14.46
CA PHE F 168 -17.71 6.48 -14.65
C PHE F 168 -18.82 5.87 -13.83
N TYR F 169 -18.83 4.54 -13.78
CA TYR F 169 -19.85 3.79 -13.07
C TYR F 169 -19.22 3.16 -11.85
N ASP F 170 -19.70 3.60 -10.68
CA ASP F 170 -19.21 3.14 -9.39
C ASP F 170 -19.86 1.80 -9.05
N ASP F 171 -19.16 0.99 -8.25
CA ASP F 171 -19.72 -0.21 -7.63
C ASP F 171 -19.80 0.12 -6.15
N GLY F 172 -21.03 0.26 -5.65
CA GLY F 172 -21.27 0.88 -4.35
C GLY F 172 -21.08 2.39 -4.47
N ASP F 173 -20.69 3.04 -3.38
CA ASP F 173 -20.38 4.46 -3.45
C ASP F 173 -19.11 4.85 -2.71
N HIS F 174 -18.32 5.72 -3.35
CA HIS F 174 -17.02 6.11 -2.85
C HIS F 174 -16.90 7.60 -2.84
N SER F 175 -17.98 8.27 -3.24
CA SER F 175 -18.01 9.73 -3.31
C SER F 175 -18.04 10.40 -1.92
N GLY F 176 -18.40 9.64 -0.88
CA GLY F 176 -18.51 10.14 0.49
C GLY F 176 -17.30 10.89 1.04
N ALA F 177 -16.15 10.20 1.07
CA ALA F 177 -14.93 10.80 1.64
C ALA F 177 -14.50 12.06 0.88
N TRP F 178 -14.60 12.02 -0.45
CA TRP F 178 -14.26 13.16 -1.29
C TRP F 178 -15.07 14.39 -0.94
N LYS F 179 -16.38 14.21 -0.82
CA LYS F 179 -17.27 15.27 -0.36
C LYS F 179 -16.87 15.77 1.03
N LYS F 180 -16.58 14.84 1.95
CA LYS F 180 -16.08 15.22 3.28
C LYS F 180 -14.78 16.05 3.20
N MET F 181 -13.94 15.78 2.21
CA MET F 181 -12.66 16.50 2.04
C MET F 181 -12.75 17.81 1.27
N GLY F 182 -13.97 18.18 0.87
CA GLY F 182 -14.18 19.42 0.12
C GLY F 182 -13.84 19.37 -1.36
N VAL F 183 -13.70 18.16 -1.93
CA VAL F 183 -13.52 18.06 -3.38
C VAL F 183 -14.76 18.64 -4.09
N LEU F 184 -14.52 19.47 -5.10
CA LEU F 184 -15.59 20.27 -5.70
C LEU F 184 -16.44 19.53 -6.73
N ALA F 185 -15.76 18.79 -7.61
CA ALA F 185 -16.41 18.03 -8.71
C ALA F 185 -15.53 16.87 -9.19
N VAL F 186 -16.15 15.91 -9.86
CA VAL F 186 -15.49 14.71 -10.33
C VAL F 186 -15.37 14.72 -11.85
N GLU F 187 -14.19 14.35 -12.33
CA GLU F 187 -13.97 14.11 -13.76
C GLU F 187 -12.99 12.93 -13.89
N MET F 188 -12.27 12.82 -15.00
CA MET F 188 -11.49 11.60 -15.24
C MET F 188 -10.15 11.79 -15.93
N GLU F 189 -9.68 13.04 -16.06
CA GLU F 189 -8.49 13.34 -16.85
C GLU F 189 -7.41 14.23 -16.21
N ALA F 190 -7.81 15.16 -15.35
CA ALA F 190 -6.95 16.28 -14.91
C ALA F 190 -5.62 15.87 -14.29
N ALA F 191 -5.68 14.98 -13.30
CA ALA F 191 -4.50 14.57 -12.56
C ALA F 191 -3.33 14.17 -13.45
N ALA F 192 -3.58 13.41 -14.50
CA ALA F 192 -2.49 12.96 -15.36
C ALA F 192 -1.87 14.16 -16.08
N LEU F 193 -2.73 15.04 -16.57
CA LEU F 193 -2.29 16.27 -17.23
C LEU F 193 -1.38 17.15 -16.37
N TYR F 194 -1.82 17.40 -15.14
CA TYR F 194 -1.08 18.19 -14.17
C TYR F 194 0.25 17.52 -13.91
N MET F 195 0.18 16.22 -13.64
CA MET F 195 1.34 15.37 -13.35
C MET F 195 2.35 15.41 -14.50
N ILE F 196 1.86 15.16 -15.72
CA ILE F 196 2.71 15.25 -16.90
C ILE F 196 3.25 16.67 -17.13
N ALA F 197 2.42 17.70 -16.96
CA ALA F 197 2.92 19.09 -17.06
C ALA F 197 4.07 19.37 -16.07
N ALA F 198 3.87 18.98 -14.81
CA ALA F 198 4.85 19.23 -13.77
C ALA F 198 6.20 18.65 -14.16
N ARG F 199 6.18 17.39 -14.62
CA ARG F 199 7.38 16.67 -15.03
C ARG F 199 8.13 17.35 -16.19
N ALA F 200 7.39 17.97 -17.12
CA ALA F 200 7.99 18.74 -18.23
C ALA F 200 8.33 20.22 -17.94
N ARG F 201 7.96 20.71 -16.75
CA ARG F 201 7.97 22.15 -16.44
C ARG F 201 7.04 22.95 -17.35
N LYS F 202 5.88 22.38 -17.68
CA LYS F 202 4.96 23.05 -18.60
C LYS F 202 3.67 23.48 -17.90
N GLN F 203 2.86 24.29 -18.58
CA GLN F 203 1.59 24.79 -18.05
C GLN F 203 0.38 23.91 -18.36
N ALA F 204 -0.48 23.75 -17.36
CA ALA F 204 -1.73 22.99 -17.53
C ALA F 204 -2.81 23.50 -16.60
N LEU F 205 -4.02 23.66 -17.14
CA LEU F 205 -5.19 24.00 -16.34
C LEU F 205 -6.38 23.18 -16.80
N CYS F 206 -7.14 22.65 -15.83
CA CYS F 206 -8.41 21.97 -16.11
C CYS F 206 -9.58 22.77 -15.57
N MET F 207 -10.52 23.05 -16.45
CA MET F 207 -11.63 23.94 -16.19
C MET F 207 -12.90 23.14 -16.53
N LEU F 208 -13.86 23.14 -15.63
CA LEU F 208 -15.03 22.27 -15.78
C LEU F 208 -16.34 23.02 -15.70
N THR F 209 -17.31 22.56 -16.50
CA THR F 209 -18.69 23.02 -16.43
C THR F 209 -19.52 21.94 -15.74
N ILE F 210 -20.36 22.35 -14.78
CA ILE F 210 -21.24 21.42 -14.06
C ILE F 210 -22.40 20.99 -14.94
N SER F 211 -22.49 19.67 -15.16
CA SER F 211 -23.53 19.08 -15.97
C SER F 211 -24.43 18.20 -15.11
N ASP F 212 -23.84 17.59 -14.08
CA ASP F 212 -24.54 16.66 -13.17
C ASP F 212 -24.42 17.14 -11.73
N LEU F 213 -25.38 16.71 -10.91
CA LEU F 213 -25.31 16.88 -9.45
C LEU F 213 -25.36 15.50 -8.79
N CYS F 214 -24.42 15.25 -7.88
CA CYS F 214 -24.24 13.93 -7.27
C CYS F 214 -24.75 13.86 -5.83
N PHE F 230 -22.13 26.27 -21.04
CA PHE F 230 -21.14 25.47 -21.74
C PHE F 230 -20.31 26.35 -22.67
N THR F 231 -21.00 27.08 -23.54
CA THR F 231 -20.37 28.10 -24.37
C THR F 231 -19.62 29.13 -23.51
N GLN F 232 -20.20 29.44 -22.35
CA GLN F 232 -19.64 30.40 -21.39
C GLN F 232 -18.22 30.03 -20.96
N MET F 233 -17.99 28.74 -20.71
CA MET F 233 -16.68 28.23 -20.29
C MET F 233 -15.63 28.34 -21.39
N MET F 234 -16.01 28.00 -22.62
CA MET F 234 -15.08 28.00 -23.74
C MET F 234 -14.36 29.35 -23.89
N GLU F 235 -15.10 30.44 -23.64
CA GLU F 235 -14.55 31.78 -23.77
C GLU F 235 -13.51 32.05 -22.71
N VAL F 236 -13.81 31.65 -21.47
CA VAL F 236 -12.86 31.78 -20.36
C VAL F 236 -11.52 31.16 -20.75
N ALA F 237 -11.57 29.94 -21.29
CA ALA F 237 -10.39 29.25 -21.82
C ALA F 237 -9.67 30.07 -22.90
N LEU F 238 -10.41 30.42 -23.95
CA LEU F 238 -9.85 31.17 -25.08
C LEU F 238 -9.17 32.48 -24.67
N SER F 239 -9.64 33.09 -23.60
CA SER F 239 -9.00 34.30 -23.08
C SER F 239 -7.62 34.03 -22.47
N LEU F 240 -7.28 32.78 -22.20
CA LEU F 240 -5.98 32.46 -21.58
C LEU F 240 -4.85 32.19 -22.60
N ALA F 241 -5.19 32.20 -23.88
CA ALA F 241 -4.19 32.08 -24.95
C ALA F 241 -3.72 33.44 -25.45
S SO4 G . -5.22 -1.24 -30.03
O1 SO4 G . -5.35 0.05 -29.33
O2 SO4 G . -4.44 -2.21 -29.21
O3 SO4 G . -6.59 -1.79 -30.26
O4 SO4 G . -4.47 -1.05 -31.32
S SO4 H . -5.97 -30.47 0.58
O1 SO4 H . -6.88 -31.18 1.53
O2 SO4 H . -5.37 -31.45 -0.37
O3 SO4 H . -6.76 -29.47 -0.17
O4 SO4 H . -4.87 -29.80 1.31
S SO4 I . 12.43 -24.99 12.26
O1 SO4 I . 12.88 -23.65 12.68
O2 SO4 I . 12.20 -25.83 13.46
O3 SO4 I . 11.17 -24.87 11.50
O4 SO4 I . 13.47 -25.62 11.41
S SO4 J . 3.60 13.34 26.54
O1 SO4 J . 2.69 13.96 27.56
O2 SO4 J . 3.11 11.95 26.27
O3 SO4 J . 3.59 14.13 25.27
O4 SO4 J . 5.02 13.29 27.01
S SO4 K . 29.38 11.27 26.07
O1 SO4 K . 28.40 11.58 27.14
O2 SO4 K . 30.06 9.97 26.36
O3 SO4 K . 28.69 11.13 24.77
O4 SO4 K . 30.33 12.41 26.00
S SO4 L . 9.73 26.33 10.58
O1 SO4 L . 8.63 27.29 10.86
O2 SO4 L . 9.62 25.17 11.52
O3 SO4 L . 9.62 25.83 9.19
O4 SO4 L . 11.05 26.99 10.73
S SO4 M . -14.68 15.17 -21.14
O1 SO4 M . -14.27 15.31 -19.72
O2 SO4 M . -14.32 13.83 -21.64
O3 SO4 M . -16.16 15.36 -21.22
O4 SO4 M . -13.99 16.20 -21.95
#